data_9GH3
# 
_entry.id   9GH3 
# 
_audit_conform.dict_name       mmcif_pdbx.dic 
_audit_conform.dict_version    5.395 
_audit_conform.dict_location   http://mmcif.pdb.org/dictionaries/ascii/mmcif_pdbx.dic 
# 
loop_
_database_2.database_id 
_database_2.database_code 
_database_2.pdbx_database_accession 
_database_2.pdbx_DOI 
PDB   9GH3         pdb_00009gh3 10.2210/pdb9gh3/pdb 
WWPDB D_1292140832 ?            ?                   
# 
_pdbx_audit_revision_history.ordinal             1 
_pdbx_audit_revision_history.data_content_type   'Structure model' 
_pdbx_audit_revision_history.major_revision      1 
_pdbx_audit_revision_history.minor_revision      0 
_pdbx_audit_revision_history.revision_date       2024-08-21 
# 
_pdbx_audit_revision_details.ordinal             1 
_pdbx_audit_revision_details.revision_ordinal    1 
_pdbx_audit_revision_details.data_content_type   'Structure model' 
_pdbx_audit_revision_details.provider            repository 
_pdbx_audit_revision_details.type                'Initial release' 
_pdbx_audit_revision_details.description         ? 
_pdbx_audit_revision_details.details             ? 
# 
_pdbx_database_status.status_code                     REL 
_pdbx_database_status.status_code_sf                  REL 
_pdbx_database_status.status_code_mr                  ? 
_pdbx_database_status.entry_id                        9GH3 
_pdbx_database_status.recvd_initial_deposition_date   2024-08-14 
_pdbx_database_status.SG_entry                        N 
_pdbx_database_status.deposit_site                    PDBE 
_pdbx_database_status.process_site                    PDBE 
_pdbx_database_status.status_code_cs                  ? 
_pdbx_database_status.status_code_nmr_data            ? 
_pdbx_database_status.methods_development_category    ? 
_pdbx_database_status.pdb_format_compatible           Y 
# 
_pdbx_contact_author.id                 4 
_pdbx_contact_author.email              frank.vondelft@cmd.ox.ac.uk 
_pdbx_contact_author.name_first         Frank 
_pdbx_contact_author.name_last          'von Delft' 
_pdbx_contact_author.name_mi            ? 
_pdbx_contact_author.role               'principal investigator/group leader' 
_pdbx_contact_author.identifier_ORCID   0000-0003-0378-0017 
# 
loop_
_audit_author.name 
_audit_author.pdbx_ordinal 
_audit_author.identifier_ORCID 
'Fairhead, M.'                         1  0000-0001-5361-3933 
'Strain-Damerell, C.'                  2  ?                   
'Ye, M.'                               3  ?                   
'Mackinnon, S.R.'                      4  0000-0002-6816-244X 
'Pinkas, D.'                           5  ?                   
'MacLean, E.M.'                        6  0000-0003-1680-4292 
'Koekemoer, L.'                        7  0000-0001-9226-9127 
'Damerell, D.'                         8  ?                   
'Krojer, T.'                           9  0000-0003-0661-0814 
'Arrowsmith, C.H.'                     10 ?                   
'Edwards, A.'                          11 ?                   
'Yue, W.'                              12 ?                   
'Burgess-Brown, N.'                    13 ?                   
'Marsden, B.'                          14 0000-0002-1937-4091 
'von Delft, F.'                        15 0000-0003-0378-0017 
'Structural Genomics Consortium (SGC)' 16 ?                   
# 
_citation.abstract                  ? 
_citation.abstract_id_CAS           ? 
_citation.book_id_ISBN              ? 
_citation.book_publisher            ? 
_citation.book_publisher_city       ? 
_citation.book_title                ? 
_citation.coordinate_linkage        ? 
_citation.country                   ? 
_citation.database_id_Medline       ? 
_citation.details                   ? 
_citation.id                        primary 
_citation.journal_abbrev            'To Be Published' 
_citation.journal_id_ASTM           ? 
_citation.journal_id_CSD            0353 
_citation.journal_id_ISSN           ? 
_citation.journal_full              ? 
_citation.journal_issue             ? 
_citation.journal_volume            ? 
_citation.language                  ? 
_citation.page_first                ? 
_citation.page_last                 ? 
_citation.title                     
'A fast, parallel method for efficiently exploring crystallization behaviour of large numbers of protein variants' 
_citation.year                      ? 
_citation.database_id_CSD           ? 
_citation.pdbx_database_id_DOI      ? 
_citation.pdbx_database_id_PubMed   ? 
_citation.pdbx_database_id_patent   ? 
_citation.unpublished_flag          ? 
# 
loop_
_citation_author.citation_id 
_citation_author.name 
_citation_author.ordinal 
_citation_author.identifier_ORCID 
primary 'Fairhead, M.'        1  0000-0001-5361-3933 
primary 'Strain-Damerell, C.' 2  ?                   
primary 'Ye, M.'              3  0000-0001-6324-4238 
primary 'Mackinnon, S.R.'     4  0000-0002-6816-244X 
primary 'Pinkas, D.'          5  ?                   
primary 'MacLean, E.M.'       6  0000-0003-1680-4292 
primary 'Koekemoer, L.'       7  0000-0001-9226-9127 
primary 'Damerell, D.'        8  ?                   
primary 'Krojer, T.'          9  0000-0003-0661-0814 
primary 'Yue, W.'             10 ?                   
primary 'Burgess-Brown, N.'   11 ?                   
primary 'Marsden, B.'         12 0000-0002-1937-4091 
primary 'von Delft, F.'       13 0000-0003-0378-0017 
# 
loop_
_entity.id 
_entity.type 
_entity.src_method 
_entity.pdbx_description 
_entity.formula_weight 
_entity.pdbx_number_of_molecules 
_entity.pdbx_ec 
_entity.pdbx_mutation 
_entity.pdbx_fragment 
_entity.details 
1 polymer     man 'PH-interacting protein' 15129.050 1   ? ? ? ? 
2 non-polymer syn 1,2-ETHANEDIOL           62.068    1   ? ? ? ? 
3 water       nat water                    18.015    218 ? ? ? ? 
# 
_entity_name_com.entity_id   1 
_entity_name_com.name        
'PHIP,DDB1- and CUL4-associated factor 14,IRS-1 PH domain-binding protein,WD repeat-containing protein 11' 
# 
_entity_poly.entity_id                      1 
_entity_poly.type                           'polypeptide(L)' 
_entity_poly.nstd_linkage                   no 
_entity_poly.nstd_monomer                   no 
_entity_poly.pdbx_seq_one_letter_code       
;SMSYDIQAWKKQCEELLNLIFQCEDSEPFRQPVDLLEYPDYRDIIDTPMDFATVRETLEAGNYESPMELCKDVRLIFSNS
KAYTPSKRSRIYSMSNELSAFFEEHISSVLSDYKSALRFHKRNTITKR
;
_entity_poly.pdbx_seq_one_letter_code_can   
;SMSYDIQAWKKQCEELLNLIFQCEDSEPFRQPVDLLEYPDYRDIIDTPMDFATVRETLEAGNYESPMELCKDVRLIFSNS
KAYTPSKRSRIYSMSNELSAFFEEHISSVLSDYKSALRFHKRNTITKR
;
_entity_poly.pdbx_strand_id                 A 
_entity_poly.pdbx_target_identifier         ? 
# 
loop_
_pdbx_entity_nonpoly.entity_id 
_pdbx_entity_nonpoly.name 
_pdbx_entity_nonpoly.comp_id 
2 1,2-ETHANEDIOL EDO 
3 water          HOH 
# 
loop_
_entity_poly_seq.entity_id 
_entity_poly_seq.num 
_entity_poly_seq.mon_id 
_entity_poly_seq.hetero 
1 1   SER n 
1 2   MET n 
1 3   SER n 
1 4   TYR n 
1 5   ASP n 
1 6   ILE n 
1 7   GLN n 
1 8   ALA n 
1 9   TRP n 
1 10  LYS n 
1 11  LYS n 
1 12  GLN n 
1 13  CYS n 
1 14  GLU n 
1 15  GLU n 
1 16  LEU n 
1 17  LEU n 
1 18  ASN n 
1 19  LEU n 
1 20  ILE n 
1 21  PHE n 
1 22  GLN n 
1 23  CYS n 
1 24  GLU n 
1 25  ASP n 
1 26  SER n 
1 27  GLU n 
1 28  PRO n 
1 29  PHE n 
1 30  ARG n 
1 31  GLN n 
1 32  PRO n 
1 33  VAL n 
1 34  ASP n 
1 35  LEU n 
1 36  LEU n 
1 37  GLU n 
1 38  TYR n 
1 39  PRO n 
1 40  ASP n 
1 41  TYR n 
1 42  ARG n 
1 43  ASP n 
1 44  ILE n 
1 45  ILE n 
1 46  ASP n 
1 47  THR n 
1 48  PRO n 
1 49  MET n 
1 50  ASP n 
1 51  PHE n 
1 52  ALA n 
1 53  THR n 
1 54  VAL n 
1 55  ARG n 
1 56  GLU n 
1 57  THR n 
1 58  LEU n 
1 59  GLU n 
1 60  ALA n 
1 61  GLY n 
1 62  ASN n 
1 63  TYR n 
1 64  GLU n 
1 65  SER n 
1 66  PRO n 
1 67  MET n 
1 68  GLU n 
1 69  LEU n 
1 70  CYS n 
1 71  LYS n 
1 72  ASP n 
1 73  VAL n 
1 74  ARG n 
1 75  LEU n 
1 76  ILE n 
1 77  PHE n 
1 78  SER n 
1 79  ASN n 
1 80  SER n 
1 81  LYS n 
1 82  ALA n 
1 83  TYR n 
1 84  THR n 
1 85  PRO n 
1 86  SER n 
1 87  LYS n 
1 88  ARG n 
1 89  SER n 
1 90  ARG n 
1 91  ILE n 
1 92  TYR n 
1 93  SER n 
1 94  MET n 
1 95  SER n 
1 96  ASN n 
1 97  GLU n 
1 98  LEU n 
1 99  SER n 
1 100 ALA n 
1 101 PHE n 
1 102 PHE n 
1 103 GLU n 
1 104 GLU n 
1 105 HIS n 
1 106 ILE n 
1 107 SER n 
1 108 SER n 
1 109 VAL n 
1 110 LEU n 
1 111 SER n 
1 112 ASP n 
1 113 TYR n 
1 114 LYS n 
1 115 SER n 
1 116 ALA n 
1 117 LEU n 
1 118 ARG n 
1 119 PHE n 
1 120 HIS n 
1 121 LYS n 
1 122 ARG n 
1 123 ASN n 
1 124 THR n 
1 125 ILE n 
1 126 THR n 
1 127 LYS n 
1 128 ARG n 
# 
_entity_src_gen.entity_id                          1 
_entity_src_gen.pdbx_src_id                        1 
_entity_src_gen.pdbx_alt_source_flag               sample 
_entity_src_gen.pdbx_seq_type                      'Biological sequence' 
_entity_src_gen.pdbx_beg_seq_num                   1 
_entity_src_gen.pdbx_end_seq_num                   128 
_entity_src_gen.gene_src_common_name               human 
_entity_src_gen.gene_src_genus                     ? 
_entity_src_gen.pdbx_gene_src_gene                 'PHIP, DCAF14, WDR11' 
_entity_src_gen.gene_src_species                   ? 
_entity_src_gen.gene_src_strain                    ? 
_entity_src_gen.gene_src_tissue                    ? 
_entity_src_gen.gene_src_tissue_fraction           ? 
_entity_src_gen.gene_src_details                   ? 
_entity_src_gen.pdbx_gene_src_fragment             ? 
_entity_src_gen.pdbx_gene_src_scientific_name      'Homo sapiens' 
_entity_src_gen.pdbx_gene_src_ncbi_taxonomy_id     9606 
_entity_src_gen.pdbx_gene_src_variant              ? 
_entity_src_gen.pdbx_gene_src_cell_line            ? 
_entity_src_gen.pdbx_gene_src_atcc                 ? 
_entity_src_gen.pdbx_gene_src_organ                ? 
_entity_src_gen.pdbx_gene_src_organelle            ? 
_entity_src_gen.pdbx_gene_src_cell                 ? 
_entity_src_gen.pdbx_gene_src_cellular_location    ? 
_entity_src_gen.host_org_common_name               ? 
_entity_src_gen.pdbx_host_org_scientific_name      'Escherichia coli' 
_entity_src_gen.pdbx_host_org_ncbi_taxonomy_id     562 
_entity_src_gen.host_org_genus                     ? 
_entity_src_gen.pdbx_host_org_gene                 ? 
_entity_src_gen.pdbx_host_org_organ                ? 
_entity_src_gen.host_org_species                   ? 
_entity_src_gen.pdbx_host_org_tissue               ? 
_entity_src_gen.pdbx_host_org_tissue_fraction      ? 
_entity_src_gen.pdbx_host_org_strain               ? 
_entity_src_gen.pdbx_host_org_variant              ? 
_entity_src_gen.pdbx_host_org_cell_line            ? 
_entity_src_gen.pdbx_host_org_atcc                 ? 
_entity_src_gen.pdbx_host_org_culture_collection   ? 
_entity_src_gen.pdbx_host_org_cell                 ? 
_entity_src_gen.pdbx_host_org_organelle            ? 
_entity_src_gen.pdbx_host_org_cellular_location    ? 
_entity_src_gen.pdbx_host_org_vector_type          ? 
_entity_src_gen.pdbx_host_org_vector               ? 
_entity_src_gen.host_org_details                   ? 
_entity_src_gen.expression_system_id               ? 
_entity_src_gen.plasmid_name                       ? 
_entity_src_gen.plasmid_details                    ? 
_entity_src_gen.pdbx_description                   ? 
# 
loop_
_chem_comp.id 
_chem_comp.type 
_chem_comp.mon_nstd_flag 
_chem_comp.name 
_chem_comp.pdbx_synonyms 
_chem_comp.formula 
_chem_comp.formula_weight 
ALA 'L-peptide linking' y ALANINE         ?                 'C3 H7 N O2'     89.093  
ARG 'L-peptide linking' y ARGININE        ?                 'C6 H15 N4 O2 1' 175.209 
ASN 'L-peptide linking' y ASPARAGINE      ?                 'C4 H8 N2 O3'    132.118 
ASP 'L-peptide linking' y 'ASPARTIC ACID' ?                 'C4 H7 N O4'     133.103 
CYS 'L-peptide linking' y CYSTEINE        ?                 'C3 H7 N O2 S'   121.158 
EDO non-polymer         . 1,2-ETHANEDIOL  'ETHYLENE GLYCOL' 'C2 H6 O2'       62.068  
GLN 'L-peptide linking' y GLUTAMINE       ?                 'C5 H10 N2 O3'   146.144 
GLU 'L-peptide linking' y 'GLUTAMIC ACID' ?                 'C5 H9 N O4'     147.129 
GLY 'peptide linking'   y GLYCINE         ?                 'C2 H5 N O2'     75.067  
HIS 'L-peptide linking' y HISTIDINE       ?                 'C6 H10 N3 O2 1' 156.162 
HOH non-polymer         . WATER           ?                 'H2 O'           18.015  
ILE 'L-peptide linking' y ISOLEUCINE      ?                 'C6 H13 N O2'    131.173 
LEU 'L-peptide linking' y LEUCINE         ?                 'C6 H13 N O2'    131.173 
LYS 'L-peptide linking' y LYSINE          ?                 'C6 H15 N2 O2 1' 147.195 
MET 'L-peptide linking' y METHIONINE      ?                 'C5 H11 N O2 S'  149.211 
PHE 'L-peptide linking' y PHENYLALANINE   ?                 'C9 H11 N O2'    165.189 
PRO 'L-peptide linking' y PROLINE         ?                 'C5 H9 N O2'     115.130 
SER 'L-peptide linking' y SERINE          ?                 'C3 H7 N O3'     105.093 
THR 'L-peptide linking' y THREONINE       ?                 'C4 H9 N O3'     119.119 
TRP 'L-peptide linking' y TRYPTOPHAN      ?                 'C11 H12 N2 O2'  204.225 
TYR 'L-peptide linking' y TYROSINE        ?                 'C9 H11 N O3'    181.189 
VAL 'L-peptide linking' y VALINE          ?                 'C5 H11 N O2'    117.146 
# 
loop_
_pdbx_poly_seq_scheme.asym_id 
_pdbx_poly_seq_scheme.entity_id 
_pdbx_poly_seq_scheme.seq_id 
_pdbx_poly_seq_scheme.mon_id 
_pdbx_poly_seq_scheme.ndb_seq_num 
_pdbx_poly_seq_scheme.pdb_seq_num 
_pdbx_poly_seq_scheme.auth_seq_num 
_pdbx_poly_seq_scheme.pdb_mon_id 
_pdbx_poly_seq_scheme.auth_mon_id 
_pdbx_poly_seq_scheme.pdb_strand_id 
_pdbx_poly_seq_scheme.pdb_ins_code 
_pdbx_poly_seq_scheme.hetero 
A 1 1   SER 1   1313 1313 SER SER A . n 
A 1 2   MET 2   1314 1314 MET MET A . n 
A 1 3   SER 3   1315 1315 SER SER A . n 
A 1 4   TYR 4   1316 1316 TYR TYR A . n 
A 1 5   ASP 5   1317 1317 ASP ASP A . n 
A 1 6   ILE 6   1318 1318 ILE ILE A . n 
A 1 7   GLN 7   1319 1319 GLN GLN A . n 
A 1 8   ALA 8   1320 1320 ALA ALA A . n 
A 1 9   TRP 9   1321 1321 TRP TRP A . n 
A 1 10  LYS 10  1322 1322 LYS LYS A . n 
A 1 11  LYS 11  1323 1323 LYS LYS A . n 
A 1 12  GLN 12  1324 1324 GLN GLN A . n 
A 1 13  CYS 13  1325 1325 CYS CYS A . n 
A 1 14  GLU 14  1326 1326 GLU GLU A . n 
A 1 15  GLU 15  1327 1327 GLU GLU A . n 
A 1 16  LEU 16  1328 1328 LEU LEU A . n 
A 1 17  LEU 17  1329 1329 LEU LEU A . n 
A 1 18  ASN 18  1330 1330 ASN ASN A . n 
A 1 19  LEU 19  1331 1331 LEU LEU A . n 
A 1 20  ILE 20  1332 1332 ILE ILE A . n 
A 1 21  PHE 21  1333 1333 PHE PHE A . n 
A 1 22  GLN 22  1334 1334 GLN GLN A . n 
A 1 23  CYS 23  1335 1335 CYS CYS A . n 
A 1 24  GLU 24  1336 1336 GLU GLU A . n 
A 1 25  ASP 25  1337 1337 ASP ASP A . n 
A 1 26  SER 26  1338 1338 SER SER A . n 
A 1 27  GLU 27  1339 1339 GLU GLU A . n 
A 1 28  PRO 28  1340 1340 PRO PRO A . n 
A 1 29  PHE 29  1341 1341 PHE PHE A . n 
A 1 30  ARG 30  1342 1342 ARG ARG A . n 
A 1 31  GLN 31  1343 1343 GLN GLN A . n 
A 1 32  PRO 32  1344 1344 PRO PRO A . n 
A 1 33  VAL 33  1345 1345 VAL VAL A . n 
A 1 34  ASP 34  1346 1346 ASP ASP A . n 
A 1 35  LEU 35  1347 1347 LEU LEU A . n 
A 1 36  LEU 36  1348 1348 LEU LEU A . n 
A 1 37  GLU 37  1349 1349 GLU GLU A . n 
A 1 38  TYR 38  1350 1350 TYR TYR A . n 
A 1 39  PRO 39  1351 1351 PRO PRO A . n 
A 1 40  ASP 40  1352 1352 ASP ASP A . n 
A 1 41  TYR 41  1353 1353 TYR TYR A . n 
A 1 42  ARG 42  1354 1354 ARG ARG A . n 
A 1 43  ASP 43  1355 1355 ASP ASP A . n 
A 1 44  ILE 44  1356 1356 ILE ILE A . n 
A 1 45  ILE 45  1357 1357 ILE ILE A . n 
A 1 46  ASP 46  1358 1358 ASP ASP A . n 
A 1 47  THR 47  1359 1359 THR THR A . n 
A 1 48  PRO 48  1360 1360 PRO PRO A . n 
A 1 49  MET 49  1361 1361 MET MET A . n 
A 1 50  ASP 50  1362 1362 ASP ASP A . n 
A 1 51  PHE 51  1363 1363 PHE PHE A . n 
A 1 52  ALA 52  1364 1364 ALA ALA A . n 
A 1 53  THR 53  1365 1365 THR THR A . n 
A 1 54  VAL 54  1366 1366 VAL VAL A . n 
A 1 55  ARG 55  1367 1367 ARG ARG A . n 
A 1 56  GLU 56  1368 1368 GLU GLU A . n 
A 1 57  THR 57  1369 1369 THR THR A . n 
A 1 58  LEU 58  1370 1370 LEU LEU A . n 
A 1 59  GLU 59  1371 1371 GLU GLU A . n 
A 1 60  ALA 60  1372 1372 ALA ALA A . n 
A 1 61  GLY 61  1373 1373 GLY GLY A . n 
A 1 62  ASN 62  1374 1374 ASN ASN A . n 
A 1 63  TYR 63  1375 1375 TYR TYR A . n 
A 1 64  GLU 64  1376 1376 GLU GLU A . n 
A 1 65  SER 65  1377 1377 SER SER A . n 
A 1 66  PRO 66  1378 1378 PRO PRO A . n 
A 1 67  MET 67  1379 1379 MET MET A . n 
A 1 68  GLU 68  1380 1380 GLU GLU A . n 
A 1 69  LEU 69  1381 1381 LEU LEU A . n 
A 1 70  CYS 70  1382 1382 CYS CYS A . n 
A 1 71  LYS 71  1383 1383 LYS LYS A . n 
A 1 72  ASP 72  1384 1384 ASP ASP A . n 
A 1 73  VAL 73  1385 1385 VAL VAL A . n 
A 1 74  ARG 74  1386 1386 ARG ARG A . n 
A 1 75  LEU 75  1387 1387 LEU LEU A . n 
A 1 76  ILE 76  1388 1388 ILE ILE A . n 
A 1 77  PHE 77  1389 1389 PHE PHE A . n 
A 1 78  SER 78  1390 1390 SER SER A . n 
A 1 79  ASN 79  1391 1391 ASN ASN A . n 
A 1 80  SER 80  1392 1392 SER SER A . n 
A 1 81  LYS 81  1393 1393 LYS LYS A . n 
A 1 82  ALA 82  1394 1394 ALA ALA A . n 
A 1 83  TYR 83  1395 1395 TYR TYR A . n 
A 1 84  THR 84  1396 1396 THR THR A . n 
A 1 85  PRO 85  1397 1397 PRO PRO A . n 
A 1 86  SER 86  1398 1398 SER SER A . n 
A 1 87  LYS 87  1399 1399 LYS LYS A . n 
A 1 88  ARG 88  1400 1400 ARG ARG A . n 
A 1 89  SER 89  1401 1401 SER SER A . n 
A 1 90  ARG 90  1402 1402 ARG ARG A . n 
A 1 91  ILE 91  1403 1403 ILE ILE A . n 
A 1 92  TYR 92  1404 1404 TYR TYR A . n 
A 1 93  SER 93  1405 1405 SER SER A . n 
A 1 94  MET 94  1406 1406 MET MET A . n 
A 1 95  SER 95  1407 1407 SER SER A . n 
A 1 96  ASN 96  1408 1408 ASN ASN A . n 
A 1 97  GLU 97  1409 1409 GLU GLU A . n 
A 1 98  LEU 98  1410 1410 LEU LEU A . n 
A 1 99  SER 99  1411 1411 SER SER A . n 
A 1 100 ALA 100 1412 1412 ALA ALA A . n 
A 1 101 PHE 101 1413 1413 PHE PHE A . n 
A 1 102 PHE 102 1414 1414 PHE PHE A . n 
A 1 103 GLU 103 1415 1415 GLU GLU A . n 
A 1 104 GLU 104 1416 1416 GLU GLU A . n 
A 1 105 HIS 105 1417 1417 HIS HIS A . n 
A 1 106 ILE 106 1418 1418 ILE ILE A . n 
A 1 107 SER 107 1419 1419 SER SER A . n 
A 1 108 SER 108 1420 1420 SER SER A . n 
A 1 109 VAL 109 1421 1421 VAL VAL A . n 
A 1 110 LEU 110 1422 1422 LEU LEU A . n 
A 1 111 SER 111 1423 1423 SER SER A . n 
A 1 112 ASP 112 1424 1424 ASP ASP A . n 
A 1 113 TYR 113 1425 1425 TYR TYR A . n 
A 1 114 LYS 114 1426 1426 LYS LYS A . n 
A 1 115 SER 115 1427 1427 SER SER A . n 
A 1 116 ALA 116 1428 1428 ALA ALA A . n 
A 1 117 LEU 117 1429 1429 LEU LEU A . n 
A 1 118 ARG 118 1430 1430 ARG ARG A . n 
A 1 119 PHE 119 1431 1431 PHE PHE A . n 
A 1 120 HIS 120 1432 1432 HIS HIS A . n 
A 1 121 LYS 121 1433 1433 LYS LYS A . n 
A 1 122 ARG 122 1434 1434 ARG ARG A . n 
A 1 123 ASN 123 1435 1435 ASN ASN A . n 
A 1 124 THR 124 1436 1436 THR THR A . n 
A 1 125 ILE 125 1437 1437 ILE ILE A . n 
A 1 126 THR 126 1438 1438 THR THR A . n 
A 1 127 LYS 127 1439 1439 LYS LYS A . n 
A 1 128 ARG 128 1440 1440 ARG ARG A . n 
# 
loop_
_pdbx_nonpoly_scheme.asym_id 
_pdbx_nonpoly_scheme.entity_id 
_pdbx_nonpoly_scheme.mon_id 
_pdbx_nonpoly_scheme.ndb_seq_num 
_pdbx_nonpoly_scheme.pdb_seq_num 
_pdbx_nonpoly_scheme.auth_seq_num 
_pdbx_nonpoly_scheme.pdb_mon_id 
_pdbx_nonpoly_scheme.auth_mon_id 
_pdbx_nonpoly_scheme.pdb_strand_id 
_pdbx_nonpoly_scheme.pdb_ins_code 
B 2 EDO 1   1501 1   EDO EDO A . 
C 3 HOH 1   1601 132 HOH HOH A . 
C 3 HOH 2   1602 97  HOH HOH A . 
C 3 HOH 3   1603 108 HOH HOH A . 
C 3 HOH 4   1604 211 HOH HOH A . 
C 3 HOH 5   1605 195 HOH HOH A . 
C 3 HOH 6   1606 160 HOH HOH A . 
C 3 HOH 7   1607 18  HOH HOH A . 
C 3 HOH 8   1608 75  HOH HOH A . 
C 3 HOH 9   1609 199 HOH HOH A . 
C 3 HOH 10  1610 183 HOH HOH A . 
C 3 HOH 11  1611 185 HOH HOH A . 
C 3 HOH 12  1612 121 HOH HOH A . 
C 3 HOH 13  1613 8   HOH HOH A . 
C 3 HOH 14  1614 20  HOH HOH A . 
C 3 HOH 15  1615 193 HOH HOH A . 
C 3 HOH 16  1616 114 HOH HOH A . 
C 3 HOH 17  1617 117 HOH HOH A . 
C 3 HOH 18  1618 46  HOH HOH A . 
C 3 HOH 19  1619 47  HOH HOH A . 
C 3 HOH 20  1620 71  HOH HOH A . 
C 3 HOH 21  1621 19  HOH HOH A . 
C 3 HOH 22  1622 175 HOH HOH A . 
C 3 HOH 23  1623 32  HOH HOH A . 
C 3 HOH 24  1624 74  HOH HOH A . 
C 3 HOH 25  1625 157 HOH HOH A . 
C 3 HOH 26  1626 83  HOH HOH A . 
C 3 HOH 27  1627 26  HOH HOH A . 
C 3 HOH 28  1628 13  HOH HOH A . 
C 3 HOH 29  1629 64  HOH HOH A . 
C 3 HOH 30  1630 218 HOH HOH A . 
C 3 HOH 31  1631 2   HOH HOH A . 
C 3 HOH 32  1632 140 HOH HOH A . 
C 3 HOH 33  1633 87  HOH HOH A . 
C 3 HOH 34  1634 110 HOH HOH A . 
C 3 HOH 35  1635 124 HOH HOH A . 
C 3 HOH 36  1636 85  HOH HOH A . 
C 3 HOH 37  1637 154 HOH HOH A . 
C 3 HOH 38  1638 215 HOH HOH A . 
C 3 HOH 39  1639 16  HOH HOH A . 
C 3 HOH 40  1640 219 HOH HOH A . 
C 3 HOH 41  1641 101 HOH HOH A . 
C 3 HOH 42  1642 9   HOH HOH A . 
C 3 HOH 43  1643 39  HOH HOH A . 
C 3 HOH 44  1644 5   HOH HOH A . 
C 3 HOH 45  1645 82  HOH HOH A . 
C 3 HOH 46  1646 43  HOH HOH A . 
C 3 HOH 47  1647 86  HOH HOH A . 
C 3 HOH 48  1648 107 HOH HOH A . 
C 3 HOH 49  1649 120 HOH HOH A . 
C 3 HOH 50  1650 38  HOH HOH A . 
C 3 HOH 51  1651 161 HOH HOH A . 
C 3 HOH 52  1652 36  HOH HOH A . 
C 3 HOH 53  1653 42  HOH HOH A . 
C 3 HOH 54  1654 176 HOH HOH A . 
C 3 HOH 55  1655 134 HOH HOH A . 
C 3 HOH 56  1656 53  HOH HOH A . 
C 3 HOH 57  1657 59  HOH HOH A . 
C 3 HOH 58  1658 51  HOH HOH A . 
C 3 HOH 59  1659 4   HOH HOH A . 
C 3 HOH 60  1660 31  HOH HOH A . 
C 3 HOH 61  1661 10  HOH HOH A . 
C 3 HOH 62  1662 137 HOH HOH A . 
C 3 HOH 63  1663 164 HOH HOH A . 
C 3 HOH 64  1664 171 HOH HOH A . 
C 3 HOH 65  1665 191 HOH HOH A . 
C 3 HOH 66  1666 67  HOH HOH A . 
C 3 HOH 67  1667 106 HOH HOH A . 
C 3 HOH 68  1668 21  HOH HOH A . 
C 3 HOH 69  1669 105 HOH HOH A . 
C 3 HOH 70  1670 130 HOH HOH A . 
C 3 HOH 71  1671 150 HOH HOH A . 
C 3 HOH 72  1672 189 HOH HOH A . 
C 3 HOH 73  1673 6   HOH HOH A . 
C 3 HOH 74  1674 99  HOH HOH A . 
C 3 HOH 75  1675 14  HOH HOH A . 
C 3 HOH 76  1676 122 HOH HOH A . 
C 3 HOH 77  1677 72  HOH HOH A . 
C 3 HOH 78  1678 40  HOH HOH A . 
C 3 HOH 79  1679 149 HOH HOH A . 
C 3 HOH 80  1680 29  HOH HOH A . 
C 3 HOH 81  1681 155 HOH HOH A . 
C 3 HOH 82  1682 84  HOH HOH A . 
C 3 HOH 83  1683 3   HOH HOH A . 
C 3 HOH 84  1684 12  HOH HOH A . 
C 3 HOH 85  1685 197 HOH HOH A . 
C 3 HOH 86  1686 116 HOH HOH A . 
C 3 HOH 87  1687 35  HOH HOH A . 
C 3 HOH 88  1688 61  HOH HOH A . 
C 3 HOH 89  1689 188 HOH HOH A . 
C 3 HOH 90  1690 141 HOH HOH A . 
C 3 HOH 91  1691 144 HOH HOH A . 
C 3 HOH 92  1692 30  HOH HOH A . 
C 3 HOH 93  1693 96  HOH HOH A . 
C 3 HOH 94  1694 70  HOH HOH A . 
C 3 HOH 95  1695 62  HOH HOH A . 
C 3 HOH 96  1696 54  HOH HOH A . 
C 3 HOH 97  1697 52  HOH HOH A . 
C 3 HOH 98  1698 103 HOH HOH A . 
C 3 HOH 99  1699 94  HOH HOH A . 
C 3 HOH 100 1700 98  HOH HOH A . 
C 3 HOH 101 1701 28  HOH HOH A . 
C 3 HOH 102 1702 1   HOH HOH A . 
C 3 HOH 103 1703 50  HOH HOH A . 
C 3 HOH 104 1704 143 HOH HOH A . 
C 3 HOH 105 1705 91  HOH HOH A . 
C 3 HOH 106 1706 166 HOH HOH A . 
C 3 HOH 107 1707 23  HOH HOH A . 
C 3 HOH 108 1708 25  HOH HOH A . 
C 3 HOH 109 1709 7   HOH HOH A . 
C 3 HOH 110 1710 15  HOH HOH A . 
C 3 HOH 111 1711 37  HOH HOH A . 
C 3 HOH 112 1712 210 HOH HOH A . 
C 3 HOH 113 1713 17  HOH HOH A . 
C 3 HOH 114 1714 22  HOH HOH A . 
C 3 HOH 115 1715 48  HOH HOH A . 
C 3 HOH 116 1716 139 HOH HOH A . 
C 3 HOH 117 1717 187 HOH HOH A . 
C 3 HOH 118 1718 165 HOH HOH A . 
C 3 HOH 119 1719 90  HOH HOH A . 
C 3 HOH 120 1720 33  HOH HOH A . 
C 3 HOH 121 1721 196 HOH HOH A . 
C 3 HOH 122 1722 44  HOH HOH A . 
C 3 HOH 123 1723 95  HOH HOH A . 
C 3 HOH 124 1724 92  HOH HOH A . 
C 3 HOH 125 1725 133 HOH HOH A . 
C 3 HOH 126 1726 60  HOH HOH A . 
C 3 HOH 127 1727 159 HOH HOH A . 
C 3 HOH 128 1728 68  HOH HOH A . 
C 3 HOH 129 1729 216 HOH HOH A . 
C 3 HOH 130 1730 136 HOH HOH A . 
C 3 HOH 131 1731 158 HOH HOH A . 
C 3 HOH 132 1732 173 HOH HOH A . 
C 3 HOH 133 1733 202 HOH HOH A . 
C 3 HOH 134 1734 125 HOH HOH A . 
C 3 HOH 135 1735 24  HOH HOH A . 
C 3 HOH 136 1736 167 HOH HOH A . 
C 3 HOH 137 1737 135 HOH HOH A . 
C 3 HOH 138 1738 34  HOH HOH A . 
C 3 HOH 139 1739 138 HOH HOH A . 
C 3 HOH 140 1740 123 HOH HOH A . 
C 3 HOH 141 1741 186 HOH HOH A . 
C 3 HOH 142 1742 192 HOH HOH A . 
C 3 HOH 143 1743 163 HOH HOH A . 
C 3 HOH 144 1744 131 HOH HOH A . 
C 3 HOH 145 1745 73  HOH HOH A . 
C 3 HOH 146 1746 127 HOH HOH A . 
C 3 HOH 147 1747 145 HOH HOH A . 
C 3 HOH 148 1748 45  HOH HOH A . 
C 3 HOH 149 1749 109 HOH HOH A . 
C 3 HOH 150 1750 179 HOH HOH A . 
C 3 HOH 151 1751 104 HOH HOH A . 
C 3 HOH 152 1752 80  HOH HOH A . 
C 3 HOH 153 1753 27  HOH HOH A . 
C 3 HOH 154 1754 198 HOH HOH A . 
C 3 HOH 155 1755 93  HOH HOH A . 
C 3 HOH 156 1756 119 HOH HOH A . 
C 3 HOH 157 1757 55  HOH HOH A . 
C 3 HOH 158 1758 128 HOH HOH A . 
C 3 HOH 159 1759 142 HOH HOH A . 
C 3 HOH 160 1760 208 HOH HOH A . 
C 3 HOH 161 1761 170 HOH HOH A . 
C 3 HOH 162 1762 181 HOH HOH A . 
C 3 HOH 163 1763 49  HOH HOH A . 
C 3 HOH 164 1764 194 HOH HOH A . 
C 3 HOH 165 1765 65  HOH HOH A . 
C 3 HOH 166 1766 214 HOH HOH A . 
C 3 HOH 167 1767 212 HOH HOH A . 
C 3 HOH 168 1768 182 HOH HOH A . 
C 3 HOH 169 1769 209 HOH HOH A . 
C 3 HOH 170 1770 57  HOH HOH A . 
C 3 HOH 171 1771 204 HOH HOH A . 
C 3 HOH 172 1772 79  HOH HOH A . 
C 3 HOH 173 1773 200 HOH HOH A . 
C 3 HOH 174 1774 148 HOH HOH A . 
C 3 HOH 175 1775 220 HOH HOH A . 
C 3 HOH 176 1776 177 HOH HOH A . 
C 3 HOH 177 1777 58  HOH HOH A . 
C 3 HOH 178 1778 174 HOH HOH A . 
C 3 HOH 179 1779 168 HOH HOH A . 
C 3 HOH 180 1780 111 HOH HOH A . 
C 3 HOH 181 1781 102 HOH HOH A . 
C 3 HOH 182 1782 118 HOH HOH A . 
C 3 HOH 183 1783 126 HOH HOH A . 
C 3 HOH 184 1784 69  HOH HOH A . 
C 3 HOH 185 1785 56  HOH HOH A . 
C 3 HOH 186 1786 78  HOH HOH A . 
C 3 HOH 187 1787 66  HOH HOH A . 
C 3 HOH 188 1788 190 HOH HOH A . 
C 3 HOH 189 1789 129 HOH HOH A . 
C 3 HOH 190 1790 151 HOH HOH A . 
C 3 HOH 191 1791 217 HOH HOH A . 
C 3 HOH 192 1792 146 HOH HOH A . 
C 3 HOH 193 1793 162 HOH HOH A . 
C 3 HOH 194 1794 112 HOH HOH A . 
C 3 HOH 195 1795 113 HOH HOH A . 
C 3 HOH 196 1796 169 HOH HOH A . 
C 3 HOH 197 1797 77  HOH HOH A . 
C 3 HOH 198 1798 184 HOH HOH A . 
C 3 HOH 199 1799 89  HOH HOH A . 
C 3 HOH 200 1800 172 HOH HOH A . 
C 3 HOH 201 1801 63  HOH HOH A . 
C 3 HOH 202 1802 152 HOH HOH A . 
C 3 HOH 203 1803 205 HOH HOH A . 
C 3 HOH 204 1804 206 HOH HOH A . 
C 3 HOH 205 1805 100 HOH HOH A . 
C 3 HOH 206 1806 115 HOH HOH A . 
C 3 HOH 207 1807 153 HOH HOH A . 
C 3 HOH 208 1808 213 HOH HOH A . 
C 3 HOH 209 1809 207 HOH HOH A . 
C 3 HOH 210 1810 76  HOH HOH A . 
C 3 HOH 211 1812 180 HOH HOH A . 
C 3 HOH 212 1813 41  HOH HOH A . 
C 3 HOH 213 1814 203 HOH HOH A . 
C 3 HOH 214 1815 147 HOH HOH A . 
C 3 HOH 215 1816 81  HOH HOH A . 
C 3 HOH 216 1817 156 HOH HOH A . 
C 3 HOH 217 1818 178 HOH HOH A . 
C 3 HOH 218 1819 88  HOH HOH A . 
# 
loop_
_pdbx_unobs_or_zero_occ_atoms.id 
_pdbx_unobs_or_zero_occ_atoms.PDB_model_num 
_pdbx_unobs_or_zero_occ_atoms.polymer_flag 
_pdbx_unobs_or_zero_occ_atoms.occupancy_flag 
_pdbx_unobs_or_zero_occ_atoms.auth_asym_id 
_pdbx_unobs_or_zero_occ_atoms.auth_comp_id 
_pdbx_unobs_or_zero_occ_atoms.auth_seq_id 
_pdbx_unobs_or_zero_occ_atoms.PDB_ins_code 
_pdbx_unobs_or_zero_occ_atoms.auth_atom_id 
_pdbx_unobs_or_zero_occ_atoms.label_alt_id 
_pdbx_unobs_or_zero_occ_atoms.label_asym_id 
_pdbx_unobs_or_zero_occ_atoms.label_comp_id 
_pdbx_unobs_or_zero_occ_atoms.label_seq_id 
_pdbx_unobs_or_zero_occ_atoms.label_atom_id 
1 1 Y 1 A LYS 1433 ? CD ? A LYS 121 CD 
2 1 Y 1 A LYS 1433 ? CE ? A LYS 121 CE 
3 1 Y 1 A LYS 1433 ? NZ ? A LYS 121 NZ 
4 1 Y 1 A LYS 1439 ? CG ? A LYS 127 CG 
5 1 Y 1 A LYS 1439 ? CD ? A LYS 127 CD 
6 1 Y 1 A LYS 1439 ? CE ? A LYS 127 CE 
7 1 Y 1 A LYS 1439 ? NZ ? A LYS 127 NZ 
# 
loop_
_software.citation_id 
_software.classification 
_software.compiler_name 
_software.compiler_version 
_software.contact_author 
_software.contact_author_email 
_software.date 
_software.description 
_software.dependencies 
_software.hardware 
_software.language 
_software.location 
_software.mods 
_software.name 
_software.os 
_software.os_version 
_software.type 
_software.version 
_software.pdbx_ordinal 
? refinement       ? ? ? ? ? ? ? ? ? ? ? REFMAC ? ? ? '5.8.0430 (refmacat 0.4.77)' 1 
? 'data reduction' ? ? ? ? ? ? ? ? ? ? ? xia2   ? ? ? .                            2 
? 'data scaling'   ? ? ? ? ? ? ? ? ? ? ? xia2   ? ? ? .                            3 
? phasing          ? ? ? ? ? ? ? ? ? ? ? PHASER ? ? ? .                            4 
# 
_cell.angle_alpha                  90 
_cell.angle_alpha_esd              ? 
_cell.angle_beta                   100.56 
_cell.angle_beta_esd               ? 
_cell.angle_gamma                  90 
_cell.angle_gamma_esd              ? 
_cell.entry_id                     9GH3 
_cell.details                      ? 
_cell.formula_units_Z              ? 
_cell.length_a                     83.77 
_cell.length_a_esd                 ? 
_cell.length_b                     26.98 
_cell.length_b_esd                 ? 
_cell.length_c                     55.83 
_cell.length_c_esd                 ? 
_cell.volume                       ? 
_cell.volume_esd                   ? 
_cell.Z_PDB                        4 
_cell.reciprocal_angle_alpha       ? 
_cell.reciprocal_angle_beta        ? 
_cell.reciprocal_angle_gamma       ? 
_cell.reciprocal_angle_alpha_esd   ? 
_cell.reciprocal_angle_beta_esd    ? 
_cell.reciprocal_angle_gamma_esd   ? 
_cell.reciprocal_length_a          ? 
_cell.reciprocal_length_b          ? 
_cell.reciprocal_length_c          ? 
_cell.reciprocal_length_a_esd      ? 
_cell.reciprocal_length_b_esd      ? 
_cell.reciprocal_length_c_esd      ? 
_cell.pdbx_unique_axis             ? 
_cell.pdbx_esd_method              ? 
# 
_symmetry.entry_id                         9GH3 
_symmetry.cell_setting                     ? 
_symmetry.Int_Tables_number                5 
_symmetry.space_group_name_Hall            ? 
_symmetry.space_group_name_H-M             'C 1 2 1' 
_symmetry.pdbx_full_space_group_name_H-M   ? 
# 
_exptl.absorpt_coefficient_mu     ? 
_exptl.absorpt_correction_T_max   ? 
_exptl.absorpt_correction_T_min   ? 
_exptl.absorpt_correction_type    ? 
_exptl.absorpt_process_details    ? 
_exptl.entry_id                   9GH3 
_exptl.crystals_number            1 
_exptl.details                    ? 
_exptl.method                     'X-RAY DIFFRACTION' 
_exptl.method_details             ? 
# 
_exptl_crystal.colour                       ? 
_exptl_crystal.density_diffrn               ? 
_exptl_crystal.density_Matthews             2.05 
_exptl_crystal.density_method               ? 
_exptl_crystal.density_percent_sol          39.99 
_exptl_crystal.description                  ? 
_exptl_crystal.F_000                        ? 
_exptl_crystal.id                           1 
_exptl_crystal.preparation                  ? 
_exptl_crystal.size_max                     ? 
_exptl_crystal.size_mid                     ? 
_exptl_crystal.size_min                     ? 
_exptl_crystal.size_rad                     ? 
_exptl_crystal.colour_lustre                ? 
_exptl_crystal.colour_modifier              ? 
_exptl_crystal.colour_primary               ? 
_exptl_crystal.density_meas                 ? 
_exptl_crystal.density_meas_esd             ? 
_exptl_crystal.density_meas_gt              ? 
_exptl_crystal.density_meas_lt              ? 
_exptl_crystal.density_meas_temp            ? 
_exptl_crystal.density_meas_temp_esd        ? 
_exptl_crystal.density_meas_temp_gt         ? 
_exptl_crystal.density_meas_temp_lt         ? 
_exptl_crystal.pdbx_crystal_image_url       ? 
_exptl_crystal.pdbx_crystal_image_format    ? 
_exptl_crystal.pdbx_mosaicity               ? 
_exptl_crystal.pdbx_mosaicity_esd           ? 
_exptl_crystal.pdbx_mosaic_method           ? 
_exptl_crystal.pdbx_mosaic_block_size       ? 
_exptl_crystal.pdbx_mosaic_block_size_esd   ? 
# 
_exptl_crystal_grow.apparatus       ? 
_exptl_crystal_grow.atmosphere      ? 
_exptl_crystal_grow.crystal_id      1 
_exptl_crystal_grow.details         ? 
_exptl_crystal_grow.method          'VAPOR DIFFUSION, SITTING DROP' 
_exptl_crystal_grow.method_ref      ? 
_exptl_crystal_grow.pH              ? 
_exptl_crystal_grow.pressure        ? 
_exptl_crystal_grow.pressure_esd    ? 
_exptl_crystal_grow.seeding         ? 
_exptl_crystal_grow.seeding_ref     ? 
_exptl_crystal_grow.temp_details    ? 
_exptl_crystal_grow.temp_esd        ? 
_exptl_crystal_grow.time            ? 
_exptl_crystal_grow.pdbx_details    
;20% PEG3000 
0.1M citrate pH 5.5
;
_exptl_crystal_grow.pdbx_pH_range   ? 
_exptl_crystal_grow.temp            293 
# 
_diffrn.ambient_environment              ? 
_diffrn.ambient_temp                     100 
_diffrn.ambient_temp_details             ? 
_diffrn.ambient_temp_esd                 ? 
_diffrn.crystal_id                       1 
_diffrn.crystal_support                  ? 
_diffrn.crystal_treatment                ? 
_diffrn.details                          ? 
_diffrn.id                               1 
_diffrn.ambient_pressure                 ? 
_diffrn.ambient_pressure_esd             ? 
_diffrn.ambient_pressure_gt              ? 
_diffrn.ambient_pressure_lt              ? 
_diffrn.ambient_temp_gt                  ? 
_diffrn.ambient_temp_lt                  ? 
_diffrn.pdbx_serial_crystal_experiment   N 
# 
_diffrn_detector.details                      ? 
_diffrn_detector.detector                     PIXEL 
_diffrn_detector.diffrn_id                    1 
_diffrn_detector.type                         'DECTRIS PILATUS 6M' 
_diffrn_detector.area_resol_mean              ? 
_diffrn_detector.dtime                        ? 
_diffrn_detector.pdbx_frames_total            ? 
_diffrn_detector.pdbx_collection_time_total   ? 
_diffrn_detector.pdbx_collection_date         2016-04-23 
_diffrn_detector.pdbx_frequency               ? 
_diffrn_detector.id                           ? 
_diffrn_detector.number_of_axes               ? 
# 
_diffrn_radiation.collimation                      ? 
_diffrn_radiation.diffrn_id                        1 
_diffrn_radiation.filter_edge                      ? 
_diffrn_radiation.inhomogeneity                    ? 
_diffrn_radiation.monochromator                    ? 
_diffrn_radiation.polarisn_norm                    ? 
_diffrn_radiation.polarisn_ratio                   ? 
_diffrn_radiation.probe                            ? 
_diffrn_radiation.type                             ? 
_diffrn_radiation.xray_symbol                      ? 
_diffrn_radiation.wavelength_id                    1 
_diffrn_radiation.pdbx_monochromatic_or_laue_m_l   M 
_diffrn_radiation.pdbx_wavelength_list             ? 
_diffrn_radiation.pdbx_wavelength                  ? 
_diffrn_radiation.pdbx_diffrn_protocol             'SINGLE WAVELENGTH' 
_diffrn_radiation.pdbx_analyzer                    ? 
_diffrn_radiation.pdbx_scattering_type             x-ray 
# 
_diffrn_radiation_wavelength.id           1 
_diffrn_radiation_wavelength.wavelength   0.9282 
_diffrn_radiation_wavelength.wt           1.0 
# 
_diffrn_source.current                     ? 
_diffrn_source.details                     ? 
_diffrn_source.diffrn_id                   1 
_diffrn_source.power                       ? 
_diffrn_source.size                        ? 
_diffrn_source.source                      SYNCHROTRON 
_diffrn_source.target                      ? 
_diffrn_source.type                        'DIAMOND BEAMLINE I04-1' 
_diffrn_source.voltage                     ? 
_diffrn_source.take-off_angle              ? 
_diffrn_source.pdbx_wavelength_list        0.9282 
_diffrn_source.pdbx_wavelength             ? 
_diffrn_source.pdbx_synchrotron_beamline   I04-1 
_diffrn_source.pdbx_synchrotron_site       Diamond 
# 
_reflns.B_iso_Wilson_estimate                          ? 
_reflns.entry_id                                       9GH3 
_reflns.data_reduction_details                         ? 
_reflns.data_reduction_method                          ? 
_reflns.d_resolution_high                              1.16 
_reflns.d_resolution_low                               41.21 
_reflns.details                                        ? 
_reflns.limit_h_max                                    ? 
_reflns.limit_h_min                                    ? 
_reflns.limit_k_max                                    ? 
_reflns.limit_k_min                                    ? 
_reflns.limit_l_max                                    ? 
_reflns.limit_l_min                                    ? 
_reflns.number_all                                     ? 
_reflns.number_obs                                     40440 
_reflns.observed_criterion                             ? 
_reflns.observed_criterion_F_max                       ? 
_reflns.observed_criterion_F_min                       ? 
_reflns.observed_criterion_I_max                       ? 
_reflns.observed_criterion_I_min                       ? 
_reflns.observed_criterion_sigma_F                     ? 
_reflns.observed_criterion_sigma_I                     ? 
_reflns.percent_possible_obs                           94.7 
_reflns.R_free_details                                 ? 
_reflns.Rmerge_F_all                                   ? 
_reflns.Rmerge_F_obs                                   ? 
_reflns.Friedel_coverage                               ? 
_reflns.number_gt                                      ? 
_reflns.threshold_expression                           ? 
_reflns.pdbx_redundancy                                2.7 
_reflns.pdbx_netI_over_av_sigmaI                       ? 
_reflns.pdbx_netI_over_sigmaI                          10.5 
_reflns.pdbx_res_netI_over_av_sigmaI_2                 ? 
_reflns.pdbx_res_netI_over_sigmaI_2                    ? 
_reflns.pdbx_chi_squared                               ? 
_reflns.pdbx_scaling_rejects                           ? 
_reflns.pdbx_d_res_high_opt                            ? 
_reflns.pdbx_d_res_low_opt                             ? 
_reflns.pdbx_d_res_opt_method                          ? 
_reflns.phase_calculation_details                      ? 
_reflns.pdbx_Rrim_I_all                                ? 
_reflns.pdbx_Rpim_I_all                                ? 
_reflns.pdbx_d_opt                                     ? 
_reflns.pdbx_number_measured_all                       ? 
_reflns.pdbx_diffrn_id                                 1 
_reflns.pdbx_ordinal                                   1 
_reflns.pdbx_CC_half                                   0.999 
_reflns.pdbx_CC_star                                   ? 
_reflns.pdbx_R_split                                   ? 
_reflns.pdbx_Rmerge_I_obs                              ? 
_reflns.pdbx_Rmerge_I_all                              ? 
_reflns.pdbx_Rsym_value                                ? 
_reflns.pdbx_CC_split_method                           ? 
_reflns.pdbx_aniso_diffraction_limit_axis_1_ortho[1]   ? 
_reflns.pdbx_aniso_diffraction_limit_axis_1_ortho[2]   ? 
_reflns.pdbx_aniso_diffraction_limit_axis_1_ortho[3]   ? 
_reflns.pdbx_aniso_diffraction_limit_axis_2_ortho[1]   ? 
_reflns.pdbx_aniso_diffraction_limit_axis_2_ortho[2]   ? 
_reflns.pdbx_aniso_diffraction_limit_axis_2_ortho[3]   ? 
_reflns.pdbx_aniso_diffraction_limit_axis_3_ortho[1]   ? 
_reflns.pdbx_aniso_diffraction_limit_axis_3_ortho[2]   ? 
_reflns.pdbx_aniso_diffraction_limit_axis_3_ortho[3]   ? 
_reflns.pdbx_aniso_diffraction_limit_1                 ? 
_reflns.pdbx_aniso_diffraction_limit_2                 ? 
_reflns.pdbx_aniso_diffraction_limit_3                 ? 
_reflns.pdbx_aniso_B_tensor_eigenvector_1_ortho[1]     ? 
_reflns.pdbx_aniso_B_tensor_eigenvector_1_ortho[2]     ? 
_reflns.pdbx_aniso_B_tensor_eigenvector_1_ortho[3]     ? 
_reflns.pdbx_aniso_B_tensor_eigenvector_2_ortho[1]     ? 
_reflns.pdbx_aniso_B_tensor_eigenvector_2_ortho[2]     ? 
_reflns.pdbx_aniso_B_tensor_eigenvector_2_ortho[3]     ? 
_reflns.pdbx_aniso_B_tensor_eigenvector_3_ortho[1]     ? 
_reflns.pdbx_aniso_B_tensor_eigenvector_3_ortho[2]     ? 
_reflns.pdbx_aniso_B_tensor_eigenvector_3_ortho[3]     ? 
_reflns.pdbx_aniso_B_tensor_eigenvalue_1               ? 
_reflns.pdbx_aniso_B_tensor_eigenvalue_2               ? 
_reflns.pdbx_aniso_B_tensor_eigenvalue_3               ? 
_reflns.pdbx_orthogonalization_convention              ? 
_reflns.pdbx_percent_possible_ellipsoidal              ? 
_reflns.pdbx_percent_possible_spherical                ? 
_reflns.pdbx_percent_possible_ellipsoidal_anomalous    ? 
_reflns.pdbx_percent_possible_spherical_anomalous      ? 
_reflns.pdbx_redundancy_anomalous                      ? 
_reflns.pdbx_CC_half_anomalous                         ? 
_reflns.pdbx_absDiff_over_sigma_anomalous              ? 
_reflns.pdbx_percent_possible_anomalous                ? 
_reflns.pdbx_observed_signal_threshold                 ? 
_reflns.pdbx_signal_type                               ? 
_reflns.pdbx_signal_details                            ? 
_reflns.pdbx_signal_software_id                        ? 
# 
_reflns_shell.d_res_high                                    1.16 
_reflns_shell.d_res_low                                     1.19 
_reflns_shell.meanI_over_sigI_all                           ? 
_reflns_shell.meanI_over_sigI_obs                           ? 
_reflns_shell.number_measured_all                           ? 
_reflns_shell.number_measured_obs                           ? 
_reflns_shell.number_possible                               ? 
_reflns_shell.number_unique_all                             ? 
_reflns_shell.number_unique_obs                             2175 
_reflns_shell.percent_possible_obs                          ? 
_reflns_shell.Rmerge_F_all                                  ? 
_reflns_shell.Rmerge_F_obs                                  ? 
_reflns_shell.meanI_over_sigI_gt                            ? 
_reflns_shell.meanI_over_uI_all                             ? 
_reflns_shell.meanI_over_uI_gt                              ? 
_reflns_shell.number_measured_gt                            ? 
_reflns_shell.number_unique_gt                              ? 
_reflns_shell.percent_possible_gt                           ? 
_reflns_shell.Rmerge_F_gt                                   ? 
_reflns_shell.Rmerge_I_gt                                   ? 
_reflns_shell.pdbx_redundancy                               ? 
_reflns_shell.pdbx_chi_squared                              ? 
_reflns_shell.pdbx_netI_over_sigmaI_all                     ? 
_reflns_shell.pdbx_netI_over_sigmaI_obs                     ? 
_reflns_shell.pdbx_Rrim_I_all                               ? 
_reflns_shell.pdbx_Rpim_I_all                               ? 
_reflns_shell.pdbx_rejects                                  ? 
_reflns_shell.pdbx_ordinal                                  1 
_reflns_shell.pdbx_diffrn_id                                1 
_reflns_shell.pdbx_CC_half                                  0.876 
_reflns_shell.pdbx_CC_star                                  ? 
_reflns_shell.pdbx_R_split                                  ? 
_reflns_shell.percent_possible_all                          ? 
_reflns_shell.Rmerge_I_all                                  ? 
_reflns_shell.Rmerge_I_obs                                  ? 
_reflns_shell.pdbx_Rsym_value                               ? 
_reflns_shell.pdbx_percent_possible_ellipsoidal             ? 
_reflns_shell.pdbx_percent_possible_spherical               ? 
_reflns_shell.pdbx_percent_possible_ellipsoidal_anomalous   ? 
_reflns_shell.pdbx_percent_possible_spherical_anomalous     ? 
_reflns_shell.pdbx_redundancy_anomalous                     ? 
_reflns_shell.pdbx_CC_half_anomalous                        ? 
_reflns_shell.pdbx_absDiff_over_sigma_anomalous             ? 
_reflns_shell.pdbx_percent_possible_anomalous               ? 
# 
_refine.aniso_B[1][1]                            0.151 
_refine.aniso_B[1][2]                            0.000 
_refine.aniso_B[1][3]                            0.738 
_refine.aniso_B[2][2]                            0.197 
_refine.aniso_B[2][3]                            0.000 
_refine.aniso_B[3][3]                            -0.582 
_refine.B_iso_max                                ? 
_refine.B_iso_mean                               18.842 
_refine.B_iso_min                                ? 
_refine.correlation_coeff_Fo_to_Fc               0.971 
_refine.correlation_coeff_Fo_to_Fc_free          0.962 
_refine.details                                  'Hydrogens have not been used' 
_refine.diff_density_max                         ? 
_refine.diff_density_max_esd                     ? 
_refine.diff_density_min                         ? 
_refine.diff_density_min_esd                     ? 
_refine.diff_density_rms                         ? 
_refine.diff_density_rms_esd                     ? 
_refine.entry_id                                 9GH3 
_refine.pdbx_refine_id                           'X-RAY DIFFRACTION' 
_refine.ls_abs_structure_details                 ? 
_refine.ls_abs_structure_Flack                   ? 
_refine.ls_abs_structure_Flack_esd               ? 
_refine.ls_abs_structure_Rogers                  ? 
_refine.ls_abs_structure_Rogers_esd              ? 
_refine.ls_d_res_high                            1.190 
_refine.ls_d_res_low                             41.210 
_refine.ls_extinction_coef                       ? 
_refine.ls_extinction_coef_esd                   ? 
_refine.ls_extinction_expression                 ? 
_refine.ls_extinction_method                     ? 
_refine.ls_goodness_of_fit_all                   ? 
_refine.ls_goodness_of_fit_all_esd               ? 
_refine.ls_goodness_of_fit_obs                   ? 
_refine.ls_goodness_of_fit_obs_esd               ? 
_refine.ls_hydrogen_treatment                    ? 
_refine.ls_matrix_type                           ? 
_refine.ls_number_constraints                    ? 
_refine.ls_number_parameters                     ? 
_refine.ls_number_reflns_all                     ? 
_refine.ls_number_reflns_obs                     37594 
_refine.ls_number_reflns_R_free                  1868 
_refine.ls_number_reflns_R_work                  35726 
_refine.ls_number_restraints                     ? 
_refine.ls_percent_reflns_obs                    94.424 
_refine.ls_percent_reflns_R_free                 4.969 
_refine.ls_R_factor_all                          0.180 
_refine.ls_R_factor_obs                          ? 
_refine.ls_R_factor_R_free                       0.2022 
_refine.ls_R_factor_R_free_error                 ? 
_refine.ls_R_factor_R_free_error_details         ? 
_refine.ls_R_factor_R_work                       0.1791 
_refine.ls_R_Fsqd_factor_obs                     ? 
_refine.ls_R_I_factor_obs                        ? 
_refine.ls_redundancy_reflns_all                 ? 
_refine.ls_redundancy_reflns_obs                 ? 
_refine.ls_restrained_S_all                      ? 
_refine.ls_restrained_S_obs                      ? 
_refine.ls_shift_over_esd_max                    ? 
_refine.ls_shift_over_esd_mean                   ? 
_refine.ls_structure_factor_coef                 ? 
_refine.ls_weighting_details                     ? 
_refine.ls_weighting_scheme                      ? 
_refine.ls_wR_factor_all                         ? 
_refine.ls_wR_factor_obs                         ? 
_refine.ls_wR_factor_R_free                      ? 
_refine.ls_wR_factor_R_work                      ? 
_refine.occupancy_max                            ? 
_refine.occupancy_min                            ? 
_refine.solvent_model_details                    'MASK BULK SOLVENT' 
_refine.solvent_model_param_bsol                 ? 
_refine.solvent_model_param_ksol                 ? 
_refine.pdbx_R_complete                          ? 
_refine.ls_R_factor_gt                           ? 
_refine.ls_goodness_of_fit_gt                    ? 
_refine.ls_goodness_of_fit_ref                   ? 
_refine.ls_shift_over_su_max                     ? 
_refine.ls_shift_over_su_max_lt                  ? 
_refine.ls_shift_over_su_mean                    ? 
_refine.ls_shift_over_su_mean_lt                 ? 
_refine.pdbx_ls_sigma_I                          ? 
_refine.pdbx_ls_sigma_F                          ? 
_refine.pdbx_ls_sigma_Fsqd                       ? 
_refine.pdbx_data_cutoff_high_absF               ? 
_refine.pdbx_data_cutoff_high_rms_absF           ? 
_refine.pdbx_data_cutoff_low_absF                ? 
_refine.pdbx_isotropic_thermal_model             ? 
_refine.pdbx_ls_cross_valid_method               'FREE R-VALUE' 
_refine.pdbx_method_to_determine_struct          'MOLECULAR REPLACEMENT' 
_refine.pdbx_starting_model                      ? 
_refine.pdbx_stereochemistry_target_values       ? 
_refine.pdbx_R_Free_selection_details            ? 
_refine.pdbx_stereochem_target_val_spec_case     ? 
_refine.pdbx_overall_ESU_R                       0.046 
_refine.pdbx_overall_ESU_R_Free                  0.048 
_refine.pdbx_solvent_vdw_probe_radii             1.200 
_refine.pdbx_solvent_ion_probe_radii             0.800 
_refine.pdbx_solvent_shrinkage_radii             0.800 
_refine.pdbx_real_space_R                        ? 
_refine.pdbx_density_correlation                 ? 
_refine.pdbx_pd_number_of_powder_patterns        ? 
_refine.pdbx_pd_number_of_points                 ? 
_refine.pdbx_pd_meas_number_of_points            ? 
_refine.pdbx_pd_proc_ls_prof_R_factor            ? 
_refine.pdbx_pd_proc_ls_prof_wR_factor           ? 
_refine.pdbx_pd_Marquardt_correlation_coeff      ? 
_refine.pdbx_pd_Fsqrd_R_factor                   ? 
_refine.pdbx_pd_ls_matrix_band_width             ? 
_refine.pdbx_overall_phase_error                 ? 
_refine.pdbx_overall_SU_R_free_Cruickshank_DPI   ? 
_refine.pdbx_overall_SU_R_free_Blow_DPI          ? 
_refine.pdbx_overall_SU_R_Blow_DPI               ? 
_refine.pdbx_TLS_residual_ADP_flag               ? 
_refine.pdbx_diffrn_id                           1 
_refine.overall_SU_B                             0.821 
_refine.overall_SU_ML                            0.036 
_refine.overall_SU_R_Cruickshank_DPI             ? 
_refine.overall_SU_R_free                        ? 
_refine.overall_FOM_free_R_set                   ? 
_refine.overall_FOM_work_R_set                   ? 
_refine.pdbx_average_fsc_overall                 ? 
_refine.pdbx_average_fsc_work                    ? 
_refine.pdbx_average_fsc_free                    ? 
# 
_refine_hist.pdbx_refine_id                   'X-RAY DIFFRACTION' 
_refine_hist.cycle_id                         LAST 
_refine_hist.details                          ? 
_refine_hist.d_res_high                       1.190 
_refine_hist.d_res_low                        41.210 
_refine_hist.number_atoms_solvent             220 
_refine_hist.number_atoms_total               1277 
_refine_hist.number_reflns_all                ? 
_refine_hist.number_reflns_obs                ? 
_refine_hist.number_reflns_R_free             ? 
_refine_hist.number_reflns_R_work             ? 
_refine_hist.R_factor_all                     ? 
_refine_hist.R_factor_obs                     ? 
_refine_hist.R_factor_R_free                  ? 
_refine_hist.R_factor_R_work                  ? 
_refine_hist.pdbx_number_residues_total       ? 
_refine_hist.pdbx_B_iso_mean_ligand           ? 
_refine_hist.pdbx_B_iso_mean_solvent          ? 
_refine_hist.pdbx_number_atoms_protein        1053 
_refine_hist.pdbx_number_atoms_nucleic_acid   0 
_refine_hist.pdbx_number_atoms_ligand         4 
_refine_hist.pdbx_number_atoms_lipid          ? 
_refine_hist.pdbx_number_atoms_carb           ? 
_refine_hist.pdbx_pseudo_atom_details         ? 
# 
loop_
_refine_ls_restr.pdbx_refine_id 
_refine_ls_restr.criterion 
_refine_ls_restr.dev_ideal 
_refine_ls_restr.dev_ideal_target 
_refine_ls_restr.number 
_refine_ls_restr.rejects 
_refine_ls_restr.type 
_refine_ls_restr.weight 
_refine_ls_restr.pdbx_restraint_function 
'X-RAY DIFFRACTION' ? 0.015  0.012  1140 ? r_bond_refined_d               ? ? 
'X-RAY DIFFRACTION' ? 2.041  1.843  1547 ? r_angle_refined_deg            ? ? 
'X-RAY DIFFRACTION' ? 4.726  5.000  140  ? r_dihedral_angle_1_deg         ? ? 
'X-RAY DIFFRACTION' ? 11.902 5.000  10   ? r_dihedral_angle_2_deg         ? ? 
'X-RAY DIFFRACTION' ? 11.332 10.000 203  ? r_dihedral_angle_3_deg         ? ? 
'X-RAY DIFFRACTION' ? 16.204 10.000 59   ? r_dihedral_angle_6_deg         ? ? 
'X-RAY DIFFRACTION' ? 0.110  0.200  163  ? r_chiral_restr                 ? ? 
'X-RAY DIFFRACTION' ? 0.010  0.020  889  ? r_gen_planes_refined           ? ? 
'X-RAY DIFFRACTION' ? 0.200  0.200  457  ? r_nbd_refined                  ? ? 
'X-RAY DIFFRACTION' ? 0.297  0.200  768  ? r_nbtor_refined                ? ? 
'X-RAY DIFFRACTION' ? 0.203  0.200  121  ? r_xyhbond_nbd_refined          ? ? 
'X-RAY DIFFRACTION' ? 0.169  0.200  71   ? r_symmetry_nbd_refined         ? ? 
'X-RAY DIFFRACTION' ? 0.199  0.200  21   ? r_symmetry_xyhbond_nbd_refined ? ? 
'X-RAY DIFFRACTION' ? 1.178  1.426  545  ? r_mcbond_it                    ? ? 
'X-RAY DIFFRACTION' ? 1.598  2.590  690  ? r_mcangle_it                   ? ? 
'X-RAY DIFFRACTION' ? 2.781  1.755  595  ? r_scbond_it                    ? ? 
'X-RAY DIFFRACTION' ? 4.040  3.111  857  ? r_scangle_it                   ? ? 
'X-RAY DIFFRACTION' ? 5.520  23.772 1800 ? r_lrange_it                    ? ? 
# 
loop_
_refine_ls_shell.pdbx_refine_id 
_refine_ls_shell.d_res_high 
_refine_ls_shell.d_res_low 
_refine_ls_shell.number_reflns_all 
_refine_ls_shell.number_reflns_obs 
_refine_ls_shell.number_reflns_R_free 
_refine_ls_shell.number_reflns_R_work 
_refine_ls_shell.percent_reflns_obs 
_refine_ls_shell.percent_reflns_R_free 
_refine_ls_shell.R_factor_all 
_refine_ls_shell.R_factor_obs 
_refine_ls_shell.R_factor_R_free_error 
_refine_ls_shell.R_factor_R_work 
_refine_ls_shell.redundancy_reflns_all 
_refine_ls_shell.redundancy_reflns_obs 
_refine_ls_shell.wR_factor_all 
_refine_ls_shell.wR_factor_obs 
_refine_ls_shell.wR_factor_R_free 
_refine_ls_shell.wR_factor_R_work 
_refine_ls_shell.pdbx_R_complete 
_refine_ls_shell.pdbx_total_number_of_bins_used 
_refine_ls_shell.pdbx_phase_error 
_refine_ls_shell.pdbx_fsc_work 
_refine_ls_shell.pdbx_fsc_free 
_refine_ls_shell.R_factor_R_free 
'X-RAY DIFFRACTION' 1.190 1.221  2931 . 111 2394 85.4657 . 0.311 . . 0.310 . . . . . 0.299 . 20 . 0.919 0.915 0.329 
'X-RAY DIFFRACTION' 1.221 1.254  2800 . 110 2147 80.6071 . 0.309 . . 0.309 . . . . . 0.302 . 20 . 0.924 0.914 0.327 
'X-RAY DIFFRACTION' 1.254 1.291  2814 . 128 2292 85.9986 . 0.269 . . 0.268 . . . . . 0.257 . 20 . 0.943 0.939 0.287 
'X-RAY DIFFRACTION' 1.291 1.330  2653 . 132 2231 89.0690 . 0.244 . . 0.247 . . . . . 0.228 . 20 . 0.953 0.965 0.208 
'X-RAY DIFFRACTION' 1.330 1.374  2602 . 132 2429 98.4243 . 0.223 . . 0.222 . . . . . 0.198 . 20 . 0.965 0.956 0.243 
'X-RAY DIFFRACTION' 1.374 1.422  2562 . 108 2408 98.2045 . 0.208 . . 0.207 . . . . . 0.185 . 20 . 0.970 0.969 0.231 
'X-RAY DIFFRACTION' 1.422 1.476  2423 . 115 2259 97.9777 . 0.194 . . 0.193 . . . . . 0.170 . 20 . 0.975 0.970 0.223 
'X-RAY DIFFRACTION' 1.476 1.536  2333 . 115 2171 97.9854 . 0.171 . . 0.170 . . . . . 0.152 . 20 . 0.980 0.976 0.189 
'X-RAY DIFFRACTION' 1.536 1.604  2246 . 105 2094 97.9074 . 0.161 . . 0.159 . . . . . 0.143 . 20 . 0.984 0.977 0.182 
'X-RAY DIFFRACTION' 1.604 1.682  2173 . 102 2046 98.8495 . 0.157 . . 0.155 . . . . . 0.144 . 20 . 0.984 0.979 0.184 
'X-RAY DIFFRACTION' 1.682 1.773  2043 . 109 1883 97.5037 . 0.163 . . 0.161 . . . . . 0.151 . 20 . 0.983 0.976 0.187 
'X-RAY DIFFRACTION' 1.773 1.880  1948 . 99  1825 98.7680 . 0.166 . . 0.166 . . . . . 0.156 . 20 . 0.982 0.980 0.168 
'X-RAY DIFFRACTION' 1.880 2.010  1840 . 100 1712 98.4783 . 0.167 . . 0.165 . . . . . 0.159 . 20 . 0.983 0.977 0.197 
'X-RAY DIFFRACTION' 2.010 2.171  1698 . 89  1571 97.7621 . 0.159 . . 0.159 . . . . . 0.160 . 20 . 0.986 0.984 0.165 
'X-RAY DIFFRACTION' 2.171 2.377  1583 . 74  1478 98.0417 . 0.168 . . 0.166 . . . . . 0.171 . 20 . 0.984 0.975 0.200 
'X-RAY DIFFRACTION' 2.377 2.657  1447 . 69  1358 98.6178 . 0.172 . . 0.172 . . . . . 0.181 . 20 . 0.982 0.981 0.181 
'X-RAY DIFFRACTION' 2.657 3.065  1272 . 66  1180 97.9560 . 0.175 . . 0.174 . . . . . 0.191 . 20 . 0.981 0.975 0.192 
'X-RAY DIFFRACTION' 3.065 3.749  1077 . 48  984  95.8217 . 0.164 . . 0.162 . . . . . 0.186 . 20 . 0.983 0.972 0.212 
'X-RAY DIFFRACTION' 3.749 5.280  866  . 42  800  97.2286 . 0.164 . . 0.162 . . . . . 0.191 . 20 . 0.983 0.979 0.208 
'X-RAY DIFFRACTION' 5.280 41.210 501  . 14  463  95.2096 . 0.212 . . 0.211 . . . . . 0.267 . 20 . 0.973 0.970 0.249 
# 
_struct.entry_id                     9GH3 
_struct.title                        
'pleckstrin homology domain interacting protein with crystallization epitope mutations L1408N:R1409E' 
_struct.pdbx_model_details           ? 
_struct.pdbx_formula_weight          ? 
_struct.pdbx_formula_weight_method   ? 
_struct.pdbx_model_type_details      ? 
_struct.pdbx_CASP_flag               N 
# 
_struct_keywords.entry_id        9GH3 
_struct_keywords.text            'Crystal Epitopes, Bromodomain, PROTEIN BINDING' 
_struct_keywords.pdbx_keywords   'PROTEIN BINDING' 
# 
loop_
_struct_asym.id 
_struct_asym.pdbx_blank_PDB_chainid_flag 
_struct_asym.pdbx_modified 
_struct_asym.entity_id 
_struct_asym.details 
A N N 1 ? 
B N N 2 ? 
C N N 3 ? 
# 
_struct_ref.id                         1 
_struct_ref.db_name                    UNP 
_struct_ref.db_code                    PHIP_HUMAN 
_struct_ref.pdbx_db_accession          Q8WWQ0 
_struct_ref.pdbx_db_isoform            ? 
_struct_ref.entity_id                  1 
_struct_ref.pdbx_seq_one_letter_code   
;SYDIQAWKKQCEELLNLIFQCEDSEPFRQPVDLLEYPDYRDIIDTPMDFATVRETLEAGNYESPMELCKDVRLIFSNSKA
YTPSKRSRIYSMSLRLSAFFEEHISSVLSDYKSALRFHKRNTITKR
;
_struct_ref.pdbx_align_begin           1315 
# 
_struct_ref_seq.align_id                      1 
_struct_ref_seq.ref_id                        1 
_struct_ref_seq.pdbx_PDB_id_code              9GH3 
_struct_ref_seq.pdbx_strand_id                A 
_struct_ref_seq.seq_align_beg                 3 
_struct_ref_seq.pdbx_seq_align_beg_ins_code   ? 
_struct_ref_seq.seq_align_end                 128 
_struct_ref_seq.pdbx_seq_align_end_ins_code   ? 
_struct_ref_seq.pdbx_db_accession             Q8WWQ0 
_struct_ref_seq.db_align_beg                  1315 
_struct_ref_seq.pdbx_db_align_beg_ins_code    ? 
_struct_ref_seq.db_align_end                  1440 
_struct_ref_seq.pdbx_db_align_end_ins_code    ? 
_struct_ref_seq.pdbx_auth_seq_align_beg       1315 
_struct_ref_seq.pdbx_auth_seq_align_end       1440 
# 
loop_
_struct_ref_seq_dif.align_id 
_struct_ref_seq_dif.pdbx_pdb_id_code 
_struct_ref_seq_dif.mon_id 
_struct_ref_seq_dif.pdbx_pdb_strand_id 
_struct_ref_seq_dif.seq_num 
_struct_ref_seq_dif.pdbx_pdb_ins_code 
_struct_ref_seq_dif.pdbx_seq_db_name 
_struct_ref_seq_dif.pdbx_seq_db_accession_code 
_struct_ref_seq_dif.db_mon_id 
_struct_ref_seq_dif.pdbx_seq_db_seq_num 
_struct_ref_seq_dif.details 
_struct_ref_seq_dif.pdbx_auth_seq_num 
_struct_ref_seq_dif.pdbx_ordinal 
1 9GH3 SER A 1  ? UNP Q8WWQ0 ?   ?    'expression tag'      1313 1 
1 9GH3 MET A 2  ? UNP Q8WWQ0 ?   ?    'expression tag'      1314 2 
1 9GH3 ASN A 96 ? UNP Q8WWQ0 LEU 1408 'engineered mutation' 1408 3 
1 9GH3 GLU A 97 ? UNP Q8WWQ0 ARG 1409 'engineered mutation' 1409 4 
# 
_pdbx_struct_assembly.id                   1 
_pdbx_struct_assembly.details              author_defined_assembly 
_pdbx_struct_assembly.method_details       ? 
_pdbx_struct_assembly.oligomeric_details   monomeric 
_pdbx_struct_assembly.oligomeric_count     1 
# 
loop_
_pdbx_struct_assembly_prop.biol_id 
_pdbx_struct_assembly_prop.type 
_pdbx_struct_assembly_prop.value 
_pdbx_struct_assembly_prop.details 
1 'ABSA (A^2)' 260  ? 
1 MORE         3    ? 
1 'SSA (A^2)'  8500 ? 
# 
_pdbx_struct_assembly_gen.assembly_id       1 
_pdbx_struct_assembly_gen.oper_expression   1 
_pdbx_struct_assembly_gen.asym_id_list      A,B,C 
# 
_pdbx_struct_assembly_auth_evidence.id                     1 
_pdbx_struct_assembly_auth_evidence.assembly_id            1 
_pdbx_struct_assembly_auth_evidence.experimental_support   'gel filtration' 
_pdbx_struct_assembly_auth_evidence.details                ? 
# 
_pdbx_struct_oper_list.id                   1 
_pdbx_struct_oper_list.type                 'identity operation' 
_pdbx_struct_oper_list.name                 1_555 
_pdbx_struct_oper_list.symmetry_operation   x,y,z 
_pdbx_struct_oper_list.matrix[1][1]         1.0000000000 
_pdbx_struct_oper_list.matrix[1][2]         0.0000000000 
_pdbx_struct_oper_list.matrix[1][3]         0.0000000000 
_pdbx_struct_oper_list.vector[1]            0.0000000000 
_pdbx_struct_oper_list.matrix[2][1]         0.0000000000 
_pdbx_struct_oper_list.matrix[2][2]         1.0000000000 
_pdbx_struct_oper_list.matrix[2][3]         0.0000000000 
_pdbx_struct_oper_list.vector[2]            0.0000000000 
_pdbx_struct_oper_list.matrix[3][1]         0.0000000000 
_pdbx_struct_oper_list.matrix[3][2]         0.0000000000 
_pdbx_struct_oper_list.matrix[3][3]         1.0000000000 
_pdbx_struct_oper_list.vector[3]            0.0000000000 
# 
loop_
_struct_conf.conf_type_id 
_struct_conf.id 
_struct_conf.pdbx_PDB_helix_id 
_struct_conf.beg_label_comp_id 
_struct_conf.beg_label_asym_id 
_struct_conf.beg_label_seq_id 
_struct_conf.pdbx_beg_PDB_ins_code 
_struct_conf.end_label_comp_id 
_struct_conf.end_label_asym_id 
_struct_conf.end_label_seq_id 
_struct_conf.pdbx_end_PDB_ins_code 
_struct_conf.beg_auth_comp_id 
_struct_conf.beg_auth_asym_id 
_struct_conf.beg_auth_seq_id 
_struct_conf.end_auth_comp_id 
_struct_conf.end_auth_asym_id 
_struct_conf.end_auth_seq_id 
_struct_conf.pdbx_PDB_helix_class 
_struct_conf.details 
_struct_conf.pdbx_PDB_helix_length 
HELX_P HELX_P1 AA1 ALA A 8  ? CYS A 23  ? ALA A 1320 CYS A 1335 1 ? 16 
HELX_P HELX_P2 AA2 GLU A 24 ? ARG A 30  ? GLU A 1336 ARG A 1342 5 ? 7  
HELX_P HELX_P3 AA3 ASP A 40 ? ILE A 45  ? ASP A 1352 ILE A 1357 1 ? 6  
HELX_P HELX_P4 AA4 ASP A 50 ? ALA A 60  ? ASP A 1362 ALA A 1372 1 ? 11 
HELX_P HELX_P5 AA5 SER A 65 ? THR A 84  ? SER A 1377 THR A 1396 1 ? 20 
HELX_P HELX_P6 AA6 SER A 89 ? ASN A 123 ? SER A 1401 ASN A 1435 1 ? 35 
# 
_struct_conf_type.id          HELX_P 
_struct_conf_type.criteria    ? 
_struct_conf_type.reference   ? 
# 
loop_
_pdbx_validate_close_contact.id 
_pdbx_validate_close_contact.PDB_model_num 
_pdbx_validate_close_contact.auth_atom_id_1 
_pdbx_validate_close_contact.auth_asym_id_1 
_pdbx_validate_close_contact.auth_comp_id_1 
_pdbx_validate_close_contact.auth_seq_id_1 
_pdbx_validate_close_contact.PDB_ins_code_1 
_pdbx_validate_close_contact.label_alt_id_1 
_pdbx_validate_close_contact.auth_atom_id_2 
_pdbx_validate_close_contact.auth_asym_id_2 
_pdbx_validate_close_contact.auth_comp_id_2 
_pdbx_validate_close_contact.auth_seq_id_2 
_pdbx_validate_close_contact.PDB_ins_code_2 
_pdbx_validate_close_contact.label_alt_id_2 
_pdbx_validate_close_contact.dist 
1 1 O A HOH 1778 ? ? O A HOH 1807 ? ? 1.90 
2 1 O A HOH 1727 ? ? O A HOH 1763 ? ? 2.10 
# 
loop_
_pdbx_validate_symm_contact.id 
_pdbx_validate_symm_contact.PDB_model_num 
_pdbx_validate_symm_contact.auth_atom_id_1 
_pdbx_validate_symm_contact.auth_asym_id_1 
_pdbx_validate_symm_contact.auth_comp_id_1 
_pdbx_validate_symm_contact.auth_seq_id_1 
_pdbx_validate_symm_contact.PDB_ins_code_1 
_pdbx_validate_symm_contact.label_alt_id_1 
_pdbx_validate_symm_contact.site_symmetry_1 
_pdbx_validate_symm_contact.auth_atom_id_2 
_pdbx_validate_symm_contact.auth_asym_id_2 
_pdbx_validate_symm_contact.auth_comp_id_2 
_pdbx_validate_symm_contact.auth_seq_id_2 
_pdbx_validate_symm_contact.PDB_ins_code_2 
_pdbx_validate_symm_contact.label_alt_id_2 
_pdbx_validate_symm_contact.site_symmetry_2 
_pdbx_validate_symm_contact.dist 
1 1 O A HOH 1664 ? ? 1_555 O A HOH 1732 ? ? 2_545 2.08 
2 1 O A HOH 1601 ? ? 1_555 O A HOH 1615 ? ? 4_456 2.13 
# 
loop_
_pdbx_validate_rmsd_angle.id 
_pdbx_validate_rmsd_angle.PDB_model_num 
_pdbx_validate_rmsd_angle.auth_atom_id_1 
_pdbx_validate_rmsd_angle.auth_asym_id_1 
_pdbx_validate_rmsd_angle.auth_comp_id_1 
_pdbx_validate_rmsd_angle.auth_seq_id_1 
_pdbx_validate_rmsd_angle.PDB_ins_code_1 
_pdbx_validate_rmsd_angle.label_alt_id_1 
_pdbx_validate_rmsd_angle.auth_atom_id_2 
_pdbx_validate_rmsd_angle.auth_asym_id_2 
_pdbx_validate_rmsd_angle.auth_comp_id_2 
_pdbx_validate_rmsd_angle.auth_seq_id_2 
_pdbx_validate_rmsd_angle.PDB_ins_code_2 
_pdbx_validate_rmsd_angle.label_alt_id_2 
_pdbx_validate_rmsd_angle.auth_atom_id_3 
_pdbx_validate_rmsd_angle.auth_asym_id_3 
_pdbx_validate_rmsd_angle.auth_comp_id_3 
_pdbx_validate_rmsd_angle.auth_seq_id_3 
_pdbx_validate_rmsd_angle.PDB_ins_code_3 
_pdbx_validate_rmsd_angle.label_alt_id_3 
_pdbx_validate_rmsd_angle.angle_value 
_pdbx_validate_rmsd_angle.angle_target_value 
_pdbx_validate_rmsd_angle.angle_deviation 
_pdbx_validate_rmsd_angle.angle_standard_deviation 
_pdbx_validate_rmsd_angle.linker_flag 
1 1 CG A GLU 1416 ? ? CD A GLU 1416 ? ? OE1 A GLU 1416 ? ? 132.18 118.30 13.88  2.00 N 
2 1 CG A GLU 1416 ? ? CD A GLU 1416 ? ? OE2 A GLU 1416 ? ? 100.86 118.30 -17.44 2.00 N 
# 
_pdbx_validate_planes.id              1 
_pdbx_validate_planes.PDB_model_num   1 
_pdbx_validate_planes.auth_comp_id    ARG 
_pdbx_validate_planes.auth_asym_id    A 
_pdbx_validate_planes.auth_seq_id     1367 
_pdbx_validate_planes.PDB_ins_code    ? 
_pdbx_validate_planes.label_alt_id    ? 
_pdbx_validate_planes.rmsd            0.149 
_pdbx_validate_planes.type            'SIDE CHAIN' 
# 
_pdbx_entry_details.entry_id                 9GH3 
_pdbx_entry_details.has_ligand_of_interest   N 
_pdbx_entry_details.compound_details         ? 
_pdbx_entry_details.source_details           ? 
_pdbx_entry_details.nonpolymer_details       ? 
_pdbx_entry_details.sequence_details         ? 
# 
loop_
_chem_comp_atom.comp_id 
_chem_comp_atom.atom_id 
_chem_comp_atom.type_symbol 
_chem_comp_atom.pdbx_aromatic_flag 
_chem_comp_atom.pdbx_stereo_config 
_chem_comp_atom.pdbx_ordinal 
ALA N    N N N 1   
ALA CA   C N S 2   
ALA C    C N N 3   
ALA O    O N N 4   
ALA CB   C N N 5   
ALA OXT  O N N 6   
ALA H    H N N 7   
ALA H2   H N N 8   
ALA HA   H N N 9   
ALA HB1  H N N 10  
ALA HB2  H N N 11  
ALA HB3  H N N 12  
ALA HXT  H N N 13  
ARG N    N N N 14  
ARG CA   C N S 15  
ARG C    C N N 16  
ARG O    O N N 17  
ARG CB   C N N 18  
ARG CG   C N N 19  
ARG CD   C N N 20  
ARG NE   N N N 21  
ARG CZ   C N N 22  
ARG NH1  N N N 23  
ARG NH2  N N N 24  
ARG OXT  O N N 25  
ARG H    H N N 26  
ARG H2   H N N 27  
ARG HA   H N N 28  
ARG HB2  H N N 29  
ARG HB3  H N N 30  
ARG HG2  H N N 31  
ARG HG3  H N N 32  
ARG HD2  H N N 33  
ARG HD3  H N N 34  
ARG HE   H N N 35  
ARG HH11 H N N 36  
ARG HH12 H N N 37  
ARG HH21 H N N 38  
ARG HH22 H N N 39  
ARG HXT  H N N 40  
ASN N    N N N 41  
ASN CA   C N S 42  
ASN C    C N N 43  
ASN O    O N N 44  
ASN CB   C N N 45  
ASN CG   C N N 46  
ASN OD1  O N N 47  
ASN ND2  N N N 48  
ASN OXT  O N N 49  
ASN H    H N N 50  
ASN H2   H N N 51  
ASN HA   H N N 52  
ASN HB2  H N N 53  
ASN HB3  H N N 54  
ASN HD21 H N N 55  
ASN HD22 H N N 56  
ASN HXT  H N N 57  
ASP N    N N N 58  
ASP CA   C N S 59  
ASP C    C N N 60  
ASP O    O N N 61  
ASP CB   C N N 62  
ASP CG   C N N 63  
ASP OD1  O N N 64  
ASP OD2  O N N 65  
ASP OXT  O N N 66  
ASP H    H N N 67  
ASP H2   H N N 68  
ASP HA   H N N 69  
ASP HB2  H N N 70  
ASP HB3  H N N 71  
ASP HD2  H N N 72  
ASP HXT  H N N 73  
CYS N    N N N 74  
CYS CA   C N R 75  
CYS C    C N N 76  
CYS O    O N N 77  
CYS CB   C N N 78  
CYS SG   S N N 79  
CYS OXT  O N N 80  
CYS H    H N N 81  
CYS H2   H N N 82  
CYS HA   H N N 83  
CYS HB2  H N N 84  
CYS HB3  H N N 85  
CYS HG   H N N 86  
CYS HXT  H N N 87  
EDO C1   C N N 88  
EDO O1   O N N 89  
EDO C2   C N N 90  
EDO O2   O N N 91  
EDO H11  H N N 92  
EDO H12  H N N 93  
EDO HO1  H N N 94  
EDO H21  H N N 95  
EDO H22  H N N 96  
EDO HO2  H N N 97  
GLN N    N N N 98  
GLN CA   C N S 99  
GLN C    C N N 100 
GLN O    O N N 101 
GLN CB   C N N 102 
GLN CG   C N N 103 
GLN CD   C N N 104 
GLN OE1  O N N 105 
GLN NE2  N N N 106 
GLN OXT  O N N 107 
GLN H    H N N 108 
GLN H2   H N N 109 
GLN HA   H N N 110 
GLN HB2  H N N 111 
GLN HB3  H N N 112 
GLN HG2  H N N 113 
GLN HG3  H N N 114 
GLN HE21 H N N 115 
GLN HE22 H N N 116 
GLN HXT  H N N 117 
GLU N    N N N 118 
GLU CA   C N S 119 
GLU C    C N N 120 
GLU O    O N N 121 
GLU CB   C N N 122 
GLU CG   C N N 123 
GLU CD   C N N 124 
GLU OE1  O N N 125 
GLU OE2  O N N 126 
GLU OXT  O N N 127 
GLU H    H N N 128 
GLU H2   H N N 129 
GLU HA   H N N 130 
GLU HB2  H N N 131 
GLU HB3  H N N 132 
GLU HG2  H N N 133 
GLU HG3  H N N 134 
GLU HE2  H N N 135 
GLU HXT  H N N 136 
GLY N    N N N 137 
GLY CA   C N N 138 
GLY C    C N N 139 
GLY O    O N N 140 
GLY OXT  O N N 141 
GLY H    H N N 142 
GLY H2   H N N 143 
GLY HA2  H N N 144 
GLY HA3  H N N 145 
GLY HXT  H N N 146 
HIS N    N N N 147 
HIS CA   C N S 148 
HIS C    C N N 149 
HIS O    O N N 150 
HIS CB   C N N 151 
HIS CG   C Y N 152 
HIS ND1  N Y N 153 
HIS CD2  C Y N 154 
HIS CE1  C Y N 155 
HIS NE2  N Y N 156 
HIS OXT  O N N 157 
HIS H    H N N 158 
HIS H2   H N N 159 
HIS HA   H N N 160 
HIS HB2  H N N 161 
HIS HB3  H N N 162 
HIS HD1  H N N 163 
HIS HD2  H N N 164 
HIS HE1  H N N 165 
HIS HE2  H N N 166 
HIS HXT  H N N 167 
HOH O    O N N 168 
HOH H1   H N N 169 
HOH H2   H N N 170 
ILE N    N N N 171 
ILE CA   C N S 172 
ILE C    C N N 173 
ILE O    O N N 174 
ILE CB   C N S 175 
ILE CG1  C N N 176 
ILE CG2  C N N 177 
ILE CD1  C N N 178 
ILE OXT  O N N 179 
ILE H    H N N 180 
ILE H2   H N N 181 
ILE HA   H N N 182 
ILE HB   H N N 183 
ILE HG12 H N N 184 
ILE HG13 H N N 185 
ILE HG21 H N N 186 
ILE HG22 H N N 187 
ILE HG23 H N N 188 
ILE HD11 H N N 189 
ILE HD12 H N N 190 
ILE HD13 H N N 191 
ILE HXT  H N N 192 
LEU N    N N N 193 
LEU CA   C N S 194 
LEU C    C N N 195 
LEU O    O N N 196 
LEU CB   C N N 197 
LEU CG   C N N 198 
LEU CD1  C N N 199 
LEU CD2  C N N 200 
LEU OXT  O N N 201 
LEU H    H N N 202 
LEU H2   H N N 203 
LEU HA   H N N 204 
LEU HB2  H N N 205 
LEU HB3  H N N 206 
LEU HG   H N N 207 
LEU HD11 H N N 208 
LEU HD12 H N N 209 
LEU HD13 H N N 210 
LEU HD21 H N N 211 
LEU HD22 H N N 212 
LEU HD23 H N N 213 
LEU HXT  H N N 214 
LYS N    N N N 215 
LYS CA   C N S 216 
LYS C    C N N 217 
LYS O    O N N 218 
LYS CB   C N N 219 
LYS CG   C N N 220 
LYS CD   C N N 221 
LYS CE   C N N 222 
LYS NZ   N N N 223 
LYS OXT  O N N 224 
LYS H    H N N 225 
LYS H2   H N N 226 
LYS HA   H N N 227 
LYS HB2  H N N 228 
LYS HB3  H N N 229 
LYS HG2  H N N 230 
LYS HG3  H N N 231 
LYS HD2  H N N 232 
LYS HD3  H N N 233 
LYS HE2  H N N 234 
LYS HE3  H N N 235 
LYS HZ1  H N N 236 
LYS HZ2  H N N 237 
LYS HZ3  H N N 238 
LYS HXT  H N N 239 
MET N    N N N 240 
MET CA   C N S 241 
MET C    C N N 242 
MET O    O N N 243 
MET CB   C N N 244 
MET CG   C N N 245 
MET SD   S N N 246 
MET CE   C N N 247 
MET OXT  O N N 248 
MET H    H N N 249 
MET H2   H N N 250 
MET HA   H N N 251 
MET HB2  H N N 252 
MET HB3  H N N 253 
MET HG2  H N N 254 
MET HG3  H N N 255 
MET HE1  H N N 256 
MET HE2  H N N 257 
MET HE3  H N N 258 
MET HXT  H N N 259 
PHE N    N N N 260 
PHE CA   C N S 261 
PHE C    C N N 262 
PHE O    O N N 263 
PHE CB   C N N 264 
PHE CG   C Y N 265 
PHE CD1  C Y N 266 
PHE CD2  C Y N 267 
PHE CE1  C Y N 268 
PHE CE2  C Y N 269 
PHE CZ   C Y N 270 
PHE OXT  O N N 271 
PHE H    H N N 272 
PHE H2   H N N 273 
PHE HA   H N N 274 
PHE HB2  H N N 275 
PHE HB3  H N N 276 
PHE HD1  H N N 277 
PHE HD2  H N N 278 
PHE HE1  H N N 279 
PHE HE2  H N N 280 
PHE HZ   H N N 281 
PHE HXT  H N N 282 
PRO N    N N N 283 
PRO CA   C N S 284 
PRO C    C N N 285 
PRO O    O N N 286 
PRO CB   C N N 287 
PRO CG   C N N 288 
PRO CD   C N N 289 
PRO OXT  O N N 290 
PRO H    H N N 291 
PRO HA   H N N 292 
PRO HB2  H N N 293 
PRO HB3  H N N 294 
PRO HG2  H N N 295 
PRO HG3  H N N 296 
PRO HD2  H N N 297 
PRO HD3  H N N 298 
PRO HXT  H N N 299 
SER N    N N N 300 
SER CA   C N S 301 
SER C    C N N 302 
SER O    O N N 303 
SER CB   C N N 304 
SER OG   O N N 305 
SER OXT  O N N 306 
SER H    H N N 307 
SER H2   H N N 308 
SER HA   H N N 309 
SER HB2  H N N 310 
SER HB3  H N N 311 
SER HG   H N N 312 
SER HXT  H N N 313 
THR N    N N N 314 
THR CA   C N S 315 
THR C    C N N 316 
THR O    O N N 317 
THR CB   C N R 318 
THR OG1  O N N 319 
THR CG2  C N N 320 
THR OXT  O N N 321 
THR H    H N N 322 
THR H2   H N N 323 
THR HA   H N N 324 
THR HB   H N N 325 
THR HG1  H N N 326 
THR HG21 H N N 327 
THR HG22 H N N 328 
THR HG23 H N N 329 
THR HXT  H N N 330 
TRP N    N N N 331 
TRP CA   C N S 332 
TRP C    C N N 333 
TRP O    O N N 334 
TRP CB   C N N 335 
TRP CG   C Y N 336 
TRP CD1  C Y N 337 
TRP CD2  C Y N 338 
TRP NE1  N Y N 339 
TRP CE2  C Y N 340 
TRP CE3  C Y N 341 
TRP CZ2  C Y N 342 
TRP CZ3  C Y N 343 
TRP CH2  C Y N 344 
TRP OXT  O N N 345 
TRP H    H N N 346 
TRP H2   H N N 347 
TRP HA   H N N 348 
TRP HB2  H N N 349 
TRP HB3  H N N 350 
TRP HD1  H N N 351 
TRP HE1  H N N 352 
TRP HE3  H N N 353 
TRP HZ2  H N N 354 
TRP HZ3  H N N 355 
TRP HH2  H N N 356 
TRP HXT  H N N 357 
TYR N    N N N 358 
TYR CA   C N S 359 
TYR C    C N N 360 
TYR O    O N N 361 
TYR CB   C N N 362 
TYR CG   C Y N 363 
TYR CD1  C Y N 364 
TYR CD2  C Y N 365 
TYR CE1  C Y N 366 
TYR CE2  C Y N 367 
TYR CZ   C Y N 368 
TYR OH   O N N 369 
TYR OXT  O N N 370 
TYR H    H N N 371 
TYR H2   H N N 372 
TYR HA   H N N 373 
TYR HB2  H N N 374 
TYR HB3  H N N 375 
TYR HD1  H N N 376 
TYR HD2  H N N 377 
TYR HE1  H N N 378 
TYR HE2  H N N 379 
TYR HH   H N N 380 
TYR HXT  H N N 381 
VAL N    N N N 382 
VAL CA   C N S 383 
VAL C    C N N 384 
VAL O    O N N 385 
VAL CB   C N N 386 
VAL CG1  C N N 387 
VAL CG2  C N N 388 
VAL OXT  O N N 389 
VAL H    H N N 390 
VAL H2   H N N 391 
VAL HA   H N N 392 
VAL HB   H N N 393 
VAL HG11 H N N 394 
VAL HG12 H N N 395 
VAL HG13 H N N 396 
VAL HG21 H N N 397 
VAL HG22 H N N 398 
VAL HG23 H N N 399 
VAL HXT  H N N 400 
# 
loop_
_chem_comp_bond.comp_id 
_chem_comp_bond.atom_id_1 
_chem_comp_bond.atom_id_2 
_chem_comp_bond.value_order 
_chem_comp_bond.pdbx_aromatic_flag 
_chem_comp_bond.pdbx_stereo_config 
_chem_comp_bond.pdbx_ordinal 
ALA N   CA   sing N N 1   
ALA N   H    sing N N 2   
ALA N   H2   sing N N 3   
ALA CA  C    sing N N 4   
ALA CA  CB   sing N N 5   
ALA CA  HA   sing N N 6   
ALA C   O    doub N N 7   
ALA C   OXT  sing N N 8   
ALA CB  HB1  sing N N 9   
ALA CB  HB2  sing N N 10  
ALA CB  HB3  sing N N 11  
ALA OXT HXT  sing N N 12  
ARG N   CA   sing N N 13  
ARG N   H    sing N N 14  
ARG N   H2   sing N N 15  
ARG CA  C    sing N N 16  
ARG CA  CB   sing N N 17  
ARG CA  HA   sing N N 18  
ARG C   O    doub N N 19  
ARG C   OXT  sing N N 20  
ARG CB  CG   sing N N 21  
ARG CB  HB2  sing N N 22  
ARG CB  HB3  sing N N 23  
ARG CG  CD   sing N N 24  
ARG CG  HG2  sing N N 25  
ARG CG  HG3  sing N N 26  
ARG CD  NE   sing N N 27  
ARG CD  HD2  sing N N 28  
ARG CD  HD3  sing N N 29  
ARG NE  CZ   sing N N 30  
ARG NE  HE   sing N N 31  
ARG CZ  NH1  sing N N 32  
ARG CZ  NH2  doub N N 33  
ARG NH1 HH11 sing N N 34  
ARG NH1 HH12 sing N N 35  
ARG NH2 HH21 sing N N 36  
ARG NH2 HH22 sing N N 37  
ARG OXT HXT  sing N N 38  
ASN N   CA   sing N N 39  
ASN N   H    sing N N 40  
ASN N   H2   sing N N 41  
ASN CA  C    sing N N 42  
ASN CA  CB   sing N N 43  
ASN CA  HA   sing N N 44  
ASN C   O    doub N N 45  
ASN C   OXT  sing N N 46  
ASN CB  CG   sing N N 47  
ASN CB  HB2  sing N N 48  
ASN CB  HB3  sing N N 49  
ASN CG  OD1  doub N N 50  
ASN CG  ND2  sing N N 51  
ASN ND2 HD21 sing N N 52  
ASN ND2 HD22 sing N N 53  
ASN OXT HXT  sing N N 54  
ASP N   CA   sing N N 55  
ASP N   H    sing N N 56  
ASP N   H2   sing N N 57  
ASP CA  C    sing N N 58  
ASP CA  CB   sing N N 59  
ASP CA  HA   sing N N 60  
ASP C   O    doub N N 61  
ASP C   OXT  sing N N 62  
ASP CB  CG   sing N N 63  
ASP CB  HB2  sing N N 64  
ASP CB  HB3  sing N N 65  
ASP CG  OD1  doub N N 66  
ASP CG  OD2  sing N N 67  
ASP OD2 HD2  sing N N 68  
ASP OXT HXT  sing N N 69  
CYS N   CA   sing N N 70  
CYS N   H    sing N N 71  
CYS N   H2   sing N N 72  
CYS CA  C    sing N N 73  
CYS CA  CB   sing N N 74  
CYS CA  HA   sing N N 75  
CYS C   O    doub N N 76  
CYS C   OXT  sing N N 77  
CYS CB  SG   sing N N 78  
CYS CB  HB2  sing N N 79  
CYS CB  HB3  sing N N 80  
CYS SG  HG   sing N N 81  
CYS OXT HXT  sing N N 82  
EDO C1  O1   sing N N 83  
EDO C1  C2   sing N N 84  
EDO C1  H11  sing N N 85  
EDO C1  H12  sing N N 86  
EDO O1  HO1  sing N N 87  
EDO C2  O2   sing N N 88  
EDO C2  H21  sing N N 89  
EDO C2  H22  sing N N 90  
EDO O2  HO2  sing N N 91  
GLN N   CA   sing N N 92  
GLN N   H    sing N N 93  
GLN N   H2   sing N N 94  
GLN CA  C    sing N N 95  
GLN CA  CB   sing N N 96  
GLN CA  HA   sing N N 97  
GLN C   O    doub N N 98  
GLN C   OXT  sing N N 99  
GLN CB  CG   sing N N 100 
GLN CB  HB2  sing N N 101 
GLN CB  HB3  sing N N 102 
GLN CG  CD   sing N N 103 
GLN CG  HG2  sing N N 104 
GLN CG  HG3  sing N N 105 
GLN CD  OE1  doub N N 106 
GLN CD  NE2  sing N N 107 
GLN NE2 HE21 sing N N 108 
GLN NE2 HE22 sing N N 109 
GLN OXT HXT  sing N N 110 
GLU N   CA   sing N N 111 
GLU N   H    sing N N 112 
GLU N   H2   sing N N 113 
GLU CA  C    sing N N 114 
GLU CA  CB   sing N N 115 
GLU CA  HA   sing N N 116 
GLU C   O    doub N N 117 
GLU C   OXT  sing N N 118 
GLU CB  CG   sing N N 119 
GLU CB  HB2  sing N N 120 
GLU CB  HB3  sing N N 121 
GLU CG  CD   sing N N 122 
GLU CG  HG2  sing N N 123 
GLU CG  HG3  sing N N 124 
GLU CD  OE1  doub N N 125 
GLU CD  OE2  sing N N 126 
GLU OE2 HE2  sing N N 127 
GLU OXT HXT  sing N N 128 
GLY N   CA   sing N N 129 
GLY N   H    sing N N 130 
GLY N   H2   sing N N 131 
GLY CA  C    sing N N 132 
GLY CA  HA2  sing N N 133 
GLY CA  HA3  sing N N 134 
GLY C   O    doub N N 135 
GLY C   OXT  sing N N 136 
GLY OXT HXT  sing N N 137 
HIS N   CA   sing N N 138 
HIS N   H    sing N N 139 
HIS N   H2   sing N N 140 
HIS CA  C    sing N N 141 
HIS CA  CB   sing N N 142 
HIS CA  HA   sing N N 143 
HIS C   O    doub N N 144 
HIS C   OXT  sing N N 145 
HIS CB  CG   sing N N 146 
HIS CB  HB2  sing N N 147 
HIS CB  HB3  sing N N 148 
HIS CG  ND1  sing Y N 149 
HIS CG  CD2  doub Y N 150 
HIS ND1 CE1  doub Y N 151 
HIS ND1 HD1  sing N N 152 
HIS CD2 NE2  sing Y N 153 
HIS CD2 HD2  sing N N 154 
HIS CE1 NE2  sing Y N 155 
HIS CE1 HE1  sing N N 156 
HIS NE2 HE2  sing N N 157 
HIS OXT HXT  sing N N 158 
HOH O   H1   sing N N 159 
HOH O   H2   sing N N 160 
ILE N   CA   sing N N 161 
ILE N   H    sing N N 162 
ILE N   H2   sing N N 163 
ILE CA  C    sing N N 164 
ILE CA  CB   sing N N 165 
ILE CA  HA   sing N N 166 
ILE C   O    doub N N 167 
ILE C   OXT  sing N N 168 
ILE CB  CG1  sing N N 169 
ILE CB  CG2  sing N N 170 
ILE CB  HB   sing N N 171 
ILE CG1 CD1  sing N N 172 
ILE CG1 HG12 sing N N 173 
ILE CG1 HG13 sing N N 174 
ILE CG2 HG21 sing N N 175 
ILE CG2 HG22 sing N N 176 
ILE CG2 HG23 sing N N 177 
ILE CD1 HD11 sing N N 178 
ILE CD1 HD12 sing N N 179 
ILE CD1 HD13 sing N N 180 
ILE OXT HXT  sing N N 181 
LEU N   CA   sing N N 182 
LEU N   H    sing N N 183 
LEU N   H2   sing N N 184 
LEU CA  C    sing N N 185 
LEU CA  CB   sing N N 186 
LEU CA  HA   sing N N 187 
LEU C   O    doub N N 188 
LEU C   OXT  sing N N 189 
LEU CB  CG   sing N N 190 
LEU CB  HB2  sing N N 191 
LEU CB  HB3  sing N N 192 
LEU CG  CD1  sing N N 193 
LEU CG  CD2  sing N N 194 
LEU CG  HG   sing N N 195 
LEU CD1 HD11 sing N N 196 
LEU CD1 HD12 sing N N 197 
LEU CD1 HD13 sing N N 198 
LEU CD2 HD21 sing N N 199 
LEU CD2 HD22 sing N N 200 
LEU CD2 HD23 sing N N 201 
LEU OXT HXT  sing N N 202 
LYS N   CA   sing N N 203 
LYS N   H    sing N N 204 
LYS N   H2   sing N N 205 
LYS CA  C    sing N N 206 
LYS CA  CB   sing N N 207 
LYS CA  HA   sing N N 208 
LYS C   O    doub N N 209 
LYS C   OXT  sing N N 210 
LYS CB  CG   sing N N 211 
LYS CB  HB2  sing N N 212 
LYS CB  HB3  sing N N 213 
LYS CG  CD   sing N N 214 
LYS CG  HG2  sing N N 215 
LYS CG  HG3  sing N N 216 
LYS CD  CE   sing N N 217 
LYS CD  HD2  sing N N 218 
LYS CD  HD3  sing N N 219 
LYS CE  NZ   sing N N 220 
LYS CE  HE2  sing N N 221 
LYS CE  HE3  sing N N 222 
LYS NZ  HZ1  sing N N 223 
LYS NZ  HZ2  sing N N 224 
LYS NZ  HZ3  sing N N 225 
LYS OXT HXT  sing N N 226 
MET N   CA   sing N N 227 
MET N   H    sing N N 228 
MET N   H2   sing N N 229 
MET CA  C    sing N N 230 
MET CA  CB   sing N N 231 
MET CA  HA   sing N N 232 
MET C   O    doub N N 233 
MET C   OXT  sing N N 234 
MET CB  CG   sing N N 235 
MET CB  HB2  sing N N 236 
MET CB  HB3  sing N N 237 
MET CG  SD   sing N N 238 
MET CG  HG2  sing N N 239 
MET CG  HG3  sing N N 240 
MET SD  CE   sing N N 241 
MET CE  HE1  sing N N 242 
MET CE  HE2  sing N N 243 
MET CE  HE3  sing N N 244 
MET OXT HXT  sing N N 245 
PHE N   CA   sing N N 246 
PHE N   H    sing N N 247 
PHE N   H2   sing N N 248 
PHE CA  C    sing N N 249 
PHE CA  CB   sing N N 250 
PHE CA  HA   sing N N 251 
PHE C   O    doub N N 252 
PHE C   OXT  sing N N 253 
PHE CB  CG   sing N N 254 
PHE CB  HB2  sing N N 255 
PHE CB  HB3  sing N N 256 
PHE CG  CD1  doub Y N 257 
PHE CG  CD2  sing Y N 258 
PHE CD1 CE1  sing Y N 259 
PHE CD1 HD1  sing N N 260 
PHE CD2 CE2  doub Y N 261 
PHE CD2 HD2  sing N N 262 
PHE CE1 CZ   doub Y N 263 
PHE CE1 HE1  sing N N 264 
PHE CE2 CZ   sing Y N 265 
PHE CE2 HE2  sing N N 266 
PHE CZ  HZ   sing N N 267 
PHE OXT HXT  sing N N 268 
PRO N   CA   sing N N 269 
PRO N   CD   sing N N 270 
PRO N   H    sing N N 271 
PRO CA  C    sing N N 272 
PRO CA  CB   sing N N 273 
PRO CA  HA   sing N N 274 
PRO C   O    doub N N 275 
PRO C   OXT  sing N N 276 
PRO CB  CG   sing N N 277 
PRO CB  HB2  sing N N 278 
PRO CB  HB3  sing N N 279 
PRO CG  CD   sing N N 280 
PRO CG  HG2  sing N N 281 
PRO CG  HG3  sing N N 282 
PRO CD  HD2  sing N N 283 
PRO CD  HD3  sing N N 284 
PRO OXT HXT  sing N N 285 
SER N   CA   sing N N 286 
SER N   H    sing N N 287 
SER N   H2   sing N N 288 
SER CA  C    sing N N 289 
SER CA  CB   sing N N 290 
SER CA  HA   sing N N 291 
SER C   O    doub N N 292 
SER C   OXT  sing N N 293 
SER CB  OG   sing N N 294 
SER CB  HB2  sing N N 295 
SER CB  HB3  sing N N 296 
SER OG  HG   sing N N 297 
SER OXT HXT  sing N N 298 
THR N   CA   sing N N 299 
THR N   H    sing N N 300 
THR N   H2   sing N N 301 
THR CA  C    sing N N 302 
THR CA  CB   sing N N 303 
THR CA  HA   sing N N 304 
THR C   O    doub N N 305 
THR C   OXT  sing N N 306 
THR CB  OG1  sing N N 307 
THR CB  CG2  sing N N 308 
THR CB  HB   sing N N 309 
THR OG1 HG1  sing N N 310 
THR CG2 HG21 sing N N 311 
THR CG2 HG22 sing N N 312 
THR CG2 HG23 sing N N 313 
THR OXT HXT  sing N N 314 
TRP N   CA   sing N N 315 
TRP N   H    sing N N 316 
TRP N   H2   sing N N 317 
TRP CA  C    sing N N 318 
TRP CA  CB   sing N N 319 
TRP CA  HA   sing N N 320 
TRP C   O    doub N N 321 
TRP C   OXT  sing N N 322 
TRP CB  CG   sing N N 323 
TRP CB  HB2  sing N N 324 
TRP CB  HB3  sing N N 325 
TRP CG  CD1  doub Y N 326 
TRP CG  CD2  sing Y N 327 
TRP CD1 NE1  sing Y N 328 
TRP CD1 HD1  sing N N 329 
TRP CD2 CE2  doub Y N 330 
TRP CD2 CE3  sing Y N 331 
TRP NE1 CE2  sing Y N 332 
TRP NE1 HE1  sing N N 333 
TRP CE2 CZ2  sing Y N 334 
TRP CE3 CZ3  doub Y N 335 
TRP CE3 HE3  sing N N 336 
TRP CZ2 CH2  doub Y N 337 
TRP CZ2 HZ2  sing N N 338 
TRP CZ3 CH2  sing Y N 339 
TRP CZ3 HZ3  sing N N 340 
TRP CH2 HH2  sing N N 341 
TRP OXT HXT  sing N N 342 
TYR N   CA   sing N N 343 
TYR N   H    sing N N 344 
TYR N   H2   sing N N 345 
TYR CA  C    sing N N 346 
TYR CA  CB   sing N N 347 
TYR CA  HA   sing N N 348 
TYR C   O    doub N N 349 
TYR C   OXT  sing N N 350 
TYR CB  CG   sing N N 351 
TYR CB  HB2  sing N N 352 
TYR CB  HB3  sing N N 353 
TYR CG  CD1  doub Y N 354 
TYR CG  CD2  sing Y N 355 
TYR CD1 CE1  sing Y N 356 
TYR CD1 HD1  sing N N 357 
TYR CD2 CE2  doub Y N 358 
TYR CD2 HD2  sing N N 359 
TYR CE1 CZ   doub Y N 360 
TYR CE1 HE1  sing N N 361 
TYR CE2 CZ   sing Y N 362 
TYR CE2 HE2  sing N N 363 
TYR CZ  OH   sing N N 364 
TYR OH  HH   sing N N 365 
TYR OXT HXT  sing N N 366 
VAL N   CA   sing N N 367 
VAL N   H    sing N N 368 
VAL N   H2   sing N N 369 
VAL CA  C    sing N N 370 
VAL CA  CB   sing N N 371 
VAL CA  HA   sing N N 372 
VAL C   O    doub N N 373 
VAL C   OXT  sing N N 374 
VAL CB  CG1  sing N N 375 
VAL CB  CG2  sing N N 376 
VAL CB  HB   sing N N 377 
VAL CG1 HG11 sing N N 378 
VAL CG1 HG12 sing N N 379 
VAL CG1 HG13 sing N N 380 
VAL CG2 HG21 sing N N 381 
VAL CG2 HG22 sing N N 382 
VAL CG2 HG23 sing N N 383 
VAL OXT HXT  sing N N 384 
# 
_pdbx_audit_support.funding_organization   'Not funded' 
_pdbx_audit_support.country                ? 
_pdbx_audit_support.grant_number           ? 
_pdbx_audit_support.ordinal                1 
# 
_pdbx_initial_refinement_model.id               1 
_pdbx_initial_refinement_model.entity_id_list   ? 
_pdbx_initial_refinement_model.type             'experimental model' 
_pdbx_initial_refinement_model.source_name      PDB 
_pdbx_initial_refinement_model.accession_code   3MB3 
_pdbx_initial_refinement_model.details          ? 
# 
_atom_sites.entry_id                    9GH3 
_atom_sites.Cartn_transf_matrix[1][1]   ? 
_atom_sites.Cartn_transf_matrix[1][2]   ? 
_atom_sites.Cartn_transf_matrix[1][3]   ? 
_atom_sites.Cartn_transf_matrix[2][1]   ? 
_atom_sites.Cartn_transf_matrix[2][2]   ? 
_atom_sites.Cartn_transf_matrix[2][3]   ? 
_atom_sites.Cartn_transf_matrix[3][1]   ? 
_atom_sites.Cartn_transf_matrix[3][2]   ? 
_atom_sites.Cartn_transf_matrix[3][3]   ? 
_atom_sites.Cartn_transf_vector[1]      ? 
_atom_sites.Cartn_transf_vector[2]      ? 
_atom_sites.Cartn_transf_vector[3]      ? 
_atom_sites.Cartn_transform_axes        ? 
_atom_sites.fract_transf_matrix[1][1]   -0.00661674 
_atom_sites.fract_transf_matrix[1][2]   -0.00628453 
_atom_sites.fract_transf_matrix[1][3]   0.00801037 
_atom_sites.fract_transf_matrix[2][1]   -0.02233610 
_atom_sites.fract_transf_matrix[2][2]   -0.01131544 
_atom_sites.fract_transf_matrix[2][3]   -0.02732763 
_atom_sites.fract_transf_matrix[3][1]   0.00862317 
_atom_sites.fract_transf_matrix[3][2]   -0.01604512 
_atom_sites.fract_transf_matrix[3][3]   -0.00040437 
_atom_sites.fract_transf_vector[1]      -0.135969 
_atom_sites.fract_transf_vector[2]      0.375663 
_atom_sites.fract_transf_vector[3]      0.195245 
_atom_sites.solution_primary            ? 
_atom_sites.solution_secondary          ? 
_atom_sites.solution_hydrogens          ? 
_atom_sites.special_details             ? 
# 
loop_
_atom_type.symbol 
_atom_type.pdbx_scat_Z 
_atom_type.pdbx_N_electrons 
_atom_type.scat_Cromer_Mann_a1 
_atom_type.scat_Cromer_Mann_b1 
_atom_type.scat_Cromer_Mann_a2 
_atom_type.scat_Cromer_Mann_b2 
_atom_type.scat_Cromer_Mann_a3 
_atom_type.scat_Cromer_Mann_b3 
_atom_type.scat_Cromer_Mann_a4 
_atom_type.scat_Cromer_Mann_b4 
C 6  6  2.3103  20.8439 1.0201 10.2075 1.5888 0.5687  0.8651 51.6512 
N 7  7  12.2220 0.0057  3.1346 9.8933  2.0141 28.9975 1.1672 0.5826  
O 8  8  3.0487  13.2771 2.2870 5.7011  1.5464 0.3239  0.8671 32.9089 
S 16 16 6.9054  1.4679  5.2035 22.2151 1.4379 0.2536  1.5863 56.1720 
# 
loop_
_atom_site.group_PDB 
_atom_site.id 
_atom_site.type_symbol 
_atom_site.label_atom_id 
_atom_site.label_alt_id 
_atom_site.label_comp_id 
_atom_site.label_asym_id 
_atom_site.label_entity_id 
_atom_site.label_seq_id 
_atom_site.pdbx_PDB_ins_code 
_atom_site.Cartn_x 
_atom_site.Cartn_y 
_atom_site.Cartn_z 
_atom_site.occupancy 
_atom_site.B_iso_or_equiv 
_atom_site.pdbx_formal_charge 
_atom_site.auth_seq_id 
_atom_site.auth_comp_id 
_atom_site.auth_asym_id 
_atom_site.auth_atom_id 
_atom_site.pdbx_PDB_model_num 
ATOM   1    N N   . SER A 1 1   ? -7.089  21.470  -1.686  1    20.976 ? 1313 SER A N   1 
ATOM   2    C CA  . SER A 1 1   ? -8.306  22.049  -1.041  1    20.02  ? 1313 SER A CA  1 
ATOM   3    C C   . SER A 1 1   ? -8.652  21.314  0.269   1    21.518 ? 1313 SER A C   1 
ATOM   4    O O   . SER A 1 1   ? -8.575  20.067  0.371   1    21.698 ? 1313 SER A O   1 
ATOM   5    C CB  . SER A 1 1   ? -9.490  21.973  -2.006  1    24.666 ? 1313 SER A CB  1 
ATOM   6    O OG  . SER A 1 1   ? -9.206  22.584  -3.263  1    20.702 ? 1313 SER A OG  1 
ATOM   7    N N   . MET A 1 2   ? -9.084  22.090  1.279   1    23.004 ? 1314 MET A N   1 
ATOM   8    C CA  . MET A 1 2   ? -9.530  21.607  2.593   1    21.376 ? 1314 MET A CA  1 
ATOM   9    C C   . MET A 1 2   ? -10.536 20.464  2.395   1    21.781 ? 1314 MET A C   1 
ATOM   10   O O   . MET A 1 2   ? -11.442 20.597  1.572   1    23.158 ? 1314 MET A O   1 
ATOM   11   C CB  . MET A 1 2   ? -10.298 22.753  3.284   1    24.636 ? 1314 MET A CB  1 
ATOM   12   C CG  . MET A 1 2   ? -10.745 22.512  4.724   1    28.782 ? 1314 MET A CG  1 
ATOM   13   S SD  . MET A 1 2   ? -11.309 24.014  5.561   1    33.348 ? 1314 MET A SD  1 
ATOM   14   C CE  . MET A 1 2   ? -9.796  24.941  5.873   1    27.216 ? 1314 MET A CE  1 
ATOM   15   N N   . SER A 1 3   ? -10.402 19.381  3.178   1    21.938 ? 1315 SER A N   1 
ATOM   16   C CA  . SER A 1 3   ? -11.217 18.166  3.087   1    21.904 ? 1315 SER A CA  1 
ATOM   17   C C   . SER A 1 3   ? -11.889 17.886  4.434   1    19.784 ? 1315 SER A C   1 
ATOM   18   O O   . SER A 1 3   ? -11.407 18.345  5.485   1    21.109 ? 1315 SER A O   1 
ATOM   19   C CB  . SER A 1 3   ? -10.319 16.974  2.635   1    22.795 ? 1315 SER A CB  1 
ATOM   20   O OG  . SER A 1 3   ? -11.157 15.948  2.116   1    29.599 ? 1315 SER A OG  1 
ATOM   21   N N   . TYR A 1 4   ? -12.989 17.074  4.407   1    20.373 ? 1316 TYR A N   1 
ATOM   22   C CA  . TYR A 1 4   ? -13.831 16.944  5.567   1    16.661 ? 1316 TYR A CA  1 
ATOM   23   C C   . TYR A 1 4   ? -14.153 15.463  5.883   1    13.646 ? 1316 TYR A C   1 
ATOM   24   O O   . TYR A 1 4   ? -14.455 15.216  7.045   1    15.784 ? 1316 TYR A O   1 
ATOM   25   C CB  . TYR A 1 4   ? -15.122 17.796  5.484   1    19.549 ? 1316 TYR A CB  1 
ATOM   26   C CG  . TYR A 1 4   ? -14.916 19.222  4.973   1    19.844 ? 1316 TYR A CG  1 
ATOM   27   C CD1 . TYR A 1 4   ? -14.520 20.232  5.839   1    19.181 ? 1316 TYR A CD1 1 
ATOM   28   C CD2 . TYR A 1 4   ? -15.064 19.549  3.633   1    20.09  ? 1316 TYR A CD2 1 
ATOM   29   C CE1 . TYR A 1 4   ? -14.242 21.530  5.420   1    20.83  ? 1316 TYR A CE1 1 
ATOM   30   C CE2 . TYR A 1 4   ? -14.859 20.860  3.198   1    22.204 ? 1316 TYR A CE2 1 
ATOM   31   C CZ  . TYR A 1 4   ? -14.443 21.827  4.087   1    21.048 ? 1316 TYR A CZ  1 
ATOM   32   O OH  . TYR A 1 4   ? -14.195 23.117  3.618   1    26.66  ? 1316 TYR A OH  1 
ATOM   33   N N   . ASP A 1 5   ? -14.199 14.540  4.910   1    13.773 ? 1317 ASP A N   1 
ATOM   34   C CA  . ASP A 1 5   ? -14.686 13.153  5.137   1    13.299 ? 1317 ASP A CA  1 
ATOM   35   C C   . ASP A 1 5   ? -13.574 12.283  5.731   1    12.704 ? 1317 ASP A C   1 
ATOM   36   O O   . ASP A 1 5   ? -12.655 11.871  4.979   1    13.455 ? 1317 ASP A O   1 
ATOM   37   C CB  . ASP A 1 5   ? -15.355 12.616  3.884   1    14.484 ? 1317 ASP A CB  1 
ATOM   38   C CG  . ASP A 1 5   ? -15.975 11.233  4.030   1    13.618 ? 1317 ASP A CG  1 
ATOM   39   O OD1 . ASP A 1 5   ? -15.686 10.474  4.974   1    14.64  ? 1317 ASP A OD1 1 
ATOM   40   O OD2 . ASP A 1 5   ? -16.820 10.913  3.131   1    18.352 ? 1317 ASP A OD2 1 
ATOM   41   N N   . ILE A 1 6   ? -13.635 11.921  7.019   1    12.116 ? 1318 ILE A N   1 
ATOM   42   C CA  . ILE A 1 6   ? -12.627 11.115  7.732   1    13.474 ? 1318 ILE A CA  1 
ATOM   43   C C   . ILE A 1 6   ? -12.572 9.663   7.209   1    13.044 ? 1318 ILE A C   1 
ATOM   44   O O   . ILE A 1 6   ? -11.530 9.017   7.339   1    14.507 ? 1318 ILE A O   1 
ATOM   45   C CB  . ILE A 1 6   ? -12.927 11.148  9.246   1    14.03  ? 1318 ILE A CB  1 
ATOM   46   C CG1 . ILE A 1 6   ? -12.819 12.566  9.858   1    16.178 ? 1318 ILE A CG1 1 
ATOM   47   C CG2 . ILE A 1 6   ? -12.052 10.145  10.019  1    17.86  ? 1318 ILE A CG2 1 
ATOM   48   C CD1 . ILE A 1 6   ? -13.458 12.635  11.255  1    17.351 ? 1318 ILE A CD1 1 
ATOM   49   N N   . GLN A 1 7   ? -13.673 9.165   6.621   1    11.902 ? 1319 GLN A N   1 
ATOM   50   C CA  . GLN A 1 7   ? -13.782 7.767   6.160   1    12.326 ? 1319 GLN A CA  1 
ATOM   51   C C   . GLN A 1 7   ? -13.452 7.561   4.667   1    12.002 ? 1319 GLN A C   1 
ATOM   52   O O   . GLN A 1 7   ? -13.335 6.401   4.199   1    12.759 ? 1319 GLN A O   1 
ATOM   53   C CB  . GLN A 1 7   ? -15.151 7.160   6.505   1    13.638 ? 1319 GLN A CB  1 
ATOM   54   C CG  . GLN A 1 7   ? -15.392 6.844   7.989   1    13.332 ? 1319 GLN A CG  1 
ATOM   55   C CD  . GLN A 1 7   ? -16.015 7.980   8.785   1    11.98  ? 1319 GLN A CD  1 
ATOM   56   O OE1 . GLN A 1 7   ? -17.013 8.594   8.350   1    13.545 ? 1319 GLN A OE1 1 
ATOM   57   N NE2 . GLN A 1 7   ? -15.431 8.230   9.946   1    13.609 ? 1319 GLN A NE2 1 
ATOM   58   N N   . ALA A 1 8   ? -13.350 8.646   3.840   1    13.138 ? 1320 ALA A N   1 
ATOM   59   C CA  . ALA A 1 8   ? -13.279 8.533   2.366   1    12.779 ? 1320 ALA A CA  1 
ATOM   60   C C   . ALA A 1 8   ? -12.053 7.757   1.859   1    11.437 ? 1320 ALA A C   1 
ATOM   61   O O   . ALA A 1 8   ? -12.138 7.166   0.772   1    12.744 ? 1320 ALA A O   1 
ATOM   62   C CB  . ALA A 1 8   ? -13.297 9.923   1.715   1    15.529 ? 1320 ALA A CB  1 
ATOM   63   N N   . TRP A 1 9   ? -10.957 7.737   2.650   1    11.359 ? 1321 TRP A N   1 
ATOM   64   C CA  . TRP A 1 9   ? -9.723  7.048   2.233   1    11.823 ? 1321 TRP A CA  1 
ATOM   65   C C   . TRP A 1 9   ? -9.958  5.566   1.908   1    11.986 ? 1321 TRP A C   1 
ATOM   66   O O   . TRP A 1 9   ? -9.261  4.985   1.053   1    12.405 ? 1321 TRP A O   1 
ATOM   67   C CB  . TRP A 1 9   ? -8.636  7.178   3.307   1    12.036 ? 1321 TRP A CB  1 
ATOM   68   C CG  . TRP A 1 9   ? -8.989  6.466   4.599   1    11.808 ? 1321 TRP A CG  1 
ATOM   69   C CD1 . TRP A 1 9   ? -9.744  6.994   5.617   1    12.883 ? 1321 TRP A CD1 1 
ATOM   70   C CD2 . TRP A 1 9   ? -8.680  5.088   4.990   1    10.958 ? 1321 TRP A CD2 1 
ATOM   71   N NE1 . TRP A 1 9   ? -9.890  6.086   6.651   1    12.076 ? 1321 TRP A NE1 1 
ATOM   72   C CE2 . TRP A 1 9   ? -9.254  4.900   6.279   1    12.094 ? 1321 TRP A CE2 1 
ATOM   73   C CE3 . TRP A 1 9   ? -7.968  4.015   4.402   1    12.567 ? 1321 TRP A CE3 1 
ATOM   74   C CZ2 . TRP A 1 9   ? -9.174  3.671   6.984   1    13.132 ? 1321 TRP A CZ2 1 
ATOM   75   C CZ3 . TRP A 1 9   ? -7.872  2.818   5.102   1    13.344 ? 1321 TRP A CZ3 1 
ATOM   76   C CH2 . TRP A 1 9   ? -8.465  2.652   6.375   1    13.879 ? 1321 TRP A CH2 1 
ATOM   77   N N   . LYS A 1 10  ? -10.935 4.914   2.594   1    11.781 ? 1322 LYS A N   1 
ATOM   78   C CA  . LYS A 1 10  ? -11.059 3.461   2.428   1    12.901 ? 1322 LYS A CA  1 
ATOM   79   C C   . LYS A 1 10  ? -11.510 3.106   1.011   1    13.064 ? 1322 LYS A C   1 
ATOM   80   O O   . LYS A 1 10  ? -10.876 2.269   0.331   1    12.863 ? 1322 LYS A O   1 
ATOM   81   C CB  . LYS A 1 10  ? -11.995 2.881   3.492   1    14.081 ? 1322 LYS A CB  1 
ATOM   82   C CG  . LYS A 1 10  ? -12.143 1.345   3.405   1    13.403 ? 1322 LYS A CG  1 
ATOM   83   C CD  . LYS A 1 10  ? -12.822 0.783   4.645   1    14.273 ? 1322 LYS A CD  1 
ATOM   84   C CE  . LYS A 1 10  ? -13.063 -0.708  4.603   1    14.47  ? 1322 LYS A CE  1 
ATOM   85   N NZ  . LYS A 1 10  ? -13.764 -1.081  5.858   1    16.018 ? 1322 LYS A NZ  1 
ATOM   86   N N   . LYS A 1 11  ? -12.575 3.738   0.491   1    13.454 ? 1323 LYS A N   1 
ATOM   87   C CA  . LYS A 1 11  ? -12.990 3.488   -0.886  1    14.064 ? 1323 LYS A CA  1 
ATOM   88   C C   . LYS A 1 11  ? -11.916 3.957   -1.885  1    13.313 ? 1323 LYS A C   1 
ATOM   89   O O   . LYS A 1 11  ? -11.746 3.314   -2.943  1    13.442 ? 1323 LYS A O   1 
ATOM   90   C CB  . LYS A 1 11  ? -14.357 4.143   -1.165  1    18.307 ? 1323 LYS A CB  1 
ATOM   91   C CG  . LYS A 1 11  ? -14.975 3.840   -2.530  1    23.979 ? 1323 LYS A CG  1 
ATOM   92   C CD  . LYS A 1 11  ? -16.365 4.471   -2.627  1    30.855 ? 1323 LYS A CD  1 
ATOM   93   C CE  . LYS A 1 11  ? -16.889 4.706   -4.008  1    39.724 ? 1323 LYS A CE  1 
ATOM   94   N NZ  . LYS A 1 11  ? -18.042 5.606   -3.903  1    46.47  ? 1323 LYS A NZ  1 
ATOM   95   N N   . GLN A 1 12  ? -11.271 5.102   -1.626  1    12.566 ? 1324 GLN A N   1 
ATOM   96   C CA  . GLN A 1 12  ? -10.178 5.508   -2.538  1    13     ? 1324 GLN A CA  1 
ATOM   97   C C   . GLN A 1 12  ? -9.068  4.453   -2.627  1    12.11  ? 1324 GLN A C   1 
ATOM   98   O O   . GLN A 1 12  ? -8.525  4.231   -3.727  1    12.891 ? 1324 GLN A O   1 
ATOM   99   C CB  . GLN A 1 12  ? -9.649  6.849   -2.039  1    13.201 ? 1324 GLN A CB  1 
ATOM   100  C CG  . GLN A 1 12  ? -10.656 7.996   -2.210  1    14.513 ? 1324 GLN A CG  1 
ATOM   101  C CD  . GLN A 1 12  ? -10.349 9.224   -1.384  1    15.831 ? 1324 GLN A CD  1 
ATOM   102  O OE1 . GLN A 1 12  ? -9.384  9.329   -0.624  1    16.419 ? 1324 GLN A OE1 1 
ATOM   103  N NE2 . GLN A 1 12  ? -11.242 10.219  -1.484  1    18.319 ? 1324 GLN A NE2 1 
ATOM   104  N N   . CYS A 1 13  ? -8.686  3.826   -1.496  1    12.619 ? 1325 CYS A N   1 
ATOM   105  C CA  . CYS A 1 13  ? -7.689  2.744   -1.517  1    12.067 ? 1325 CYS A CA  1 
ATOM   106  C C   . CYS A 1 13  ? -8.224  1.509   -2.240  1    12.112 ? 1325 CYS A C   1 
ATOM   107  O O   . CYS A 1 13  ? -7.442  0.848   -2.957  1    12.423 ? 1325 CYS A O   1 
ATOM   108  C CB  . CYS A 1 13  ? -7.198  2.424   -0.111  1    12.753 ? 1325 CYS A CB  1 
ATOM   109  S SG  . CYS A 1 13  ? -6.147  3.701   0.655   1    13.049 ? 1325 CYS A SG  1 
ATOM   110  N N   . GLU A 1 14  ? -9.518  1.182   -2.110  1    12.097 ? 1326 GLU A N   1 
ATOM   111  C CA  . GLU A 1 14  ? -10.054 0.046   -2.862  1    12.748 ? 1326 GLU A CA  1 
ATOM   112  C C   . GLU A 1 14  ? -9.921  0.292   -4.371  1    13.071 ? 1326 GLU A C   1 
ATOM   113  O O   . GLU A 1 14  ? -9.595  -0.611  -5.160  1    14.599 ? 1326 GLU A O   1 
ATOM   114  C CB  . GLU A 1 14  ? -11.540 -0.177  -2.520  1    14.174 ? 1326 GLU A CB  1 
ATOM   115  C CG  . GLU A 1 14  ? -11.849 -0.761  -1.137  1    17.442 ? 1326 GLU A CG  1 
ATOM   116  C CD  . GLU A 1 14  ? -13.296 -0.687  -0.654  1    20.5   ? 1326 GLU A CD  1 
ATOM   117  O OE1 . GLU A 1 14  ? -14.130 0.037   -1.289  1    27.486 ? 1326 GLU A OE1 1 
ATOM   118  O OE2 . GLU A 1 14  ? -13.577 -1.301  0.425   1    23.796 ? 1326 GLU A OE2 1 
ATOM   119  N N   . GLU A 1 15  ? -10.232 1.530   -4.810  1    13.174 ? 1327 GLU A N   1 
ATOM   120  C CA  . GLU A 1 15  ? -10.166 1.861   -6.235  1    15.731 ? 1327 GLU A CA  1 
ATOM   121  C C   . GLU A 1 15  ? -8.709  1.835   -6.725  1    14.439 ? 1327 GLU A C   1 
ATOM   122  O O   . GLU A 1 15  ? -8.430  1.369   -7.853  1    15.141 ? 1327 GLU A O   1 
ATOM   123  C CB  . GLU A 1 15  ? -10.825 3.232   -6.440  1    18.079 ? 1327 GLU A CB  1 
ATOM   124  C CG  . GLU A 1 15  ? -12.349 3.184   -6.297  1    24.566 ? 1327 GLU A CG  1 
ATOM   125  C CD  . GLU A 1 15  ? -13.208 4.446   -6.156  1    35.337 ? 1327 GLU A CD  1 
ATOM   126  O OE1 . GLU A 1 15  ? -12.705 5.539   -5.786  1    38.184 ? 1327 GLU A OE1 1 
ATOM   127  O OE2 . GLU A 1 15  ? -14.448 4.309   -6.382  1    36.396 ? 1327 GLU A OE2 1 
ATOM   128  N N   . LEU A 1 16  ? -7.763  2.339   -5.909  1    13.314 ? 1328 LEU A N   1 
ATOM   129  C CA  . LEU A 1 16  ? -6.354  2.295   -6.305  1    12.793 ? 1328 LEU A CA  1 
ATOM   130  C C   . LEU A 1 16  ? -5.855  0.845   -6.417  1    12.391 ? 1328 LEU A C   1 
ATOM   131  O O   . LEU A 1 16  ? -5.100  0.507   -7.342  1    12.382 ? 1328 LEU A O   1 
ATOM   132  C CB  . LEU A 1 16  ? -5.529  3.087   -5.288  1    13.668 ? 1328 LEU A CB  1 
ATOM   133  C CG  . LEU A 1 16  ? -4.005  3.130   -5.526  1    14.299 ? 1328 LEU A CG  1 
ATOM   134  C CD1 . LEU A 1 16  ? -3.635  3.504   -6.976  1    15.774 ? 1328 LEU A CD1 1 
ATOM   135  C CD2 . LEU A 1 16  ? -3.371  4.076   -4.507  1    16.41  ? 1328 LEU A CD2 1 
ATOM   136  N N   . LEU A 1 17  ? -6.223  -0.031  -5.466  1    11.755 ? 1329 LEU A N   1 
ATOM   137  C CA  . LEU A 1 17  ? -5.901  -1.453  -5.598  1    11.587 ? 1329 LEU A CA  1 
ATOM   138  C C   . LEU A 1 17  ? -6.459  -2.042  -6.892  1    11.823 ? 1329 LEU A C   1 
ATOM   139  O O   . LEU A 1 17  ? -5.817  -2.881  -7.543  1    11.823 ? 1329 LEU A O   1 
ATOM   140  C CB  . LEU A 1 17  ? -6.360  -2.206  -4.336  1    12.047 ? 1329 LEU A CB  1 
ATOM   141  C CG  . LEU A 1 17  ? -5.509  -1.906  -3.087  1    12.539 ? 1329 LEU A CG  1 
ATOM   142  C CD1 . LEU A 1 17  ? -6.221  -2.419  -1.814  1    14.123 ? 1329 LEU A CD1 1 
ATOM   143  C CD2 . LEU A 1 17  ? -4.109  -2.569  -3.162  1    14.152 ? 1329 LEU A CD2 1 
ATOM   144  N N   . ASN A 1 18  ? -7.698  -1.664  -7.252  1    13.614 ? 1330 ASN A N   1 
ATOM   145  C CA  . ASN A 1 18  ? -8.232  -2.141  -8.537  1    14.435 ? 1330 ASN A CA  1 
ATOM   146  C C   . ASN A 1 18  ? -7.351  -1.733  -9.733  1    13.706 ? 1330 ASN A C   1 
ATOM   147  O O   . ASN A 1 18  ? -7.100  -2.593  -10.622 1    14.808 ? 1330 ASN A O   1 
ATOM   148  C CB  . ASN A 1 18  ? -9.662  -1.636  -8.772  1    15.724 ? 1330 ASN A CB  1 
ATOM   149  C CG  . ASN A 1 18  ? -10.699 -2.331  -7.917  1    16.354 ? 1330 ASN A CG  1 
ATOM   150  O OD1 . ASN A 1 18  ? -10.503 -3.420  -7.393  1    19.753 ? 1330 ASN A OD1 1 
ATOM   151  N ND2 . ASN A 1 18  ? -11.806 -1.647  -7.653  1    18.542 ? 1330 ASN A ND2 1 
ATOM   152  N N   . LEU A 1 19  ? -6.847  -0.487  -9.748  1    13.733 ? 1331 LEU A N   1 
ATOM   153  C CA  . LEU A 1 19  ? -5.957  -0.029  -10.828 1    13.319 ? 1331 LEU A CA  1 
ATOM   154  C C   . LEU A 1 19  ? -4.683  -0.892  -10.809 1    13.454 ? 1331 LEU A C   1 
ATOM   155  O O   . LEU A 1 19  ? -4.165  -1.295  -11.843 1    14.669 ? 1331 LEU A O   1 
ATOM   156  C CB  . LEU A 1 19  ? -5.625  1.467   -10.727 1    14.549 ? 1331 LEU A CB  1 
ATOM   157  C CG  . LEU A 1 19  ? -6.801  2.441   -10.932 1    15.686 ? 1331 LEU A CG  1 
ATOM   158  C CD1 . LEU A 1 19  ? -6.318  3.842   -10.654 1    17.655 ? 1331 LEU A CD1 1 
ATOM   159  C CD2 . LEU A 1 19  ? -7.415  2.369   -12.368 1    17.333 ? 1331 LEU A CD2 1 
ATOM   160  N N   . ILE A 1 20  ? -4.121  -1.164  -9.610  1    12.811 ? 1332 ILE A N   1 
ATOM   161  C CA  . ILE A 1 20  ? -2.878  -1.929  -9.513  1    12.987 ? 1332 ILE A CA  1 
ATOM   162  C C   . ILE A 1 20  ? -3.069  -3.360  -10.020 1    11.716 ? 1332 ILE A C   1 
ATOM   163  O O   . ILE A 1 20  ? -2.196  -3.871  -10.765 1    11.193 ? 1332 ILE A O   1 
ATOM   164  C CB  . ILE A 1 20  ? -2.373  -1.865  -8.056  1    11.561 ? 1332 ILE A CB  1 
ATOM   165  C CG1 . ILE A 1 20  ? -1.889  -0.435  -7.701  1    13.305 ? 1332 ILE A CG1 1 
ATOM   166  C CG2 . ILE A 1 20  ? -1.348  -2.986  -7.759  1    13.472 ? 1332 ILE A CG2 1 
ATOM   167  C CD1 . ILE A 1 20  ? -1.597  -0.157  -6.220  1    16.136 ? 1332 ILE A CD1 1 
ATOM   168  N N   . PHE A 1 21  ? -4.163  -4.029  -9.628  1    12.818 ? 1333 PHE A N   1 
ATOM   169  C CA  . PHE A 1 21  ? -4.419  -5.381  -10.117 1    13.536 ? 1333 PHE A CA  1 
ATOM   170  C C   . PHE A 1 21  ? -4.609  -5.457  -11.644 1    14.897 ? 1333 PHE A C   1 
ATOM   171  O O   . PHE A 1 21  ? -4.327  -6.501  -12.226 1    16.822 ? 1333 PHE A O   1 
ATOM   172  C CB  . PHE A 1 21  ? -5.590  -6.002  -9.329  1    13.577 ? 1333 PHE A CB  1 
ATOM   173  C CG  . PHE A 1 21  ? -5.236  -6.691  -8.018  1    12.542 ? 1333 PHE A CG  1 
ATOM   174  C CD1 . PHE A 1 21  ? -5.245  -5.998  -6.789  1    13.932 ? 1333 PHE A CD1 1 
ATOM   175  C CD2 . PHE A 1 21  ? -4.879  -8.052  -8.014  1    13.919 ? 1333 PHE A CD2 1 
ATOM   176  C CE1 . PHE A 1 21  ? -4.927  -6.654  -5.593  1    14.025 ? 1333 PHE A CE1 1 
ATOM   177  C CE2 . PHE A 1 21  ? -4.571  -8.717  -6.797  1    13.231 ? 1333 PHE A CE2 1 
ATOM   178  C CZ  . PHE A 1 21  ? -4.589  -8.013  -5.583  1    12.998 ? 1333 PHE A CZ  1 
ATOM   179  N N   A GLN A 1 22  ? -5.120  -4.387  -12.249 0.49 14.569 ? 1334 GLN A N   1 
ATOM   180  N N   B GLN A 1 22  ? -5.065  -4.375  -12.295 0.51 14.619 ? 1334 GLN A N   1 
ATOM   181  C CA  A GLN A 1 22  ? -5.262  -4.394  -13.705 0.49 16.135 ? 1334 GLN A CA  1 
ATOM   182  C CA  B GLN A 1 22  ? -5.265  -4.375  -13.759 0.51 15.726 ? 1334 GLN A CA  1 
ATOM   183  C C   A GLN A 1 22  ? -3.900  -4.343  -14.393 0.49 15.815 ? 1334 GLN A C   1 
ATOM   184  C C   B GLN A 1 22  ? -4.000  -3.992  -14.534 0.51 15.974 ? 1334 GLN A C   1 
ATOM   185  O O   A GLN A 1 22  ? -3.711  -5.009  -15.427 0.49 15.885 ? 1334 GLN A O   1 
ATOM   186  O O   B GLN A 1 22  ? -3.920  -4.110  -15.764 0.51 17.94  ? 1334 GLN A O   1 
ATOM   187  C CB  A GLN A 1 22  ? -6.205  -3.273  -14.136 0.49 17.254 ? 1334 GLN A CB  1 
ATOM   188  C CB  B GLN A 1 22  ? -6.454  -3.470  -14.095 0.51 16.958 ? 1334 GLN A CB  1 
ATOM   189  C CG  A GLN A 1 22  ? -7.680  -3.654  -14.037 0.49 20.731 ? 1334 GLN A CG  1 
ATOM   190  C CG  B GLN A 1 22  ? -6.569  -2.974  -15.541 0.51 17.249 ? 1334 GLN A CG  1 
ATOM   191  C CD  A GLN A 1 22  ? -8.043  -4.974  -14.699 0.49 20.83  ? 1334 GLN A CD  1 
ATOM   192  C CD  B GLN A 1 22  ? -6.769  -4.011  -16.626 0.51 19.007 ? 1334 GLN A CD  1 
ATOM   193  O OE1 A GLN A 1 22  ? -8.784  -5.788  -14.146 0.49 14.086 ? 1334 GLN A OE1 1 
ATOM   194  O OE1 B GLN A 1 22  ? -7.090  -5.183  -16.377 0.51 17.796 ? 1334 GLN A OE1 1 
ATOM   195  N NE2 A GLN A 1 22  ? -7.571  -5.183  -15.924 0.49 19.183 ? 1334 GLN A NE2 1 
ATOM   196  N NE2 B GLN A 1 22  ? -6.590  -3.564  -17.865 0.51 19.941 ? 1334 GLN A NE2 1 
ATOM   197  N N   . CYS A 1 23  ? -2.974  -3.554  -13.821 1    14.624 ? 1335 CYS A N   1 
ATOM   198  C CA  . CYS A 1 23  ? -1.671  -3.247  -14.396 1    14.641 ? 1335 CYS A CA  1 
ATOM   199  C C   . CYS A 1 23  ? -0.819  -4.528  -14.504 1    15.519 ? 1335 CYS A C   1 
ATOM   200  O O   . CYS A 1 23  ? -0.631  -5.261  -13.509 1    15.524 ? 1335 CYS A O   1 
ATOM   201  C CB  . CYS A 1 23  ? -0.986  -2.257  -13.447 1    14.583 ? 1335 CYS A CB  1 
ATOM   202  S SG  . CYS A 1 23  ? 0.661   -1.700  -13.953 1    17.781 ? 1335 CYS A SG  1 
ATOM   203  N N   . GLU A 1 24  ? -0.207  -4.784  -15.683 1    16.17  ? 1336 GLU A N   1 
ATOM   204  C CA  . GLU A 1 24  ? 0.593   -5.993  -15.870 1    15.658 ? 1336 GLU A CA  1 
ATOM   205  C C   . GLU A 1 24  ? 1.803   -6.035  -14.924 1    15.592 ? 1336 GLU A C   1 
ATOM   206  O O   . GLU A 1 24  ? 2.254   -7.142  -14.542 1    16.746 ? 1336 GLU A O   1 
ATOM   207  C CB  . GLU A 1 24  ? 1.165   -6.058  -17.301 1    17.852 ? 1336 GLU A CB  1 
ATOM   208  C CG  . GLU A 1 24  ? 0.092   -6.388  -18.349 1    20.949 ? 1336 GLU A CG  1 
ATOM   209  C CD  . GLU A 1 24  ? 0.563   -6.385  -19.805 1    26.167 ? 1336 GLU A CD  1 
ATOM   210  O OE1 . GLU A 1 24  ? 1.768   -6.104  -20.070 1    33.843 ? 1336 GLU A OE1 1 
ATOM   211  O OE2 . GLU A 1 24  ? -0.305  -6.626  -20.672 1    25.439 ? 1336 GLU A OE2 1 
ATOM   212  N N   . ASP A 1 25  ? 2.320   -4.868  -14.503 1    15.384 ? 1337 ASP A N   1 
ATOM   213  C CA  . ASP A 1 25  ? 3.483   -4.838  -13.608 1    14.971 ? 1337 ASP A CA  1 
ATOM   214  C C   . ASP A 1 25  ? 3.227   -5.414  -12.214 1    13.906 ? 1337 ASP A C   1 
ATOM   215  O O   . ASP A 1 25  ? 4.192   -5.691  -11.462 1    14.498 ? 1337 ASP A O   1 
ATOM   216  C CB  . ASP A 1 25  ? 4.103   -3.459  -13.448 1    18.039 ? 1337 ASP A CB  1 
ATOM   217  C CG  . ASP A 1 25  ? 4.674   -2.925  -14.748 1    26.083 ? 1337 ASP A CG  1 
ATOM   218  O OD1 . ASP A 1 25  ? 5.418   -3.674  -15.427 1    27.613 ? 1337 ASP A OD1 1 
ATOM   219  O OD2 . ASP A 1 25  ? 4.299   -1.794  -15.071 1    29.379 ? 1337 ASP A OD2 1 
ATOM   220  N N   . SER A 1 26  ? 1.942   -5.561  -11.815 1    13.383 ? 1338 SER A N   1 
ATOM   221  C CA  . SER A 1 26  ? 1.656   -6.136  -10.492 1    11.785 ? 1338 SER A CA  1 
ATOM   222  C C   . SER A 1 26  ? 1.728   -7.668  -10.450 1    12.391 ? 1338 SER A C   1 
ATOM   223  O O   . SER A 1 26  ? 1.667   -8.240  -9.347  1    12.299 ? 1338 SER A O   1 
ATOM   224  C CB  . SER A 1 26  ? 0.292   -5.612  -9.938  1    12.648 ? 1338 SER A CB  1 
ATOM   225  O OG  . SER A 1 26  ? -0.802  -6.173  -10.688 1    12.437 ? 1338 SER A OG  1 
ATOM   226  N N   . GLU A 1 27  ? 1.786   -8.349  -11.626 1    13.173 ? 1339 GLU A N   1 
ATOM   227  C CA  . GLU A 1 27  ? 1.599   -9.810  -11.583 1    14.684 ? 1339 GLU A CA  1 
ATOM   228  C C   . GLU A 1 27  ? 2.516   -10.560 -10.601 1    13.461 ? 1339 GLU A C   1 
ATOM   229  O O   . GLU A 1 27  ? 1.992   -11.443 -9.906  1    15.724 ? 1339 GLU A O   1 
ATOM   230  C CB  . GLU A 1 27  ? 1.524   -10.418 -12.995 1    18.61  ? 1339 GLU A CB  1 
ATOM   231  C CG  . GLU A 1 27  ? 0.901   -11.817 -13.039 1    22.206 ? 1339 GLU A CG  1 
ATOM   232  C CD  . GLU A 1 27  ? 1.787   -12.984 -12.640 1    24.569 ? 1339 GLU A CD  1 
ATOM   233  O OE1 . GLU A 1 27  ? 3.012   -12.777 -12.617 1    23.576 ? 1339 GLU A OE1 1 
ATOM   234  O OE2 . GLU A 1 27  ? 1.270   -14.068 -12.301 1    26.253 ? 1339 GLU A OE2 1 
ATOM   235  N N   . PRO A 1 28  ? 3.821   -10.249 -10.487 1    12.498 ? 1340 PRO A N   1 
ATOM   236  C CA  . PRO A 1 28  ? 4.686   -10.950 -9.518  1    13.58  ? 1340 PRO A CA  1 
ATOM   237  C C   . PRO A 1 28  ? 4.322   -10.756 -8.042  1    12.813 ? 1340 PRO A C   1 
ATOM   238  O O   . PRO A 1 28  ? 4.855   -11.454 -7.186  1    13.207 ? 1340 PRO A O   1 
ATOM   239  C CB  . PRO A 1 28  ? 6.082   -10.445 -9.811  1    14.623 ? 1340 PRO A CB  1 
ATOM   240  C CG  . PRO A 1 28  ? 5.985   -9.911  -11.244 1    16.523 ? 1340 PRO A CG  1 
ATOM   241  C CD  . PRO A 1 28  ? 4.602   -9.294  -11.281 1    13.977 ? 1340 PRO A CD  1 
ATOM   242  N N   . PHE A 1 29  ? 3.430   -9.775  -7.777  1    12.019 ? 1341 PHE A N   1 
ATOM   243  C CA  . PHE A 1 29  ? 3.174   -9.264  -6.415  1    11.274 ? 1341 PHE A CA  1 
ATOM   244  C C   . PHE A 1 29  ? 1.731   -9.480  -5.961  1    11.581 ? 1341 PHE A C   1 
ATOM   245  O O   . PHE A 1 29  ? 1.336   -8.976  -4.887  1    12.324 ? 1341 PHE A O   1 
ATOM   246  C CB  . PHE A 1 29  ? 3.554   -7.769  -6.314  1    11.733 ? 1341 PHE A CB  1 
ATOM   247  C CG  . PHE A 1 29  ? 4.936   -7.498  -6.917  1    10.911 ? 1341 PHE A CG  1 
ATOM   248  C CD1 . PHE A 1 29  ? 6.090   -7.982  -6.328  1    12.172 ? 1341 PHE A CD1 1 
ATOM   249  C CD2 . PHE A 1 29  ? 5.035   -6.799  -8.127  1    12.507 ? 1341 PHE A CD2 1 
ATOM   250  C CE1 . PHE A 1 29  ? 7.328   -7.797  -6.954  1    13.006 ? 1341 PHE A CE1 1 
ATOM   251  C CE2 . PHE A 1 29  ? 6.266   -6.621  -8.759  1    13.118 ? 1341 PHE A CE2 1 
ATOM   252  C CZ  . PHE A 1 29  ? 7.430   -7.086  -8.125  1    13.724 ? 1341 PHE A CZ  1 
ATOM   253  N N   . ARG A 1 30  ? 0.869   -10.157 -6.737  1    11.636 ? 1342 ARG A N   1 
ATOM   254  C CA  . ARG A 1 30  ? -0.559  -10.339 -6.439  1    12.519 ? 1342 ARG A CA  1 
ATOM   255  C C   . ARG A 1 30  ? -0.825  -11.350 -5.335  1    13.738 ? 1342 ARG A C   1 
ATOM   256  O O   . ARG A 1 30  ? -1.859  -11.238 -4.662  1    18.797 ? 1342 ARG A O   1 
ATOM   257  C CB  . ARG A 1 30  ? -1.338  -10.663 -7.721  1    12.501 ? 1342 ARG A CB  1 
ATOM   258  C CG  . ARG A 1 30  ? -1.342  -9.510  -8.703  1    13.637 ? 1342 ARG A CG  1 
ATOM   259  C CD  . ARG A 1 30  ? -1.994  -9.986  -10.031 1    14.39  ? 1342 ARG A CD  1 
ATOM   260  N NE  . ARG A 1 30  ? -1.810  -8.937  -11.043 1    15.799 ? 1342 ARG A NE  1 
ATOM   261  C CZ  . ARG A 1 30  ? -1.919  -9.115  -12.362 1    16.606 ? 1342 ARG A CZ  1 
ATOM   262  N NH1 . ARG A 1 30  ? -2.359  -10.300 -12.812 1    19.079 ? 1342 ARG A NH1 1 
ATOM   263  N NH2 . ARG A 1 30  ? -1.583  -8.132  -13.198 1    17.061 ? 1342 ARG A NH2 1 
ATOM   264  N N   . GLN A 1 31  ? 0.023   -12.358 -5.178  1    13.711 ? 1343 GLN A N   1 
ATOM   265  C CA  . GLN A 1 31  ? -0.073  -13.411 -4.186  1    15.002 ? 1343 GLN A CA  1 
ATOM   266  C C   . GLN A 1 31  ? 1.259   -13.574 -3.472  1    13.755 ? 1343 GLN A C   1 
ATOM   267  O O   . GLN A 1 31  ? 2.292   -13.148 -4.006  1    14.051 ? 1343 GLN A O   1 
ATOM   268  C CB  . GLN A 1 31  ? -0.463  -14.733 -4.860  1    16.521 ? 1343 GLN A CB  1 
ATOM   269  C CG  . GLN A 1 31  ? -1.892  -14.730 -5.416  1    21.79  ? 1343 GLN A CG  1 
ATOM   270  C CD  . GLN A 1 31  ? -2.958  -14.950 -4.370  1    27.031 ? 1343 GLN A CD  1 
ATOM   271  O OE1 . GLN A 1 31  ? -3.508  -13.982 -3.824  1    31.654 ? 1343 GLN A OE1 1 
ATOM   272  N NE2 . GLN A 1 31  ? -3.260  -16.213 -4.067  1    29.484 ? 1343 GLN A NE2 1 
ATOM   273  N N   . PRO A 1 32  ? 1.274   -14.231 -2.291  1    14.117 ? 1344 PRO A N   1 
ATOM   274  C CA  . PRO A 1 32  ? 2.554   -14.465 -1.608  1    16.029 ? 1344 PRO A CA  1 
ATOM   275  C C   . PRO A 1 32  ? 3.616   -15.123 -2.511  1    16.656 ? 1344 PRO A C   1 
ATOM   276  O O   . PRO A 1 32  ? 3.297   -15.959 -3.384  1    17.134 ? 1344 PRO A O   1 
ATOM   277  C CB  . PRO A 1 32  ? 2.155   -15.354 -0.435  1    17.145 ? 1344 PRO A CB  1 
ATOM   278  C CG  . PRO A 1 32  ? 0.711   -14.932 -0.139  1    16.596 ? 1344 PRO A CG  1 
ATOM   279  C CD  . PRO A 1 32  ? 0.116   -14.746 -1.525  1    16.844 ? 1344 PRO A CD  1 
ATOM   280  N N   . VAL A 1 33  ? 4.899   -14.727 -2.357  1    17.69  ? 1345 VAL A N   1 
ATOM   281  C CA  . VAL A 1 33  ? 5.998   -15.379 -3.061  1    17.082 ? 1345 VAL A CA  1 
ATOM   282  C C   . VAL A 1 33  ? 5.958   -16.879 -2.763  1    17.703 ? 1345 VAL A C   1 
ATOM   283  O O   . VAL A 1 33  ? 5.744   -17.300 -1.633  1    19.81  ? 1345 VAL A O   1 
ATOM   284  C CB  . VAL A 1 33  ? 7.364   -14.738 -2.708  1    17.87  ? 1345 VAL A CB  1 
ATOM   285  C CG1 . VAL A 1 33  ? 8.532   -15.535 -3.301  1    19.326 ? 1345 VAL A CG1 1 
ATOM   286  C CG2 . VAL A 1 33  ? 7.445   -13.284 -3.162  1    18.695 ? 1345 VAL A CG2 1 
ATOM   287  N N   . ASP A 1 34  ? 6.105   -17.709 -3.810  1    17.583 ? 1346 ASP A N   1 
ATOM   288  C CA  . ASP A 1 34  ? 6.080   -19.163 -3.665  1    19.407 ? 1346 ASP A CA  1 
ATOM   289  C C   . ASP A 1 34  ? 7.481   -19.689 -3.316  1    17.486 ? 1346 ASP A C   1 
ATOM   290  O O   . ASP A 1 34  ? 8.404   -19.566 -4.123  1    17.851 ? 1346 ASP A O   1 
ATOM   291  C CB  . ASP A 1 34  ? 5.553   -19.772 -4.958  1    22.385 ? 1346 ASP A CB  1 
ATOM   292  C CG  . ASP A 1 34  ? 5.446   -21.285 -5.047  1    25.926 ? 1346 ASP A CG  1 
ATOM   293  O OD1 . ASP A 1 34  ? 5.852   -21.999 -4.081  1    28.35  ? 1346 ASP A OD1 1 
ATOM   294  O OD2 . ASP A 1 34  ? 4.888   -21.733 -6.081  1    31.684 ? 1346 ASP A OD2 1 
ATOM   295  N N   . LEU A 1 35  ? 7.597   -20.359 -2.159  1    19.994 ? 1347 LEU A N   1 
ATOM   296  C CA  . LEU A 1 35  ? 8.873   -20.896 -1.689  1    20.159 ? 1347 LEU A CA  1 
ATOM   297  C C   . LEU A 1 35  ? 9.385   -22.046 -2.550  1    21.524 ? 1347 LEU A C   1 
ATOM   298  O O   . LEU A 1 35  ? 10.577  -22.373 -2.514  1    23.035 ? 1347 LEU A O   1 
ATOM   299  C CB  . LEU A 1 35  ? 8.854   -21.303 -0.211  1    25.15  ? 1347 LEU A CB  1 
ATOM   300  C CG  . LEU A 1 35  ? 9.059   -20.157 0.781   1    27.055 ? 1347 LEU A CG  1 
ATOM   301  C CD1 . LEU A 1 35  ? 8.798   -20.551 2.251   1    30.615 ? 1347 LEU A CD1 1 
ATOM   302  C CD2 . LEU A 1 35  ? 10.462  -19.595 0.632   1    29.441 ? 1347 LEU A CD2 1 
ATOM   303  N N   . LEU A 1 36  ? 8.501   -22.710 -3.304  1    19.268 ? 1348 LEU A N   1 
ATOM   304  C CA  . LEU A 1 36  ? 8.995   -23.740 -4.208  1    20.849 ? 1348 LEU A CA  1 
ATOM   305  C C   . LEU A 1 36  ? 9.721   -23.140 -5.413  1    21.548 ? 1348 LEU A C   1 
ATOM   306  O O   . LEU A 1 36  ? 10.628  -23.760 -5.979  1    26.677 ? 1348 LEU A O   1 
ATOM   307  C CB  . LEU A 1 36  ? 7.846   -24.651 -4.628  1    23.634 ? 1348 LEU A CB  1 
ATOM   308  C CG  . LEU A 1 36  ? 7.441   -25.734 -3.617  1    30.287 ? 1348 LEU A CG  1 
ATOM   309  C CD1 . LEU A 1 36  ? 6.913   -25.222 -2.283  1    38.93  ? 1348 LEU A CD1 1 
ATOM   310  C CD2 . LEU A 1 36  ? 6.452   -26.685 -4.230  1    32.011 ? 1348 LEU A CD2 1 
ATOM   311  N N   . GLU A 1 37  ? 9.344   -21.924 -5.803  1    17.485 ? 1349 GLU A N   1 
ATOM   312  C CA  . GLU A 1 37  ? 10.032  -21.217 -6.888  1    17.063 ? 1349 GLU A CA  1 
ATOM   313  C C   . GLU A 1 37  ? 11.301  -20.500 -6.387  1    17.432 ? 1349 GLU A C   1 
ATOM   314  O O   . GLU A 1 37  ? 12.294  -20.426 -7.137  1    19.6   ? 1349 GLU A O   1 
ATOM   315  C CB  . GLU A 1 37  ? 9.083   -20.201 -7.529  1    19.113 ? 1349 GLU A CB  1 
ATOM   316  C CG  . GLU A 1 37  ? 7.814   -20.758 -8.194  1    21.171 ? 1349 GLU A CG  1 
ATOM   317  C CD  . GLU A 1 37  ? 6.869   -19.676 -8.747  1    28.842 ? 1349 GLU A CD  1 
ATOM   318  O OE1 . GLU A 1 37  ? 7.139   -18.445 -8.567  1    27.03  ? 1349 GLU A OE1 1 
ATOM   319  O OE2 . GLU A 1 37  ? 5.840   -20.050 -9.400  1    33.633 ? 1349 GLU A OE2 1 
ATOM   320  N N   . TYR A 1 38  ? 11.284  -20.024 -5.127  1    16.595 ? 1350 TYR A N   1 
ATOM   321  C CA  . TYR A 1 38  ? 12.367  -19.205 -4.567  1    15.612 ? 1350 TYR A CA  1 
ATOM   322  C C   . TYR A 1 38  ? 12.689  -19.740 -3.175  1    18.034 ? 1350 TYR A C   1 
ATOM   323  O O   . TYR A 1 38  ? 12.282  -19.182 -2.150  1    15.85  ? 1350 TYR A O   1 
ATOM   324  C CB  . TYR A 1 38  ? 11.978  -17.721 -4.513  1    14.629 ? 1350 TYR A CB  1 
ATOM   325  C CG  . TYR A 1 38  ? 11.615  -17.153 -5.889  1    15.181 ? 1350 TYR A CG  1 
ATOM   326  C CD1 . TYR A 1 38  ? 12.599  -16.879 -6.837  1    16.692 ? 1350 TYR A CD1 1 
ATOM   327  C CD2 . TYR A 1 38  ? 10.283  -16.988 -6.267  1    16.558 ? 1350 TYR A CD2 1 
ATOM   328  C CE1 . TYR A 1 38  ? 12.275  -16.433 -8.118  1    17.8   ? 1350 TYR A CE1 1 
ATOM   329  C CE2 . TYR A 1 38  ? 9.939   -16.566 -7.550  1    16.902 ? 1350 TYR A CE2 1 
ATOM   330  C CZ  . TYR A 1 38  ? 10.945  -16.267 -8.464  1    16.998 ? 1350 TYR A CZ  1 
ATOM   331  O OH  . TYR A 1 38  ? 10.646  -15.827 -9.741  1    19.627 ? 1350 TYR A OH  1 
ATOM   332  N N   . PRO A 1 39  ? 13.417  -20.902 -3.100  1    17.147 ? 1351 PRO A N   1 
ATOM   333  C CA  . PRO A 1 39  ? 13.614  -21.593 -1.813  1    18.185 ? 1351 PRO A CA  1 
ATOM   334  C C   . PRO A 1 39  ? 14.301  -20.818 -0.669  1    16.289 ? 1351 PRO A C   1 
ATOM   335  O O   . PRO A 1 39  ? 14.023  -21.071 0.513   1    17.574 ? 1351 PRO A O   1 
ATOM   336  C CB  . PRO A 1 39  ? 14.369  -22.857 -2.246  1    18.641 ? 1351 PRO A CB  1 
ATOM   337  C CG  . PRO A 1 39  ? 14.111  -23.072 -3.691  1    20.989 ? 1351 PRO A CG  1 
ATOM   338  C CD  . PRO A 1 39  ? 13.887  -21.684 -4.274  1    20.468 ? 1351 PRO A CD  1 
ATOM   339  N N   . ASP A 1 40  ? 15.158  -19.839 -1.043  1    17.776 ? 1352 ASP A N   1 
ATOM   340  C CA  . ASP A 1 40  ? 15.931  -19.036 -0.108  1    17.382 ? 1352 ASP A CA  1 
ATOM   341  C C   . ASP A 1 40  ? 15.187  -17.770 0.322   1    14.589 ? 1352 ASP A C   1 
ATOM   342  O O   . ASP A 1 40  ? 15.755  -16.959 1.068   1    15.524 ? 1352 ASP A O   1 
ATOM   343  C CB  . ASP A 1 40  ? 17.275  -18.613 -0.697  1    18.468 ? 1352 ASP A CB  1 
ATOM   344  C CG  . ASP A 1 40  ? 17.177  -17.869 -2.026  1    19.789 ? 1352 ASP A CG  1 
ATOM   345  O OD1 . ASP A 1 40  ? 16.091  -17.890 -2.662  1    22.996 ? 1352 ASP A OD1 1 
ATOM   346  O OD2 . ASP A 1 40  ? 18.199  -17.268 -2.456  1    22.839 ? 1352 ASP A OD2 1 
ATOM   347  N N   . TYR A 1 41  ? 13.919  -17.581 -0.096  1    14.95  ? 1353 TYR A N   1 
ATOM   348  C CA  . TYR A 1 41  ? 13.255  -16.295 0.088   1    14.74  ? 1353 TYR A CA  1 
ATOM   349  C C   . TYR A 1 41  ? 13.224  -15.854 1.564   1    14.219 ? 1353 TYR A C   1 
ATOM   350  O O   . TYR A 1 41  ? 13.557  -14.697 1.863   1    14.417 ? 1353 TYR A O   1 
ATOM   351  C CB  . TYR A 1 41  ? 11.861  -16.307 -0.577  1    15.233 ? 1353 TYR A CB  1 
ATOM   352  C CG  . TYR A 1 41  ? 11.224  -14.921 -0.654  1    12.684 ? 1353 TYR A CG  1 
ATOM   353  C CD1 . TYR A 1 41  ? 11.636  -14.006 -1.622  1    13.358 ? 1353 TYR A CD1 1 
ATOM   354  C CD2 . TYR A 1 41  ? 10.235  -14.516 0.265   1    13.999 ? 1353 TYR A CD2 1 
ATOM   355  C CE1 . TYR A 1 41  ? 11.099  -12.737 -1.698  1    11.91  ? 1353 TYR A CE1 1 
ATOM   356  C CE2 . TYR A 1 41  ? 9.675   -13.238 0.169   1    13.701 ? 1353 TYR A CE2 1 
ATOM   357  C CZ  . TYR A 1 41  ? 10.116  -12.348 -0.802  1    12.62  ? 1353 TYR A CZ  1 
ATOM   358  O OH  . TYR A 1 41  ? 9.602   -11.046 -0.851  1    14.277 ? 1353 TYR A OH  1 
ATOM   359  N N   . ARG A 1 42  ? 12.800  -16.730 2.485   1    15.252 ? 1354 ARG A N   1 
ATOM   360  C CA  . ARG A 1 42  ? 12.720  -16.364 3.903   1    16.614 ? 1354 ARG A CA  1 
ATOM   361  C C   . ARG A 1 42  ? 14.080  -16.268 4.626   1    16.863 ? 1354 ARG A C   1 
ATOM   362  O O   . ARG A 1 42  ? 14.115  -15.769 5.753   1    18.528 ? 1354 ARG A O   1 
ATOM   363  C CB  . ARG A 1 42  ? 11.821  -17.327 4.698   1    18.778 ? 1354 ARG A CB  1 
ATOM   364  C CG  . ARG A 1 42  ? 10.368  -17.208 4.253   1    23.169 ? 1354 ARG A CG  1 
ATOM   365  C CD  . ARG A 1 42  ? 9.764   -15.825 4.412   1    28.068 ? 1354 ARG A CD  1 
ATOM   366  N NE  . ARG A 1 42  ? 9.556   -15.443 5.814   1    31.949 ? 1354 ARG A NE  1 
ATOM   367  C CZ  . ARG A 1 42  ? 8.492   -15.778 6.547   1    28.563 ? 1354 ARG A CZ  1 
ATOM   368  N NH1 . ARG A 1 42  ? 7.529   -16.505 6.007   1    32.972 ? 1354 ARG A NH1 1 
ATOM   369  N NH2 . ARG A 1 42  ? 8.418   -15.381 7.802   1    35.23  ? 1354 ARG A NH2 1 
ATOM   370  N N   . ASP A 1 43  ? 15.189  -16.677 3.982   1    15.048 ? 1355 ASP A N   1 
ATOM   371  C CA  . ASP A 1 43  ? 16.535  -16.453 4.527   1    16.288 ? 1355 ASP A CA  1 
ATOM   372  C C   . ASP A 1 43  ? 16.971  -15.009 4.288   1    17.08  ? 1355 ASP A C   1 
ATOM   373  O O   . ASP A 1 43  ? 17.943  -14.550 4.914   1    18.843 ? 1355 ASP A O   1 
ATOM   374  C CB  . ASP A 1 43  ? 17.530  -17.385 3.871   1    18.308 ? 1355 ASP A CB  1 
ATOM   375  C CG  . ASP A 1 43  ? 17.293  -18.860 4.153   1    21.306 ? 1355 ASP A CG  1 
ATOM   376  O OD1 . ASP A 1 43  ? 16.846  -19.179 5.268   1    22.576 ? 1355 ASP A OD1 1 
ATOM   377  O OD2 . ASP A 1 43  ? 17.569  -19.676 3.265   1    21.194 ? 1355 ASP A OD2 1 
ATOM   378  N N   . ILE A 1 44  ? 16.286  -14.322 3.354   1    13.766 ? 1356 ILE A N   1 
ATOM   379  C CA  . ILE A 1 44  ? 16.627  -12.935 2.960   1    14.736 ? 1356 ILE A CA  1 
ATOM   380  C C   . ILE A 1 44  ? 15.558  -11.977 3.511   1    14.587 ? 1356 ILE A C   1 
ATOM   381  O O   . ILE A 1 44  ? 15.883  -10.878 3.998   1    17.828 ? 1356 ILE A O   1 
ATOM   382  C CB  . ILE A 1 44  ? 16.738  -12.795 1.413   1    15.695 ? 1356 ILE A CB  1 
ATOM   383  C CG1 . ILE A 1 44  ? 17.671  -13.843 0.733   1    21.873 ? 1356 ILE A CG1 1 
ATOM   384  C CG2 . ILE A 1 44  ? 17.092  -11.372 0.962   1    17.872 ? 1356 ILE A CG2 1 
ATOM   385  C CD1 . ILE A 1 44  ? 18.999  -14.018 1.399   1    26.2   ? 1356 ILE A CD1 1 
ATOM   386  N N   . ILE A 1 45  ? 14.278  -12.365 3.472   1    14.485 ? 1357 ILE A N   1 
ATOM   387  C CA  . ILE A 1 45  ? 13.141  -11.467 3.721   1    13.46  ? 1357 ILE A CA  1 
ATOM   388  C C   . ILE A 1 45  ? 12.458  -11.858 5.025   1    16.101 ? 1357 ILE A C   1 
ATOM   389  O O   . ILE A 1 45  ? 11.998  -12.973 5.134   1    16.729 ? 1357 ILE A O   1 
ATOM   390  C CB  . ILE A 1 45  ? 12.156  -11.492 2.517   1    13.573 ? 1357 ILE A CB  1 
ATOM   391  C CG1 . ILE A 1 45  ? 12.829  -11.006 1.205   1    13.271 ? 1357 ILE A CG1 1 
ATOM   392  C CG2 . ILE A 1 45  ? 10.820  -10.759 2.805   1    13.754 ? 1357 ILE A CG2 1 
ATOM   393  C CD1 . ILE A 1 45  ? 13.437  -9.608  1.296   1    15.597 ? 1357 ILE A CD1 1 
ATOM   394  N N   . ASP A 1 46  ? 12.379  -10.910 5.970   1    16.716 ? 1358 ASP A N   1 
ATOM   395  C CA  . ASP A 1 46  ? 11.799  -11.160 7.289   1    17.401 ? 1358 ASP A CA  1 
ATOM   396  C C   . ASP A 1 46  ? 10.261  -11.186 7.293   1    17.671 ? 1358 ASP A C   1 
ATOM   397  O O   . ASP A 1 46  ? 9.672   -12.035 7.964   1    18.169 ? 1358 ASP A O   1 
ATOM   398  C CB  . ASP A 1 46  ? 12.232  -10.104 8.299   1    21.427 ? 1358 ASP A CB  1 
ATOM   399  C CG  . ASP A 1 46  ? 13.698  -10.037 8.717   1    33.599 ? 1358 ASP A CG  1 
ATOM   400  O OD1 . ASP A 1 46  ? 14.484  -10.933 8.340   1    35.791 ? 1358 ASP A OD1 1 
ATOM   401  O OD2 . ASP A 1 46  ? 14.050  -9.074  9.445   1    37.349 ? 1358 ASP A OD2 1 
ATOM   402  N N   . THR A 1 47  ? 9.619   -10.251 6.551   1    16.181 ? 1359 THR A N   1 
ATOM   403  C CA  . THR A 1 47  ? 8.163   -10.150 6.524   1    16.447 ? 1359 THR A CA  1 
ATOM   404  C C   . THR A 1 47  ? 7.653   -10.117 5.091   1    13.753 ? 1359 THR A C   1 
ATOM   405  O O   . THR A 1 47  ? 7.624   -9.047  4.473   1    14.42  ? 1359 THR A O   1 
ATOM   406  C CB  . THR A 1 47  ? 7.566   -8.956  7.284   1    16.325 ? 1359 THR A CB  1 
ATOM   407  O OG1 . THR A 1 47  ? 8.052   -9.049  8.631   1    18.778 ? 1359 THR A OG1 1 
ATOM   408  C CG2 . THR A 1 47  ? 6.036   -8.971  7.319   1    16.63  ? 1359 THR A CG2 1 
ATOM   409  N N   A PRO A 1 48  ? 7.058   -11.239 4.632   0.32 14.848 ? 1360 PRO A N   1 
ATOM   410  N N   B PRO A 1 48  ? 7.267   -11.266 4.501   0.68 15.01  ? 1360 PRO A N   1 
ATOM   411  C CA  A PRO A 1 48  ? 6.486   -11.285 3.290   0.32 14.839 ? 1360 PRO A CA  1 
ATOM   412  C CA  B PRO A 1 48  ? 6.598   -11.255 3.194   0.68 14.58  ? 1360 PRO A CA  1 
ATOM   413  C C   A PRO A 1 48  ? 5.273   -10.368 3.193   0.32 13.919 ? 1360 PRO A C   1 
ATOM   414  C C   B PRO A 1 48  ? 5.337   -10.375 3.177   0.68 13.847 ? 1360 PRO A C   1 
ATOM   415  O O   A PRO A 1 48  ? 4.566   -10.193 4.185   0.32 14.125 ? 1360 PRO A O   1 
ATOM   416  O O   B PRO A 1 48  ? 4.636   -10.244 4.181   0.68 13.889 ? 1360 PRO A O   1 
ATOM   417  C CB  A PRO A 1 48  ? 6.078   -12.743 3.109   0.32 15.544 ? 1360 PRO A CB  1 
ATOM   418  C CB  B PRO A 1 48  ? 6.294   -12.740 2.969   0.68 15.837 ? 1360 PRO A CB  1 
ATOM   419  C CG  A PRO A 1 48  ? 6.014   -13.316 4.513   0.32 17.019 ? 1360 PRO A CG  1 
ATOM   420  C CG  B PRO A 1 48  ? 7.338   -13.499 3.800   0.68 16.614 ? 1360 PRO A CG  1 
ATOM   421  C CD  A PRO A 1 48  ? 6.837   -12.472 5.419   0.32 14.489 ? 1360 PRO A CD  1 
ATOM   422  C CD  B PRO A 1 48  ? 7.477   -12.627 5.031   0.68 15.88  ? 1360 PRO A CD  1 
ATOM   423  N N   . MET A 1 49  ? 5.054   -9.772  2.013   1    12.873 ? 1361 MET A N   1 
ATOM   424  C CA  . MET A 1 49  ? 3.819   -8.994  1.829   1    12.138 ? 1361 MET A CA  1 
ATOM   425  C C   . MET A 1 49  ? 3.425   -9.071  0.348   1    11.909 ? 1361 MET A C   1 
ATOM   426  O O   . MET A 1 49  ? 4.295   -9.200  -0.532  1    12.141 ? 1361 MET A O   1 
ATOM   427  C CB  . MET A 1 49  ? 4.002   -7.533  2.279   1    11.966 ? 1361 MET A CB  1 
ATOM   428  C CG  . MET A 1 49  ? 2.713   -6.687  2.360   1    12.701 ? 1361 MET A CG  1 
ATOM   429  S SD  . MET A 1 49  ? 1.304   -7.388  3.263   1    13.008 ? 1361 MET A SD  1 
ATOM   430  C CE  . MET A 1 49  ? 2.007   -7.695  4.903   1    15.288 ? 1361 MET A CE  1 
ATOM   431  N N   . ASP A 1 50  ? 2.106   -8.987  0.077   1    10.918 ? 1362 ASP A N   1 
ATOM   432  C CA  . ASP A 1 50  ? 1.594   -9.040  -1.317  1    11.435 ? 1362 ASP A CA  1 
ATOM   433  C C   . ASP A 1 50  ? 0.278   -8.251  -1.378  1    10.828 ? 1362 ASP A C   1 
ATOM   434  O O   . ASP A 1 50  ? -0.365  -7.924  -0.358  1    10.872 ? 1362 ASP A O   1 
ATOM   435  C CB  . ASP A 1 50  ? 1.389   -10.489 -1.754  1    12.398 ? 1362 ASP A CB  1 
ATOM   436  C CG  . ASP A 1 50  ? 0.281   -11.122 -0.936  1    13.758 ? 1362 ASP A CG  1 
ATOM   437  O OD1 . ASP A 1 50  ? 0.578   -11.566 0.235   1    15.002 ? 1362 ASP A OD1 1 
ATOM   438  O OD2 . ASP A 1 50  ? -0.899  -11.042 -1.390  1    14.813 ? 1362 ASP A OD2 1 
ATOM   439  N N   . PHE A 1 51  ? -0.168  -7.895  -2.606  1    11.078 ? 1363 PHE A N   1 
ATOM   440  C CA  . PHE A 1 51  ? -1.371  -7.048  -2.769  1    10.242 ? 1363 PHE A CA  1 
ATOM   441  C C   . PHE A 1 51  ? -2.700  -7.726  -2.339  1    10.351 ? 1363 PHE A C   1 
ATOM   442  O O   . PHE A 1 51  ? -3.614  -6.999  -1.939  1    11.079 ? 1363 PHE A O   1 
ATOM   443  C CB  . PHE A 1 51  ? -1.500  -6.486  -4.199  1    10.686 ? 1363 PHE A CB  1 
ATOM   444  C CG  . PHE A 1 51  ? -0.490  -5.396  -4.476  1    11.238 ? 1363 PHE A CG  1 
ATOM   445  C CD1 . PHE A 1 51  ? -0.647  -4.138  -3.864  1    10.404 ? 1363 PHE A CD1 1 
ATOM   446  C CD2 . PHE A 1 51  ? 0.637   -5.612  -5.296  1    11.406 ? 1363 PHE A CD2 1 
ATOM   447  C CE1 . PHE A 1 51  ? 0.274   -3.122  -4.146  1    11.234 ? 1363 PHE A CE1 1 
ATOM   448  C CE2 . PHE A 1 51  ? 1.554   -4.596  -5.501  1    11.665 ? 1363 PHE A CE2 1 
ATOM   449  C CZ  . PHE A 1 51  ? 1.386   -3.340  -4.935  1    11.743 ? 1363 PHE A CZ  1 
ATOM   450  N N   . ALA A 1 52  ? -2.807  -9.072  -2.463  1    11.148 ? 1364 ALA A N   1 
ATOM   451  C CA  . ALA A 1 52  ? -4.054  -9.717  -2.009  1    12.15  ? 1364 ALA A CA  1 
ATOM   452  C C   . ALA A 1 52  ? -4.165  -9.644  -0.469  1    11.126 ? 1364 ALA A C   1 
ATOM   453  O O   . ALA A 1 52  ? -5.247  -9.347  0.073   1    12.019 ? 1364 ALA A O   1 
ATOM   454  C CB  . ALA A 1 52  ? -4.122  -11.175 -2.492  1    13.68  ? 1364 ALA A CB  1 
ATOM   455  N N   . THR A 1 53  ? -3.034  -9.829  0.259   1    11.511 ? 1365 THR A N   1 
ATOM   456  C CA  . THR A 1 53  ? -3.023  -9.664  1.719   1    11.439 ? 1365 THR A CA  1 
ATOM   457  C C   . THR A 1 53  ? -3.403  -8.212  2.084   1    10.146 ? 1365 THR A C   1 
ATOM   458  O O   . THR A 1 53  ? -4.196  -8.022  3.022   1    11.241 ? 1365 THR A O   1 
ATOM   459  C CB  . THR A 1 53  ? -1.652  -10.040 2.314   1    12.294 ? 1365 THR A CB  1 
ATOM   460  O OG1 . THR A 1 53  ? -1.393  -11.415 2.002   1    14.006 ? 1365 THR A OG1 1 
ATOM   461  C CG2 . THR A 1 53  ? -1.561  -9.819  3.818   1    13.391 ? 1365 THR A CG2 1 
ATOM   462  N N   . VAL A 1 54  ? -2.882  -7.191  1.379   1    10.539 ? 1366 VAL A N   1 
ATOM   463  C CA  . VAL A 1 54  ? -3.273  -5.810  1.649   1    11.169 ? 1366 VAL A CA  1 
ATOM   464  C C   . VAL A 1 54  ? -4.781  -5.617  1.464   1    10.829 ? 1366 VAL A C   1 
ATOM   465  O O   . VAL A 1 54  ? -5.471  -5.021  2.318   1    10.396 ? 1366 VAL A O   1 
ATOM   466  C CB  . VAL A 1 54  ? -2.440  -4.809  0.815   1    11.116 ? 1366 VAL A CB  1 
ATOM   467  C CG1 . VAL A 1 54  ? -2.954  -3.376  0.995   1    11.578 ? 1366 VAL A CG1 1 
ATOM   468  C CG2 . VAL A 1 54  ? -0.940  -4.860  1.180   1    12.369 ? 1366 VAL A CG2 1 
ATOM   469  N N   . ARG A 1 55  ? -5.344  -6.080  0.306   1    11.216 ? 1367 ARG A N   1 
ATOM   470  C CA  . ARG A 1 55  ? -6.782  -5.938  0.062   1    11.444 ? 1367 ARG A CA  1 
ATOM   471  C C   . ARG A 1 55  ? -7.618  -6.662  1.123   1    11.159 ? 1367 ARG A C   1 
ATOM   472  O O   . ARG A 1 55  ? -8.609  -6.100  1.602   1    12.256 ? 1367 ARG A O   1 
ATOM   473  C CB  . ARG A 1 55  ? -7.074  -6.531  -1.330  1    13.772 ? 1367 ARG A CB  1 
ATOM   474  C CG  . ARG A 1 55  ? -8.529  -6.329  -1.763  1    15.951 ? 1367 ARG A CG  1 
ATOM   475  C CD  . ARG A 1 55  ? -8.764  -6.901  -3.190  1    17.524 ? 1367 ARG A CD  1 
ATOM   476  N NE  . ARG A 1 55  ? -8.433  -6.018  -4.331  1    17.539 ? 1367 ARG A NE  1 
ATOM   477  C CZ  . ARG A 1 55  ? -8.464  -6.450  -5.628  1    15.53  ? 1367 ARG A CZ  1 
ATOM   478  N NH1 . ARG A 1 55  ? -8.161  -7.686  -5.941  1    16.609 ? 1367 ARG A NH1 1 
ATOM   479  N NH2 . ARG A 1 55  ? -8.735  -5.588  -6.607  1    17.091 ? 1367 ARG A NH2 1 
ATOM   480  N N   . GLU A 1 56  ? -7.216  -7.868  1.543   1    11.548 ? 1368 GLU A N   1 
ATOM   481  C CA  . GLU A 1 56  ? -7.956  -8.633  2.541   1    12.283 ? 1368 GLU A CA  1 
ATOM   482  C C   . GLU A 1 56  ? -7.933  -7.927  3.899   1    12.295 ? 1368 GLU A C   1 
ATOM   483  O O   . GLU A 1 56  ? -8.947  -7.940  4.641   1    12.904 ? 1368 GLU A O   1 
ATOM   484  C CB  . GLU A 1 56  ? -7.432  -10.073 2.622   1    15.248 ? 1368 GLU A CB  1 
ATOM   485  C CG  . GLU A 1 56  ? -7.803  -10.854 1.354   1    18.302 ? 1368 GLU A CG  1 
ATOM   486  C CD  . GLU A 1 56  ? -6.973  -12.063 0.981   1    26.827 ? 1368 GLU A CD  1 
ATOM   487  O OE1 . GLU A 1 56  ? -6.228  -12.536 1.863   1    27.895 ? 1368 GLU A OE1 1 
ATOM   488  O OE2 . GLU A 1 56  ? -7.095  -12.548 -0.201  1    27.81  ? 1368 GLU A OE2 1 
ATOM   489  N N   . THR A 1 57  ? -6.776  -7.342  4.304   1    11.437 ? 1369 THR A N   1 
ATOM   490  C CA  . THR A 1 57  ? -6.647  -6.587  5.571   1    11.371 ? 1369 THR A CA  1 
ATOM   491  C C   . THR A 1 57  ? -7.583  -5.374  5.563   1    11.542 ? 1369 THR A C   1 
ATOM   492  O O   . THR A 1 57  ? -8.291  -5.074  6.557   1    11.648 ? 1369 THR A O   1 
ATOM   493  C CB  . THR A 1 57  ? -5.173  -6.207  5.792   1    11.351 ? 1369 THR A CB  1 
ATOM   494  O OG1 . THR A 1 57  ? -4.360  -7.395  5.772   1    12.78  ? 1369 THR A OG1 1 
ATOM   495  C CG2 . THR A 1 57  ? -4.939  -5.453  7.088   1    12.548 ? 1369 THR A CG2 1 
ATOM   496  N N   . LEU A 1 58  ? -7.619  -4.662  4.423   1    10.846 ? 1370 LEU A N   1 
ATOM   497  C CA  . LEU A 1 58  ? -8.497  -3.512  4.232   1    11.428 ? 1370 LEU A CA  1 
ATOM   498  C C   . LEU A 1 58  ? -9.984  -3.893  4.331   1    11.689 ? 1370 LEU A C   1 
ATOM   499  O O   . LEU A 1 58  ? -10.761 -3.263  5.083   1    12.441 ? 1370 LEU A O   1 
ATOM   500  C CB  . LEU A 1 58  ? -8.191  -2.817  2.901   1    11.092 ? 1370 LEU A CB  1 
ATOM   501  C CG  . LEU A 1 58  ? -8.992  -1.546  2.563   1    11.494 ? 1370 LEU A CG  1 
ATOM   502  C CD1 . LEU A 1 58  ? -8.643  -0.367  3.443   1    13.022 ? 1370 LEU A CD1 1 
ATOM   503  C CD2 . LEU A 1 58  ? -8.784  -1.147  1.071   1    12.987 ? 1370 LEU A CD2 1 
ATOM   504  N N   . GLU A 1 59  ? -10.367 -4.948  3.598   1    12.91  ? 1371 GLU A N   1 
ATOM   505  C CA  . GLU A 1 59  ? -11.760 -5.417  3.578   1    14.08  ? 1371 GLU A CA  1 
ATOM   506  C C   . GLU A 1 59  ? -12.221 -5.997  4.921   1    13.605 ? 1371 GLU A C   1 
ATOM   507  O O   . GLU A 1 59  ? -13.453 -5.951  5.218   1    15.855 ? 1371 GLU A O   1 
ATOM   508  C CB  . GLU A 1 59  ? -12.001 -6.329  2.376   1    15.197 ? 1371 GLU A CB  1 
ATOM   509  C CG  . GLU A 1 59  ? -11.788 -5.630  1.031   1    19.873 ? 1371 GLU A CG  1 
ATOM   510  C CD  . GLU A 1 59  ? -12.641 -4.397  0.853   1    29.286 ? 1371 GLU A CD  1 
ATOM   511  O OE1 . GLU A 1 59  ? -13.844 -4.585  0.525   1    36.418 ? 1371 GLU A OE1 1 
ATOM   512  O OE2 . GLU A 1 59  ? -12.171 -3.265  1.109   1    28.048 ? 1371 GLU A OE2 1 
ATOM   513  N N   . ALA A 1 60  ? -11.330 -6.533  5.738   1    12.406 ? 1372 ALA A N   1 
ATOM   514  C CA  . ALA A 1 60  ? -11.640 -7.023  7.084   1    14.633 ? 1372 ALA A CA  1 
ATOM   515  C C   . ALA A 1 60  ? -11.860 -5.891  8.089   1    13.799 ? 1372 ALA A C   1 
ATOM   516  O O   . ALA A 1 60  ? -12.276 -6.135  9.235   1    14.829 ? 1372 ALA A O   1 
ATOM   517  C CB  . ALA A 1 60  ? -10.530 -7.937  7.584   1    14.894 ? 1372 ALA A CB  1 
ATOM   518  N N   . GLY A 1 61  ? -11.537 -4.647  7.701   1    12.953 ? 1373 GLY A N   1 
ATOM   519  C CA  . GLY A 1 61  ? -11.632 -3.556  8.664   1    12.501 ? 1373 GLY A CA  1 
ATOM   520  C C   . GLY A 1 61  ? -10.464 -3.532  9.637   1    11.77  ? 1373 GLY A C   1 
ATOM   521  O O   . GLY A 1 61  ? -10.619 -3.093  10.798  1    13.766 ? 1373 GLY A O   1 
ATOM   522  N N   . ASN A 1 62  ? -9.258  -3.956  9.207   1    11.492 ? 1374 ASN A N   1 
ATOM   523  C CA  . ASN A 1 62  ? -8.109  -4.058  10.107  1    12.565 ? 1374 ASN A CA  1 
ATOM   524  C C   . ASN A 1 62  ? -7.043  -2.975  9.838   1    14.15  ? 1374 ASN A C   1 
ATOM   525  O O   . ASN A 1 62  ? -5.927  -3.101  10.368  1    17.82  ? 1374 ASN A O   1 
ATOM   526  C CB  . ASN A 1 62  ? -7.474  -5.443  9.973   1    13.352 ? 1374 ASN A CB  1 
ATOM   527  C CG  . ASN A 1 62  ? -8.333  -6.558  10.552  1    16.78  ? 1374 ASN A CG  1 
ATOM   528  O OD1 . ASN A 1 62  ? -9.386  -6.355  11.184  1    21.049 ? 1374 ASN A OD1 1 
ATOM   529  N ND2 . ASN A 1 62  ? -7.900  -7.778  10.299  1    20.158 ? 1374 ASN A ND2 1 
ATOM   530  N N   . TYR A 1 63  ? -7.296  -2.012  8.943   1    12.201 ? 1375 TYR A N   1 
ATOM   531  C CA  . TYR A 1 63  ? -6.488  -0.788  8.882   1    12.011 ? 1375 TYR A CA  1 
ATOM   532  C C   . TYR A 1 63  ? -7.260  0.363   9.552   1    12.366 ? 1375 TYR A C   1 
ATOM   533  O O   . TYR A 1 63  ? -8.442  0.556   9.280   1    13.452 ? 1375 TYR A O   1 
ATOM   534  C CB  . TYR A 1 63  ? -6.112  -0.373  7.442   1    11.309 ? 1375 TYR A CB  1 
ATOM   535  C CG  . TYR A 1 63  ? -5.124  -1.307  6.724   1    10.216 ? 1375 TYR A CG  1 
ATOM   536  C CD1 . TYR A 1 63  ? -3.875  -1.604  7.274   1    10.676 ? 1375 TYR A CD1 1 
ATOM   537  C CD2 . TYR A 1 63  ? -5.402  -1.863  5.464   1    10.41  ? 1375 TYR A CD2 1 
ATOM   538  C CE1 . TYR A 1 63  ? -2.947  -2.422  6.621   1    11.314 ? 1375 TYR A CE1 1 
ATOM   539  C CE2 . TYR A 1 63  ? -4.496  -2.684  4.818   1    10.593 ? 1375 TYR A CE2 1 
ATOM   540  C CZ  . TYR A 1 63  ? -3.259  -2.957  5.380   1    11.605 ? 1375 TYR A CZ  1 
ATOM   541  O OH  . TYR A 1 63  ? -2.371  -3.768  4.711   1    12.287 ? 1375 TYR A OH  1 
ATOM   542  N N   A GLU A 1 64  ? -6.566  1.131   10.411  0.46 13.353 ? 1376 GLU A N   1 
ATOM   543  N N   B GLU A 1 64  ? -6.556  1.101   10.437  0.54 13.083 ? 1376 GLU A N   1 
ATOM   544  C CA  A GLU A 1 64  ? -7.197  2.293   11.048  0.46 14.447 ? 1376 GLU A CA  1 
ATOM   545  C CA  B GLU A 1 64  ? -7.138  2.287   11.088  0.54 14.53  ? 1376 GLU A CA  1 
ATOM   546  C C   A GLU A 1 64  ? -6.922  3.609   10.310  0.46 14.041 ? 1376 GLU A C   1 
ATOM   547  C C   B GLU A 1 64  ? -7.026  3.550   10.216  0.54 14.039 ? 1376 GLU A C   1 
ATOM   548  O O   A GLU A 1 64  ? -7.533  4.637   10.636  0.46 15.423 ? 1376 GLU A O   1 
ATOM   549  O O   B GLU A 1 64  ? -7.873  4.460   10.334  0.54 16.085 ? 1376 GLU A O   1 
ATOM   550  C CB  A GLU A 1 64  ? -6.646  2.495   12.461  0.46 17.61  ? 1376 GLU A CB  1 
ATOM   551  C CB  B GLU A 1 64  ? -6.565  2.458   12.504  0.54 17.626 ? 1376 GLU A CB  1 
ATOM   552  C CG  A GLU A 1 64  ? -7.539  3.396   13.312  0.46 21.563 ? 1376 GLU A CG  1 
ATOM   553  C CG  B GLU A 1 64  ? -5.183  3.104   12.596  0.54 21.936 ? 1376 GLU A CG  1 
ATOM   554  C CD  A GLU A 1 64  ? -7.149  3.483   14.773  0.46 25.728 ? 1376 GLU A CD  1 
ATOM   555  C CD  B GLU A 1 64  ? -4.480  3.309   13.936  0.54 23.178 ? 1376 GLU A CD  1 
ATOM   556  O OE1 A GLU A 1 64  ? -5.993  3.151   15.097  0.46 25.306 ? 1376 GLU A OE1 1 
ATOM   557  O OE1 B GLU A 1 64  ? -4.953  2.809   14.981  0.54 23.441 ? 1376 GLU A OE1 1 
ATOM   558  O OE2 A GLU A 1 64  ? -8.020  3.899   15.573  0.46 26.444 ? 1376 GLU A OE2 1 
ATOM   559  O OE2 B GLU A 1 64  ? -3.423  3.978   13.916  0.54 23.442 ? 1376 GLU A OE2 1 
ATOM   560  N N   . SER A 1 65  ? -6.019  3.609   9.324   1    13.653 ? 1377 SER A N   1 
ATOM   561  C CA  . SER A 1 65  ? -5.682  4.831   8.579   1    13.188 ? 1377 SER A CA  1 
ATOM   562  C C   . SER A 1 65  ? -5.085  4.461   7.210   1    12.893 ? 1377 SER A C   1 
ATOM   563  O O   . SER A 1 65  ? -4.532  3.341   7.059   1    12.219 ? 1377 SER A O   1 
ATOM   564  C CB  . SER A 1 65  ? -4.698  5.731   9.373   1    13.819 ? 1377 SER A CB  1 
ATOM   565  O OG  . SER A 1 65  ? -3.422  5.088   9.345   1    14.965 ? 1377 SER A OG  1 
ATOM   566  N N   . PRO A 1 66  ? -5.052  5.385   6.217   1    11.972 ? 1378 PRO A N   1 
ATOM   567  C CA  . PRO A 1 66  ? -4.357  5.079   4.966   1    12.324 ? 1378 PRO A CA  1 
ATOM   568  C C   . PRO A 1 66  ? -2.837  4.984   5.152   1    12.115 ? 1378 PRO A C   1 
ATOM   569  O O   . PRO A 1 66  ? -2.141  4.334   4.334   1    12.156 ? 1378 PRO A O   1 
ATOM   570  C CB  . PRO A 1 66  ? -4.824  6.183   4.005   1    12.804 ? 1378 PRO A CB  1 
ATOM   571  C CG  . PRO A 1 66  ? -5.156  7.368   4.961   1    12.997 ? 1378 PRO A CG  1 
ATOM   572  C CD  . PRO A 1 66  ? -5.786  6.692   6.152   1    12.478 ? 1378 PRO A CD  1 
ATOM   573  N N   . MET A 1 67  ? -2.271  5.636   6.172   1    11.697 ? 1379 MET A N   1 
ATOM   574  C CA  . MET A 1 67  ? -0.837  5.528   6.452   1    12.455 ? 1379 MET A CA  1 
ATOM   575  C C   . MET A 1 67  ? -0.434  4.064   6.744   1    10.846 ? 1379 MET A C   1 
ATOM   576  O O   . MET A 1 67  ? 0.645   3.610   6.329   1    11.131 ? 1379 MET A O   1 
ATOM   577  C CB  . MET A 1 67  ? -0.400  6.419   7.630   1    14.017 ? 1379 MET A CB  1 
ATOM   578  C CG  . MET A 1 67  ? -0.541  7.915   7.328   1    14.477 ? 1379 MET A CG  1 
ATOM   579  S SD  . MET A 1 67  ? -2.197  8.622   7.570   1    18.376 ? 1379 MET A SD  1 
ATOM   580  C CE  . MET A 1 67  ? -2.124  8.600   9.362   1    24.508 ? 1379 MET A CE  1 
ATOM   581  N N   . GLU A 1 68  ? -1.285  3.301   7.481   1    11.12  ? 1380 GLU A N   1 
ATOM   582  C CA  . GLU A 1 68  ? -0.981  1.881   7.751   1    10.849 ? 1380 GLU A CA  1 
ATOM   583  C C   . GLU A 1 68  ? -0.988  1.034   6.448   1    11.203 ? 1380 GLU A C   1 
ATOM   584  O O   . GLU A 1 68  ? -0.119  0.173   6.246   1    11.02  ? 1380 GLU A O   1 
ATOM   585  C CB  . GLU A 1 68  ? -1.951  1.233   8.770   1    12.606 ? 1380 GLU A CB  1 
ATOM   586  C CG  . GLU A 1 68  ? -1.856  1.788   10.190  1    14.404 ? 1380 GLU A CG  1 
ATOM   587  C CD  . GLU A 1 68  ? -2.879  1.185   11.156  1    17.094 ? 1380 GLU A CD  1 
ATOM   588  O OE1 . GLU A 1 68  ? -3.849  0.534   10.723  1    15.996 ? 1380 GLU A OE1 1 
ATOM   589  O OE2 . GLU A 1 68  ? -2.679  1.373   12.394  1    21.568 ? 1380 GLU A OE2 1 
ATOM   590  N N   . LEU A 1 69  ? -1.967  1.274   5.562   1    10.462 ? 1381 LEU A N   1 
ATOM   591  C CA  . LEU A 1 69  ? -1.981  0.597   4.267   1    10.382 ? 1381 LEU A CA  1 
ATOM   592  C C   . LEU A 1 69  ? -0.719  0.952   3.463   1    10.595 ? 1381 LEU A C   1 
ATOM   593  O O   . LEU A 1 69  ? -0.111  0.069   2.817   1    10.536 ? 1381 LEU A O   1 
ATOM   594  C CB  . LEU A 1 69  ? -3.303  0.905   3.539   1    11.777 ? 1381 LEU A CB  1 
ATOM   595  C CG  . LEU A 1 69  ? -3.401  0.333   2.114   1    11.213 ? 1381 LEU A CG  1 
ATOM   596  C CD1 . LEU A 1 69  ? -4.874  -0.046  1.782   1    12.561 ? 1381 LEU A CD1 1 
ATOM   597  C CD2 . LEU A 1 69  ? -2.869  1.244   1.000   1    12.494 ? 1381 LEU A CD2 1 
ATOM   598  N N   A CYS A 1 70  ? -0.331  2.248   3.442   0.78 11.253 ? 1382 CYS A N   1 
ATOM   599  N N   B CYS A 1 70  ? -0.306  2.224   3.475   0.22 11.155 ? 1382 CYS A N   1 
ATOM   600  C CA  A CYS A 1 70  ? 0.825   2.700   2.676   0.78 10.817 ? 1382 CYS A CA  1 
ATOM   601  C CA  B CYS A 1 70  ? 0.862   2.606   2.698   0.22 11.241 ? 1382 CYS A CA  1 
ATOM   602  C C   A CYS A 1 70  ? 2.088   1.990   3.172   0.78 12.25  ? 1382 CYS A C   1 
ATOM   603  C C   B CYS A 1 70  ? 2.101   1.885   3.176   0.22 12.035 ? 1382 CYS A C   1 
ATOM   604  O O   A CYS A 1 70  ? 2.955   1.603   2.367   0.78 11.879 ? 1382 CYS A O   1 
ATOM   605  O O   B CYS A 1 70  ? 2.943   1.481   2.373   0.22 12.16  ? 1382 CYS A O   1 
ATOM   606  C CB  A CYS A 1 70  ? 0.890   4.220   2.800   0.78 11.916 ? 1382 CYS A CB  1 
ATOM   607  C CB  B CYS A 1 70  ? 1.247   4.038   2.987   0.22 11.342 ? 1382 CYS A CB  1 
ATOM   608  S SG  A CYS A 1 70  ? 2.149   5.027   1.791   0.78 15.649 ? 1382 CYS A SG  1 
ATOM   609  S SG  B CYS A 1 70  ? 0.235   5.087   1.939   0.22 12.358 ? 1382 CYS A SG  1 
ATOM   610  N N   . LYS A 1 71  ? 2.235   1.813   4.498   1    12.348 ? 1383 LYS A N   1 
ATOM   611  C CA  . LYS A 1 71  ? 3.378   1.098   5.023   1    11.641 ? 1383 LYS A CA  1 
ATOM   612  C C   . LYS A 1 71  ? 3.461   -0.337  4.463   1    11.043 ? 1383 LYS A C   1 
ATOM   613  O O   . LYS A 1 71  ? 4.544   -0.823  4.108   1    11.64  ? 1383 LYS A O   1 
ATOM   614  C CB  . LYS A 1 71  ? 3.307   1.132   6.554   1    13.892 ? 1383 LYS A CB  1 
ATOM   615  C CG  . LYS A 1 71  ? 4.306   0.329   7.308   1    15.034 ? 1383 LYS A CG  1 
ATOM   616  C CD  . LYS A 1 71  ? 4.211   0.617   8.817   1    18.375 ? 1383 LYS A CD  1 
ATOM   617  C CE  . LYS A 1 71  ? 4.946   -0.406  9.677   1    19.414 ? 1383 LYS A CE  1 
ATOM   618  N NZ  . LYS A 1 71  ? 4.877   -0.252  11.180  1    23.771 ? 1383 LYS A NZ  1 
ATOM   619  N N   . ASP A 1 72  ? 2.330   -1.065  4.426   1    11.147 ? 1384 ASP A N   1 
ATOM   620  C CA  . ASP A 1 72  ? 2.362   -2.443  3.909   1    10.861 ? 1384 ASP A CA  1 
ATOM   621  C C   . ASP A 1 72  ? 2.646   -2.476  2.391   1    10.004 ? 1384 ASP A C   1 
ATOM   622  O O   . ASP A 1 72  ? 3.372   -3.375  1.924   1    10.606 ? 1384 ASP A O   1 
ATOM   623  C CB  . ASP A 1 72  ? 1.081   -3.218  4.256   1    11.343 ? 1384 ASP A CB  1 
ATOM   624  C CG  . ASP A 1 72  ? 0.953   -3.621  5.722   1    11.883 ? 1384 ASP A CG  1 
ATOM   625  O OD1 . ASP A 1 72  ? 1.968   -3.457  6.490   1    12.465 ? 1384 ASP A OD1 1 
ATOM   626  O OD2 . ASP A 1 72  ? -0.151  -4.119  6.097   1    12.988 ? 1384 ASP A OD2 1 
ATOM   627  N N   . VAL A 1 73  ? 2.080   -1.526  1.618   1    10.321 ? 1385 VAL A N   1 
ATOM   628  C CA  . VAL A 1 73  ? 2.402   -1.514  0.182   1    10.333 ? 1385 VAL A CA  1 
ATOM   629  C C   . VAL A 1 73  ? 3.895   -1.233  -0.029  1    10.722 ? 1385 VAL A C   1 
ATOM   630  O O   . VAL A 1 73  ? 4.570   -1.866  -0.865  1    10.573 ? 1385 VAL A O   1 
ATOM   631  C CB  . VAL A 1 73  ? 1.497   -0.502  -0.567  1    10.449 ? 1385 VAL A CB  1 
ATOM   632  C CG1 . VAL A 1 73  ? 1.968   -0.257  -2.005  1    11.535 ? 1385 VAL A CG1 1 
ATOM   633  C CG2 . VAL A 1 73  ? 0.027   -0.933  -0.577  1    11.147 ? 1385 VAL A CG2 1 
ATOM   634  N N   . ARG A 1 74  ? 4.450   -0.259  0.718   1    10.414 ? 1386 ARG A N   1 
ATOM   635  C CA  . ARG A 1 74  ? 5.871   0.069   0.555   1    11.344 ? 1386 ARG A CA  1 
ATOM   636  C C   . ARG A 1 74  ? 6.762   -1.126  0.915   1    10.339 ? 1386 ARG A C   1 
ATOM   637  O O   . ARG A 1 74  ? 7.855   -1.277  0.324   1    11.716 ? 1386 ARG A O   1 
ATOM   638  C CB  . ARG A 1 74  ? 6.241   1.311   1.386   1    12.198 ? 1386 ARG A CB  1 
ATOM   639  C CG  . ARG A 1 74  ? 5.701   2.592   0.757   1    12.37  ? 1386 ARG A CG  1 
ATOM   640  C CD  . ARG A 1 74  ? 5.836   3.809   1.673   1    14.667 ? 1386 ARG A CD  1 
ATOM   641  N NE  . ARG A 1 74  ? 5.439   5.054   0.995   1    15.291 ? 1386 ARG A NE  1 
ATOM   642  C CZ  . ARG A 1 74  ? 5.376   6.272   1.571   1    20.794 ? 1386 ARG A CZ  1 
ATOM   643  N NH1 . ARG A 1 74  ? 5.571   6.374   2.889   1    21.708 ? 1386 ARG A NH1 1 
ATOM   644  N NH2 . ARG A 1 74  ? 5.044   7.351   0.861   1    21.974 ? 1386 ARG A NH2 1 
ATOM   645  N N   . LEU A 1 75  ? 6.327   -1.988  1.851   1    10.563 ? 1387 LEU A N   1 
ATOM   646  C CA  . LEU A 1 75  ? 7.040   -3.221  2.179   1    11.26  ? 1387 LEU A CA  1 
ATOM   647  C C   . LEU A 1 75  ? 7.130   -4.179  0.969   1    11.224 ? 1387 LEU A C   1 
ATOM   648  O O   . LEU A 1 75  ? 8.160   -4.863  0.782   1    11.223 ? 1387 LEU A O   1 
ATOM   649  C CB  . LEU A 1 75  ? 6.373   -3.877  3.389   1    11.328 ? 1387 LEU A CB  1 
ATOM   650  C CG  . LEU A 1 75  ? 6.945   -5.216  3.845   1    11.844 ? 1387 LEU A CG  1 
ATOM   651  C CD1 . LEU A 1 75  ? 8.376   -5.104  4.363   1    12.924 ? 1387 LEU A CD1 1 
ATOM   652  C CD2 . LEU A 1 75  ? 6.084   -5.876  4.944   1    13.515 ? 1387 LEU A CD2 1 
ATOM   653  N N   . ILE A 1 76  ? 6.054   -4.278  0.148   1    10.711 ? 1388 ILE A N   1 
ATOM   654  C CA  . ILE A 1 76  ? 6.123   -5.083  -1.082  1    11.067 ? 1388 ILE A CA  1 
ATOM   655  C C   . ILE A 1 76  ? 7.320   -4.647  -1.944  1    11.338 ? 1388 ILE A C   1 
ATOM   656  O O   . ILE A 1 76  ? 8.112   -5.492  -2.417  1    12.085 ? 1388 ILE A O   1 
ATOM   657  C CB  . ILE A 1 76  ? 4.801   -4.989  -1.877  1    10.756 ? 1388 ILE A CB  1 
ATOM   658  C CG1 . ILE A 1 76  ? 3.618   -5.534  -1.060  1    11.264 ? 1388 ILE A CG1 1 
ATOM   659  C CG2 . ILE A 1 76  ? 4.926   -5.734  -3.231  1    12.432 ? 1388 ILE A CG2 1 
ATOM   660  C CD1 . ILE A 1 76  ? 2.238   -5.296  -1.672  1    12.004 ? 1388 ILE A CD1 1 
ATOM   661  N N   . PHE A 1 77  ? 7.478   -3.326  -2.142  1    11.951 ? 1389 PHE A N   1 
ATOM   662  C CA  . PHE A 1 77  ? 8.543   -2.789  -2.987  1    11.893 ? 1389 PHE A CA  1 
ATOM   663  C C   . PHE A 1 77  ? 9.921   -2.966  -2.342  1    12.264 ? 1389 PHE A C   1 
ATOM   664  O O   . PHE A 1 77  ? 10.897  -3.285  -3.037  1    12.919 ? 1389 PHE A O   1 
ATOM   665  C CB  . PHE A 1 77  ? 8.268   -1.320  -3.380  1    13.609 ? 1389 PHE A CB  1 
ATOM   666  C CG  . PHE A 1 77  ? 6.884   -1.073  -3.963  1    13.167 ? 1389 PHE A CG  1 
ATOM   667  C CD1 . PHE A 1 77  ? 6.312   -1.893  -4.939  1    14.914 ? 1389 PHE A CD1 1 
ATOM   668  C CD2 . PHE A 1 77  ? 6.157   0.026   -3.533  1    14.601 ? 1389 PHE A CD2 1 
ATOM   669  C CE1 . PHE A 1 77  ? 5.019   -1.643  -5.451  1    14.237 ? 1389 PHE A CE1 1 
ATOM   670  C CE2 . PHE A 1 77  ? 4.893   0.293   -4.048  1    14.888 ? 1389 PHE A CE2 1 
ATOM   671  C CZ  . PHE A 1 77  ? 4.337   -0.519  -5.012  1    14.674 ? 1389 PHE A CZ  1 
ATOM   672  N N   A SER A 1 78  ? 10.060  -2.744  -1.019  0.64 12.441 ? 1390 SER A N   1 
ATOM   673  N N   B SER A 1 78  ? 10.014  -2.739  -1.018  0.36 13.08  ? 1390 SER A N   1 
ATOM   674  C CA  A SER A 1 78  ? 11.366  -2.875  -0.370  0.64 11.637 ? 1390 SER A CA  1 
ATOM   675  C CA  B SER A 1 78  ? 11.277  -2.886  -0.304  0.36 13.195 ? 1390 SER A CA  1 
ATOM   676  C C   A SER A 1 78  ? 11.785  -4.350  -0.287  0.64 12.52  ? 1390 SER A C   1 
ATOM   677  C C   B SER A 1 78  ? 11.761  -4.330  -0.361  0.36 12.747 ? 1390 SER A C   1 
ATOM   678  O O   A SER A 1 78  ? 12.963  -4.699  -0.431  0.64 13.459 ? 1390 SER A O   1 
ATOM   679  O O   B SER A 1 78  ? 12.946  -4.569  -0.611  0.36 12.59  ? 1390 SER A O   1 
ATOM   680  C CB  A SER A 1 78  ? 11.337  -2.144  1.003   0.64 12.239 ? 1390 SER A CB  1 
ATOM   681  C CB  B SER A 1 78  ? 11.189  -2.398  1.141   0.36 14.164 ? 1390 SER A CB  1 
ATOM   682  O OG  A SER A 1 78  ? 10.452  -2.783  1.904   0.64 12.443 ? 1390 SER A OG  1 
ATOM   683  O OG  B SER A 1 78  ? 12.409  -2.707  1.798   0.36 16.77  ? 1390 SER A OG  1 
ATOM   684  N N   . ASN A 1 79  ? 10.844  -5.290  -0.166  1    12.379 ? 1391 ASN A N   1 
ATOM   685  C CA  . ASN A 1 79  ? 11.189  -6.706  -0.221  1    11.262 ? 1391 ASN A CA  1 
ATOM   686  C C   . ASN A 1 79  ? 11.728  -7.081  -1.622  1    11.892 ? 1391 ASN A C   1 
ATOM   687  O O   . ASN A 1 79  ? 12.723  -7.824  -1.728  1    12.568 ? 1391 ASN A O   1 
ATOM   688  C CB  . ASN A 1 79  ? 9.976   -7.595  0.065   1    11.541 ? 1391 ASN A CB  1 
ATOM   689  C CG  . ASN A 1 79  ? 9.567   -7.655  1.540   1    12.119 ? 1391 ASN A CG  1 
ATOM   690  O OD1 . ASN A 1 79  ? 10.323  -7.210  2.426   1    13.059 ? 1391 ASN A OD1 1 
ATOM   691  N ND2 . ASN A 1 79  ? 8.392   -8.219  1.834   1    13.064 ? 1391 ASN A ND2 1 
ATOM   692  N N   . SER A 1 80  ? 11.097  -6.567  -2.703  1    12.244 ? 1392 SER A N   1 
ATOM   693  C CA  . SER A 1 80  ? 11.548  -6.905  -4.067  1    12.202 ? 1392 SER A CA  1 
ATOM   694  C C   . SER A 1 80  ? 12.979  -6.373  -4.274  1    12.052 ? 1392 SER A C   1 
ATOM   695  O O   . SER A 1 80  ? 13.854  -7.061  -4.866  1    13.586 ? 1392 SER A O   1 
ATOM   696  C CB  . SER A 1 80  ? 10.554  -6.314  -5.071  1    12.339 ? 1392 SER A CB  1 
ATOM   697  O OG  . SER A 1 80  ? 10.958  -6.648  -6.406  1    13.942 ? 1392 SER A OG  1 
ATOM   698  N N   . LYS A 1 81  ? 13.260  -5.150  -3.796  1    13.28  ? 1393 LYS A N   1 
ATOM   699  C CA  . LYS A 1 81  ? 14.602  -4.566  -3.935  1    14.995 ? 1393 LYS A CA  1 
ATOM   700  C C   . LYS A 1 81  ? 15.662  -5.327  -3.125  1    14.618 ? 1393 LYS A C   1 
ATOM   701  O O   . LYS A 1 81  ? 16.793  -5.485  -3.608  1    15.152 ? 1393 LYS A O   1 
ATOM   702  C CB  . LYS A 1 81  ? 14.536  -3.063  -3.626  1    15.341 ? 1393 LYS A CB  1 
ATOM   703  C CG  . LYS A 1 81  ? 15.841  -2.287  -3.783  1    17.014 ? 1393 LYS A CG  1 
ATOM   704  C CD  . LYS A 1 81  ? 15.687  -0.805  -3.462  1    18.24  ? 1393 LYS A CD  1 
ATOM   705  C CE  . LYS A 1 81  ? 16.926  -0.034  -3.847  1    20.022 ? 1393 LYS A CE  1 
ATOM   706  N NZ  . LYS A 1 81  ? 16.881  1.380   -3.424  1    21.895 ? 1393 LYS A NZ  1 
ATOM   707  N N   . ALA A 1 82  ? 15.315  -5.858  -1.936  1    14.993 ? 1394 ALA A N   1 
ATOM   708  C CA  . ALA A 1 82  ? 16.259  -6.606  -1.104  1    14.867 ? 1394 ALA A CA  1 
ATOM   709  C C   . ALA A 1 82  ? 16.521  -8.004  -1.680  1    15.826 ? 1394 ALA A C   1 
ATOM   710  O O   . ALA A 1 82  ? 17.632  -8.540  -1.570  1    17.1   ? 1394 ALA A O   1 
ATOM   711  C CB  . ALA A 1 82  ? 15.707  -6.700  0.328   1    15.921 ? 1394 ALA A CB  1 
ATOM   712  N N   . TYR A 1 83  ? 15.518  -8.593  -2.355  1    14.16  ? 1395 TYR A N   1 
ATOM   713  C CA  . TYR A 1 83  ? 15.628  -9.967  -2.866  1    13.554 ? 1395 TYR A CA  1 
ATOM   714  C C   . TYR A 1 83  ? 16.300  -10.006 -4.248  1    13.517 ? 1395 TYR A C   1 
ATOM   715  O O   . TYR A 1 83  ? 16.866  -11.050 -4.635  1    14.06  ? 1395 TYR A O   1 
ATOM   716  C CB  . TYR A 1 83  ? 14.293  -10.727 -2.858  1    15.094 ? 1395 TYR A CB  1 
ATOM   717  C CG  . TYR A 1 83  ? 14.462  -12.202 -3.202  1    14.493 ? 1395 TYR A CG  1 
ATOM   718  C CD1 . TYR A 1 83  ? 15.134  -13.084 -2.356  1    14.153 ? 1395 TYR A CD1 1 
ATOM   719  C CD2 . TYR A 1 83  ? 14.025  -12.688 -4.445  1    15.018 ? 1395 TYR A CD2 1 
ATOM   720  C CE1 . TYR A 1 83  ? 15.320  -14.439 -2.699  1    15.605 ? 1395 TYR A CE1 1 
ATOM   721  C CE2 . TYR A 1 83  ? 14.211  -14.022 -4.788  1    18.028 ? 1395 TYR A CE2 1 
ATOM   722  C CZ  . TYR A 1 83  ? 14.863  -14.887 -3.935  1    15.603 ? 1395 TYR A CZ  1 
ATOM   723  O OH  . TYR A 1 83  ? 15.068  -16.200 -4.357  1    18.947 ? 1395 TYR A OH  1 
ATOM   724  N N   . THR A 1 84  ? 16.271  -8.898  -5.023  1    14.27  ? 1396 THR A N   1 
ATOM   725  C CA  . THR A 1 84  ? 16.786  -8.922  -6.405  1    14.949 ? 1396 THR A CA  1 
ATOM   726  C C   . THR A 1 84  ? 18.315  -9.187  -6.430  1    16.251 ? 1396 THR A C   1 
ATOM   727  O O   . THR A 1 84  ? 19.096  -8.603  -5.653  1    16.923 ? 1396 THR A O   1 
ATOM   728  C CB  . THR A 1 84  ? 16.423  -7.629  -7.163  1    15.08  ? 1396 THR A CB  1 
ATOM   729  O OG1 . THR A 1 84  ? 16.692  -7.915  -8.554  1    17.734 ? 1396 THR A OG1 1 
ATOM   730  C CG2 . THR A 1 84  ? 17.277  -6.429  -6.765  1    18.171 ? 1396 THR A CG2 1 
ATOM   731  N N   . PRO A 1 85  ? 18.850  -10.035 -7.354  1    16.403 ? 1397 PRO A N   1 
ATOM   732  C CA  . PRO A 1 85  ? 20.307  -10.174 -7.513  1    16.587 ? 1397 PRO A CA  1 
ATOM   733  C C   . PRO A 1 85  ? 20.943  -8.994  -8.241  1    17.08  ? 1397 PRO A C   1 
ATOM   734  O O   . PRO A 1 85  ? 22.184  -8.831  -8.217  1    16.717 ? 1397 PRO A O   1 
ATOM   735  C CB  . PRO A 1 85  ? 20.449  -11.481 -8.297  1    19.579 ? 1397 PRO A CB  1 
ATOM   736  C CG  . PRO A 1 85  ? 19.134  -11.612 -9.037  1    19.132 ? 1397 PRO A CG  1 
ATOM   737  C CD  . PRO A 1 85  ? 18.085  -10.911 -8.257  1    17.269 ? 1397 PRO A CD  1 
ATOM   738  N N   . SER A 1 86  ? 20.092  -8.195  -8.933  1    16.604 ? 1398 SER A N   1 
ATOM   739  C CA  . SER A 1 86  ? 20.556  -7.103  -9.781  1    16.051 ? 1398 SER A CA  1 
ATOM   740  C C   . SER A 1 86  ? 19.488  -5.998  -9.886  1    17.601 ? 1398 SER A C   1 
ATOM   741  O O   . SER A 1 86  ? 18.275  -6.273  -9.985  1    17.855 ? 1398 SER A O   1 
ATOM   742  C CB  . SER A 1 86  ? 20.848  -7.641  -11.166 1    19.619 ? 1398 SER A CB  1 
ATOM   743  O OG  . SER A 1 86  ? 21.110  -6.625  -12.125 1    19.97  ? 1398 SER A OG  1 
ATOM   744  N N   . LYS A 1 87  ? 19.931  -4.729  -9.934  1    18.05  ? 1399 LYS A N   1 
ATOM   745  C CA  . LYS A 1 87  ? 19.027  -3.608  -10.152 1    18.393 ? 1399 LYS A CA  1 
ATOM   746  C C   . LYS A 1 87  ? 18.574  -3.556  -11.612 1    17.685 ? 1399 LYS A C   1 
ATOM   747  O O   . LYS A 1 87  ? 17.705  -2.718  -11.927 1    18.348 ? 1399 LYS A O   1 
ATOM   748  C CB  . LYS A 1 87  ? 19.619  -2.266  -9.702  1    22.541 ? 1399 LYS A CB  1 
ATOM   749  C CG  . LYS A 1 87  ? 19.888  -2.159  -8.187  1    25.304 ? 1399 LYS A CG  1 
ATOM   750  C CD  . LYS A 1 87  ? 20.245  -0.775  -7.653  1    28.603 ? 1399 LYS A CD  1 
ATOM   751  C CE  . LYS A 1 87  ? 20.425  -0.872  -6.160  1    29.888 ? 1399 LYS A CE  1 
ATOM   752  N NZ  . LYS A 1 87  ? 20.712  0.464   -5.628  1    30.602 ? 1399 LYS A NZ  1 
ATOM   753  N N   . ARG A 1 88  ? 19.057  -4.504  -12.440 1    17.103 ? 1400 ARG A N   1 
ATOM   754  C CA  . ARG A 1 88  ? 18.613  -4.598  -13.824 1    18.15  ? 1400 ARG A CA  1 
ATOM   755  C C   . ARG A 1 88  ? 17.658  -5.774  -14.020 1    18.681 ? 1400 ARG A C   1 
ATOM   756  O O   . ARG A 1 88  ? 17.257  -6.065  -15.160 1    21.474 ? 1400 ARG A O   1 
ATOM   757  C CB  . ARG A 1 88  ? 19.786  -4.708  -14.812 1    20.738 ? 1400 ARG A CB  1 
ATOM   758  C CG  . ARG A 1 88  ? 20.471  -3.353  -14.978 1    26.285 ? 1400 ARG A CG  1 
ATOM   759  C CD  . ARG A 1 88  ? 21.721  -3.415  -15.886 1    28.346 ? 1400 ARG A CD  1 
ATOM   760  N NE  . ARG A 1 88  ? 21.411  -3.637  -17.305 1    36.976 ? 1400 ARG A NE  1 
ATOM   761  C CZ  . ARG A 1 88  ? 21.391  -4.784  -17.987 1    41.595 ? 1400 ARG A CZ  1 
ATOM   762  N NH1 . ARG A 1 88  ? 21.620  -5.934  -17.360 1    49.59  ? 1400 ARG A NH1 1 
ATOM   763  N NH2 . ARG A 1 88  ? 21.137  -4.775  -19.303 1    32.966 ? 1400 ARG A NH2 1 
ATOM   764  N N   . SER A 1 89  ? 17.276  -6.498  -12.944 1    17.478 ? 1401 SER A N   1 
ATOM   765  C CA  . SER A 1 89  ? 16.383  -7.659  -13.052 1    16.778 ? 1401 SER A CA  1 
ATOM   766  C C   . SER A 1 89  ? 14.945  -7.334  -13.503 1    16.396 ? 1401 SER A C   1 
ATOM   767  O O   . SER A 1 89  ? 14.468  -6.251  -13.191 1    17.862 ? 1401 SER A O   1 
ATOM   768  C CB  . SER A 1 89  ? 16.346  -8.472  -11.775 1    16.2   ? 1401 SER A CB  1 
ATOM   769  O OG  . SER A 1 89  ? 17.618  -9.000  -11.374 1    20.535 ? 1401 SER A OG  1 
ATOM   770  N N   . ARG A 1 90  ? 14.255  -8.296  -14.162 1    15.689 ? 1402 ARG A N   1 
ATOM   771  C CA  . ARG A 1 90  ? 12.873  -8.043  -14.642 1    17.681 ? 1402 ARG A CA  1 
ATOM   772  C C   . ARG A 1 90  ? 11.895  -7.766  -13.480 1    14.227 ? 1402 ARG A C   1 
ATOM   773  O O   . ARG A 1 90  ? 11.096  -6.810  -13.522 1    14.824 ? 1402 ARG A O   1 
ATOM   774  C CB  . ARG A 1 90  ? 12.340  -9.235  -15.436 1    16.931 ? 1402 ARG A CB  1 
ATOM   775  C CG  . ARG A 1 90  ? 10.905  -9.087  -15.938 1    16.052 ? 1402 ARG A CG  1 
ATOM   776  C CD  . ARG A 1 90  ? 10.842  -8.104  -17.125 1    19.633 ? 1402 ARG A CD  1 
ATOM   777  N NE  . ARG A 1 90  ? 9.530   -7.696  -17.663 1    24.456 ? 1402 ARG A NE  1 
ATOM   778  C CZ  . ARG A 1 90  ? 8.674   -8.422  -18.394 1    25.842 ? 1402 ARG A CZ  1 
ATOM   779  N NH1 . ARG A 1 90  ? 9.026   -9.575  -18.919 1    20.138 ? 1402 ARG A NH1 1 
ATOM   780  N NH2 . ARG A 1 90  ? 7.463   -7.948  -18.704 1    34.033 ? 1402 ARG A NH2 1 
ATOM   781  N N   . ILE A 1 91  ? 11.856  -8.656  -12.482 1    14.492 ? 1403 ILE A N   1 
ATOM   782  C CA  . ILE A 1 91  ? 10.888  -8.495  -11.385 1    13.852 ? 1403 ILE A CA  1 
ATOM   783  C C   . ILE A 1 91  ? 11.134  -7.184  -10.612 1    13.508 ? 1403 ILE A C   1 
ATOM   784  O O   . ILE A 1 91  ? 10.177  -6.416  -10.308 1    13.892 ? 1403 ILE A O   1 
ATOM   785  C CB  . ILE A 1 91  ? 10.827  -9.770  -10.510 1    13.574 ? 1403 ILE A CB  1 
ATOM   786  C CG1 . ILE A 1 91  ? 10.199  -10.927 -11.327 1    14.229 ? 1403 ILE A CG1 1 
ATOM   787  C CG2 . ILE A 1 91  ? 10.024  -9.524  -9.218  1    15.873 ? 1403 ILE A CG2 1 
ATOM   788  C CD1 . ILE A 1 91  ? 10.317  -12.311 -10.697 1    18.075 ? 1403 ILE A CD1 1 
ATOM   789  N N   . TYR A 1 92  ? 12.402  -6.808  -10.370 1    14.115 ? 1404 TYR A N   1 
ATOM   790  C CA  . TYR A 1 92  ? 12.695  -5.531  -9.700  1    14.26  ? 1404 TYR A CA  1 
ATOM   791  C C   . TYR A 1 92  ? 12.313  -4.343  -10.612 1    14.292 ? 1404 TYR A C   1 
ATOM   792  O O   . TYR A 1 92  ? 11.805  -3.337  -10.105 1    15.341 ? 1404 TYR A O   1 
ATOM   793  C CB  . TYR A 1 92  ? 14.154  -5.410  -9.196  1    16.59  ? 1404 TYR A CB  1 
ATOM   794  C CG  . TYR A 1 92  ? 14.550  -4.011  -8.724  1    16.043 ? 1404 TYR A CG  1 
ATOM   795  C CD1 . TYR A 1 92  ? 14.045  -3.478  -7.546  1    18.326 ? 1404 TYR A CD1 1 
ATOM   796  C CD2 . TYR A 1 92  ? 15.408  -3.220  -9.501  1    18.063 ? 1404 TYR A CD2 1 
ATOM   797  C CE1 . TYR A 1 92  ? 14.322  -2.164  -7.167  1    19.555 ? 1404 TYR A CE1 1 
ATOM   798  C CE2 . TYR A 1 92  ? 15.720  -1.917  -9.114  1    20.141 ? 1404 TYR A CE2 1 
ATOM   799  C CZ  . TYR A 1 92  ? 15.177  -1.392  -7.943  1    20.492 ? 1404 TYR A CZ  1 
ATOM   800  O OH  . TYR A 1 92  ? 15.489  -0.119  -7.490  1    24.268 ? 1404 TYR A OH  1 
ATOM   801  N N   A SER A 1 93  ? 12.530  -4.462  -11.936 0.37 14.885 ? 1405 SER A N   1 
ATOM   802  N N   B SER A 1 93  ? 12.510  -4.438  -11.946 0.63 13.882 ? 1405 SER A N   1 
ATOM   803  C CA  A SER A 1 93  ? 12.108  -3.441  -12.897 0.37 15.936 ? 1405 SER A CA  1 
ATOM   804  C CA  B SER A 1 93  ? 12.078  -3.331  -12.814 0.63 14.331 ? 1405 SER A CA  1 
ATOM   805  C C   A SER A 1 93  ? 10.613  -3.124  -12.740 0.37 14.148 ? 1405 SER A C   1 
ATOM   806  C C   B SER A 1 93  ? 10.564  -3.086  -12.714 0.63 13.304 ? 1405 SER A C   1 
ATOM   807  O O   A SER A 1 93  ? 10.210  -1.949  -12.759 0.37 14.808 ? 1405 SER A O   1 
ATOM   808  O O   B SER A 1 93  ? 10.100  -1.923  -12.826 0.63 14.248 ? 1405 SER A O   1 
ATOM   809  C CB  A SER A 1 93  ? 12.451  -3.880  -14.310 0.37 17.912 ? 1405 SER A CB  1 
ATOM   810  C CB  B SER A 1 93  ? 12.452  -3.542  -14.265 0.63 14.695 ? 1405 SER A CB  1 
ATOM   811  O OG  A SER A 1 93  ? 11.969  -3.031  -15.348 0.37 21.276 ? 1405 SER A OG  1 
ATOM   812  O OG  B SER A 1 93  ? 11.619  -4.457  -14.979 0.63 16.903 ? 1405 SER A OG  1 
ATOM   813  N N   . MET A 1 94  ? 9.809   -4.182  -12.569 1    12.531 ? 1406 MET A N   1 
ATOM   814  C CA  . MET A 1 94  ? 8.351   -4.094  -12.445 1    11.917 ? 1406 MET A CA  1 
ATOM   815  C C   . MET A 1 94  ? 7.977   -3.443  -11.114 1    13.008 ? 1406 MET A C   1 
ATOM   816  O O   . MET A 1 94  ? 7.114   -2.568  -11.041 1    12.821 ? 1406 MET A O   1 
ATOM   817  C CB  . MET A 1 94  ? 7.714   -5.476  -12.596 1    11.713 ? 1406 MET A CB  1 
ATOM   818  C CG  . MET A 1 94  ? 7.793   -5.993  -14.034 1    13.794 ? 1406 MET A CG  1 
ATOM   819  S SD  . MET A 1 94  ? 7.531   -7.784  -14.164 1    19.023 ? 1406 MET A SD  1 
ATOM   820  C CE  . MET A 1 94  ? 5.802   -7.697  -14.271 1    17.581 ? 1406 MET A CE  1 
ATOM   821  N N   . SER A 1 95  ? 8.604   -3.861  -9.988  1    13.158 ? 1407 SER A N   1 
ATOM   822  C CA  . SER A 1 95  ? 8.278   -3.223  -8.698  1    13.877 ? 1407 SER A CA  1 
ATOM   823  C C   . SER A 1 95  ? 8.714   -1.752  -8.659  1    12.638 ? 1407 SER A C   1 
ATOM   824  O O   . SER A 1 95  ? 8.000   -0.931  -8.072  1    14.185 ? 1407 SER A O   1 
ATOM   825  C CB  . SER A 1 95  ? 8.726   -4.085  -7.514  1    16.419 ? 1407 SER A CB  1 
ATOM   826  O OG  . SER A 1 95  ? 10.144  -4.182  -7.534  1    17.664 ? 1407 SER A OG  1 
ATOM   827  N N   . ASN A 1 96  ? 9.835   -1.399  -9.281  1    13.162 ? 1408 ASN A N   1 
ATOM   828  C CA  . ASN A 1 96  ? 10.289  -0.004  -9.313  1    14.626 ? 1408 ASN A CA  1 
ATOM   829  C C   . ASN A 1 96  ? 9.293   0.924   -10.040 1    15.015 ? 1408 ASN A C   1 
ATOM   830  O O   . ASN A 1 96  ? 9.011   2.056   -9.594  1    15.007 ? 1408 ASN A O   1 
ATOM   831  C CB  . ASN A 1 96  ? 11.755  0.042   -9.755  1    19.221 ? 1408 ASN A CB  1 
ATOM   832  C CG  . ASN A 1 96  ? 12.519  1.264   -9.328  1    21.238 ? 1408 ASN A CG  1 
ATOM   833  O OD1 . ASN A 1 96  ? 12.387  1.766   -8.201  1    22.315 ? 1408 ASN A OD1 1 
ATOM   834  N ND2 . ASN A 1 96  ? 13.376  1.704   -10.230 1    27.201 ? 1408 ASN A ND2 1 
ATOM   835  N N   . GLU A 1 97  ? 8.785   0.450   -11.190 1    13.425 ? 1409 GLU A N   1 
ATOM   836  C CA  . GLU A 1 97  ? 7.779   1.156   -11.982 1    13.494 ? 1409 GLU A CA  1 
ATOM   837  C C   . GLU A 1 97  ? 6.441   1.267   -11.236 1    12.307 ? 1409 GLU A C   1 
ATOM   838  O O   . GLU A 1 97  ? 5.838   2.354   -11.141 1    12.713 ? 1409 GLU A O   1 
ATOM   839  C CB  . GLU A 1 97  ? 7.605   0.440   -13.335 1    14.992 ? 1409 GLU A CB  1 
ATOM   840  C CG  . GLU A 1 97  ? 6.452   0.964   -14.183 1    15.956 ? 1409 GLU A CG  1 
ATOM   841  C CD  . GLU A 1 97  ? 6.620   2.389   -14.680 1    18.97  ? 1409 GLU A CD  1 
ATOM   842  O OE1 . GLU A 1 97  ? 7.688   2.992   -14.595 1    19.711 ? 1409 GLU A OE1 1 
ATOM   843  O OE2 . GLU A 1 97  ? 5.537   2.880   -15.134 1    20.875 ? 1409 GLU A OE2 1 
ATOM   844  N N   . LEU A 1 98  ? 6.004   0.151   -10.644 1    12.552 ? 1410 LEU A N   1 
ATOM   845  C CA  . LEU A 1 98  ? 4.748   0.160   -9.897  1    12.327 ? 1410 LEU A CA  1 
ATOM   846  C C   . LEU A 1 98  ? 4.839   1.073   -8.664  1    11.67  ? 1410 LEU A C   1 
ATOM   847  O O   . LEU A 1 98  ? 3.849   1.751   -8.271  1    13.335 ? 1410 LEU A O   1 
ATOM   848  C CB  . LEU A 1 98  ? 4.411   -1.289  -9.526  1    14.849 ? 1410 LEU A CB  1 
ATOM   849  C CG  . LEU A 1 98  ? 2.997   -1.584  -8.984  1    14.617 ? 1410 LEU A CG  1 
ATOM   850  C CD1 . LEU A 1 98  ? 1.900   -1.049  -9.960  1    17.569 ? 1410 LEU A CD1 1 
ATOM   851  C CD2 . LEU A 1 98  ? 2.854   -3.083  -8.684  1    14.393 ? 1410 LEU A CD2 1 
ATOM   852  N N   . SER A 1 99  ? 6.035   1.194   -8.031  1    12.085 ? 1411 SER A N   1 
ATOM   853  C CA  . SER A 1 99  ? 6.227   2.093   -6.897  1    12.163 ? 1411 SER A CA  1 
ATOM   854  C C   . SER A 1 99  ? 6.026   3.556   -7.301  1    12.886 ? 1411 SER A C   1 
ATOM   855  O O   . SER A 1 99  ? 5.329   4.311   -6.610  1    13.275 ? 1411 SER A O   1 
ATOM   856  C CB  . SER A 1 99  ? 7.625   1.898   -6.280  1    12.751 ? 1411 SER A CB  1 
ATOM   857  O OG  . SER A 1 99  ? 7.890   2.873   -5.266  1    14.389 ? 1411 SER A OG  1 
ATOM   858  N N   . ALA A 1 100 ? 6.558   3.972   -8.478  1    12.544 ? 1412 ALA A N   1 
ATOM   859  C CA  . ALA A 1 100 ? 6.320   5.339   -8.946  1    12.739 ? 1412 ALA A CA  1 
ATOM   860  C C   . ALA A 1 100 ? 4.833   5.616   -9.213  1    13.299 ? 1412 ALA A C   1 
ATOM   861  O O   . ALA A 1 100 ? 4.289   6.668   -8.793  1    14.338 ? 1412 ALA A O   1 
ATOM   862  C CB  . ALA A 1 100 ? 7.131   5.623   -10.206 1    14.506 ? 1412 ALA A CB  1 
ATOM   863  N N   . PHE A 1 101 ? 4.141   4.663   -9.852  1    13.179 ? 1413 PHE A N   1 
ATOM   864  C CA  . PHE A 1 101 ? 2.689   4.749   -10.056 1    14.21  ? 1413 PHE A CA  1 
ATOM   865  C C   . PHE A 1 101 ? 1.922   4.874   -8.718  1    13.779 ? 1413 PHE A C   1 
ATOM   866  O O   . PHE A 1 101 ? 1.046   5.756   -8.538  1    14.41  ? 1413 PHE A O   1 
ATOM   867  C CB  . PHE A 1 101 ? 2.211   3.528   -10.852 1    16.346 ? 1413 PHE A CB  1 
ATOM   868  C CG  . PHE A 1 101 ? 0.710   3.462   -11.132 1    16.351 ? 1413 PHE A CG  1 
ATOM   869  C CD1 . PHE A 1 101 ? 0.123   4.158   -12.189 1    21.486 ? 1413 PHE A CD1 1 
ATOM   870  C CD2 . PHE A 1 101 ? -0.118  2.725   -10.285 1    17.523 ? 1413 PHE A CD2 1 
ATOM   871  C CE1 . PHE A 1 101 ? -1.246  4.049   -12.450 1    22.285 ? 1413 PHE A CE1 1 
ATOM   872  C CE2 . PHE A 1 101 ? -1.487  2.634   -10.520 1    19.345 ? 1413 PHE A CE2 1 
ATOM   873  C CZ  . PHE A 1 101 ? -2.054  3.316   -11.596 1    23.142 ? 1413 PHE A CZ  1 
ATOM   874  N N   . PHE A 1 102 ? 2.247   3.995   -7.739  1    13.005 ? 1414 PHE A N   1 
ATOM   875  C CA  . PHE A 1 102 ? 1.548   4.051   -6.443  1    11.996 ? 1414 PHE A CA  1 
ATOM   876  C C   . PHE A 1 102 ? 1.791   5.378   -5.733  1    13.533 ? 1414 PHE A C   1 
ATOM   877  O O   . PHE A 1 102 ? 0.809   5.971   -5.208  1    14.365 ? 1414 PHE A O   1 
ATOM   878  C CB  . PHE A 1 102 ? 2.031   2.856   -5.569  1    12.869 ? 1414 PHE A CB  1 
ATOM   879  C CG  . PHE A 1 102 ? 1.499   2.932   -4.136  1    11.493 ? 1414 PHE A CG  1 
ATOM   880  C CD1 . PHE A 1 102 ? 0.189   2.604   -3.851  1    13.016 ? 1414 PHE A CD1 1 
ATOM   881  C CD2 . PHE A 1 102 ? 2.323   3.342   -3.099  1    13.802 ? 1414 PHE A CD2 1 
ATOM   882  C CE1 . PHE A 1 102 ? -0.305  2.691   -2.537  1    12.334 ? 1414 PHE A CE1 1 
ATOM   883  C CE2 . PHE A 1 102 ? 1.833   3.408   -1.788  1    13.6   ? 1414 PHE A CE2 1 
ATOM   884  C CZ  . PHE A 1 102 ? 0.516   3.113   -1.519  1    12.801 ? 1414 PHE A CZ  1 
ATOM   885  N N   . GLU A 1 103 ? 3.031   5.862   -5.658  1    13.175 ? 1415 GLU A N   1 
ATOM   886  C CA  . GLU A 1 103 ? 3.307   7.135   -4.984  1    16.128 ? 1415 GLU A CA  1 
ATOM   887  C C   . GLU A 1 103 ? 2.561   8.330   -5.611  1    16.913 ? 1415 GLU A C   1 
ATOM   888  O O   . GLU A 1 103 ? 2.084   9.223   -4.868  1    18.437 ? 1415 GLU A O   1 
ATOM   889  C CB  . GLU A 1 103 ? 4.814   7.385   -4.921  1    16.125 ? 1415 GLU A CB  1 
ATOM   890  C CG  . GLU A 1 103 ? 5.562   6.368   -4.052  1    16.662 ? 1415 GLU A CG  1 
ATOM   891  C CD  . GLU A 1 103 ? 5.238   6.292   -2.546  1    17.442 ? 1415 GLU A CD  1 
ATOM   892  O OE1 . GLU A 1 103 ? 4.754   7.310   -2.006  1    22.13  ? 1415 GLU A OE1 1 
ATOM   893  O OE2 . GLU A 1 103 ? 5.394   5.230   -1.898  1    16.853 ? 1415 GLU A OE2 1 
ATOM   894  N N   . GLU A 1 104 ? 2.416   8.328   -6.948  1    16.446 ? 1416 GLU A N   1 
ATOM   895  C CA  . GLU A 1 104 ? 1.694   9.407   -7.628  1    17.289 ? 1416 GLU A CA  1 
ATOM   896  C C   . GLU A 1 104 ? 0.238   9.440   -7.196  1    17.834 ? 1416 GLU A C   1 
ATOM   897  O O   . GLU A 1 104 ? -0.398  10.508  -7.177  1    20.85  ? 1416 GLU A O   1 
ATOM   898  C CB  . GLU A 1 104 ? 1.590   9.216   -9.149  1    21.561 ? 1416 GLU A CB  1 
ATOM   899  C CG  . GLU A 1 104 ? 2.870   9.400   -9.936  1    25.288 ? 1416 GLU A CG  1 
ATOM   900  C CD  . GLU A 1 104 ? 2.743   8.813   -11.354 1    24.97  ? 1416 GLU A CD  1 
ATOM   901  O OE1 . GLU A 1 104 ? 1.724   8.342   -12.020 1    25.469 ? 1416 GLU A OE1 1 
ATOM   902  O OE2 . GLU A 1 104 ? 3.896   8.865   -11.726 1    24.72  ? 1416 GLU A OE2 1 
ATOM   903  N N   . HIS A 1 105 ? -0.370  8.262   -6.971  1    16.29  ? 1417 HIS A N   1 
ATOM   904  C CA  . HIS A 1 105 ? -1.803  8.170   -6.688  1    16.966 ? 1417 HIS A CA  1 
ATOM   905  C C   . HIS A 1 105 ? -2.109  8.258   -5.179  1    15.904 ? 1417 HIS A C   1 
ATOM   906  O O   . HIS A 1 105 ? -3.155  8.815   -4.796  1    16.869 ? 1417 HIS A O   1 
ATOM   907  C CB  . HIS A 1 105 ? -2.426  6.903   -7.282  1    17.154 ? 1417 HIS A CB  1 
ATOM   908  C CG  . HIS A 1 105 ? -2.516  6.863   -8.793  1    23.673 ? 1417 HIS A CG  1 
ATOM   909  N ND1 . HIS A 1 105 ? -1.422  6.749   -9.632  1    25.195 ? 1417 HIS A ND1 1 
ATOM   910  C CD2 . HIS A 1 105 ? -3.601  6.874   -9.582  1    27.758 ? 1417 HIS A CD2 1 
ATOM   911  C CE1 . HIS A 1 105 ? -1.850  6.713   -10.894 1    29.58  ? 1417 HIS A CE1 1 
ATOM   912  N NE2 . HIS A 1 105 ? -3.176  6.750   -10.884 1    28.488 ? 1417 HIS A NE2 1 
ATOM   913  N N   . ILE A 1 106 ? -1.237  7.764   -4.299  1    14.245 ? 1418 ILE A N   1 
ATOM   914  C CA  . ILE A 1 106 ? -1.531  7.730   -2.860  1    14.109 ? 1418 ILE A CA  1 
ATOM   915  C C   . ILE A 1 106 ? -1.403  9.125   -2.239  1    14.471 ? 1418 ILE A C   1 
ATOM   916  O O   . ILE A 1 106 ? -1.986  9.376   -1.153  1    14.245 ? 1418 ILE A O   1 
ATOM   917  C CB  . ILE A 1 106 ? -0.672  6.679   -2.097  1    14.363 ? 1418 ILE A CB  1 
ATOM   918  C CG1 . ILE A 1 106 ? -1.323  6.225   -0.721  1    14.501 ? 1418 ILE A CG1 1 
ATOM   919  C CG2 . ILE A 1 106 ? 0.746   7.184   -1.822  1    15.489 ? 1418 ILE A CG2 1 
ATOM   920  C CD1 . ILE A 1 106 ? -2.653  5.487   -0.836  1    16.001 ? 1418 ILE A CD1 1 
ATOM   921  N N   . SER A 1 107 ? -0.670  10.042  -2.904  1    15.423 ? 1419 SER A N   1 
ATOM   922  C CA  . SER A 1 107 ? -0.381  11.340  -2.311  1    16.778 ? 1419 SER A CA  1 
ATOM   923  C C   . SER A 1 107 ? -1.653  12.098  -1.867  1    14.351 ? 1419 SER A C   1 
ATOM   924  O O   . SER A 1 107 ? -1.715  12.609  -0.730  1    14.983 ? 1419 SER A O   1 
ATOM   925  C CB  . SER A 1 107 ? 0.463   12.163  -3.292  1    18.013 ? 1419 SER A CB  1 
ATOM   926  O OG  . SER A 1 107 ? 0.731   13.439  -2.698  1    24.902 ? 1419 SER A OG  1 
ATOM   927  N N   . SER A 1 108 ? -2.615  12.208  -2.786  1    14.473 ? 1420 SER A N   1 
ATOM   928  C CA  . SER A 1 108 ? -3.831  12.954  -2.479  1    14.622 ? 1420 SER A CA  1 
ATOM   929  C C   . SER A 1 108 ? -4.676  12.261  -1.406  1    13.901 ? 1420 SER A C   1 
ATOM   930  O O   . SER A 1 108 ? -5.377  12.933  -0.654  1    14.334 ? 1420 SER A O   1 
ATOM   931  C CB  . SER A 1 108 ? -4.643  13.190  -3.703  1    16.86  ? 1420 SER A CB  1 
ATOM   932  O OG  . SER A 1 108 ? -4.895  11.976  -4.393  1    24.329 ? 1420 SER A OG  1 
ATOM   933  N N   . VAL A 1 109 ? -4.646  10.902  -1.377  1    12.938 ? 1421 VAL A N   1 
ATOM   934  C CA  . VAL A 1 109 ? -5.415  10.141  -0.383  1    12.724 ? 1421 VAL A CA  1 
ATOM   935  C C   . VAL A 1 109 ? -4.910  10.519  1.006   1    12.581 ? 1421 VAL A C   1 
ATOM   936  O O   . VAL A 1 109 ? -5.717  10.822  1.924   1    12.963 ? 1421 VAL A O   1 
ATOM   937  C CB  . VAL A 1 109 ? -5.338  8.623   -0.655  1    12.48  ? 1421 VAL A CB  1 
ATOM   938  C CG1 . VAL A 1 109 ? -6.090  7.800   0.418   1    14.725 ? 1421 VAL A CG1 1 
ATOM   939  C CG2 . VAL A 1 109 ? -5.838  8.245   -2.045  1    14.689 ? 1421 VAL A CG2 1 
ATOM   940  N N   . LEU A 1 110 ? -3.593  10.542  1.202   1    12.227 ? 1422 LEU A N   1 
ATOM   941  C CA  . LEU A 1 110 ? -2.989  10.895  2.480   1    12.733 ? 1422 LEU A CA  1 
ATOM   942  C C   . LEU A 1 110 ? -3.308  12.363  2.837   1    12.879 ? 1422 LEU A C   1 
ATOM   943  O O   . LEU A 1 110 ? -3.648  12.654  4.002   1    12.723 ? 1422 LEU A O   1 
ATOM   944  C CB  . LEU A 1 110 ? -1.474  10.603  2.465   1    13.069 ? 1422 LEU A CB  1 
ATOM   945  C CG  . LEU A 1 110 ? -1.068  9.133   2.238   1    14.548 ? 1422 LEU A CG  1 
ATOM   946  C CD1 . LEU A 1 110 ? 0.460   9.019   1.954   1    18.31  ? 1422 LEU A CD1 1 
ATOM   947  C CD2 . LEU A 1 110 ? -1.415  8.281   3.464   1    18.404 ? 1422 LEU A CD2 1 
ATOM   948  N N   . SER A 1 111 ? -3.128  13.286  1.854   1    13.475 ? 1423 SER A N   1 
ATOM   949  C CA  . SER A 1 111 ? -3.371  14.710  2.133   1    13.388 ? 1423 SER A CA  1 
ATOM   950  C C   . SER A 1 111 ? -4.815  14.958  2.571   1    13.174 ? 1423 SER A C   1 
ATOM   951  O O   . SER A 1 111 ? -5.043  15.765  3.496   1    13.392 ? 1423 SER A O   1 
ATOM   952  C CB  . SER A 1 111 ? -2.983  15.506  0.832   1    15.495 ? 1423 SER A CB  1 
ATOM   953  O OG  . SER A 1 111 ? -1.578  15.442  0.600   1    19.87  ? 1423 SER A OG  1 
ATOM   954  N N   . ASP A 1 112 ? -5.761  14.383  1.814   1    13.084 ? 1424 ASP A N   1 
ATOM   955  C CA  . ASP A 1 112 ? -7.173  14.576  2.182   1    12.538 ? 1424 ASP A CA  1 
ATOM   956  C C   . ASP A 1 112 ? -7.509  14.038  3.575   1    13.304 ? 1424 ASP A C   1 
ATOM   957  O O   . ASP A 1 112 ? -8.274  14.662  4.316   1    13.512 ? 1424 ASP A O   1 
ATOM   958  C CB  . ASP A 1 112 ? -8.097  13.947  1.150   1    14.79  ? 1424 ASP A CB  1 
ATOM   959  C CG  . ASP A 1 112 ? -8.201  14.677  -0.187  1    16.654 ? 1424 ASP A CG  1 
ATOM   960  O OD1 . ASP A 1 112 ? -7.577  15.792  -0.365  1    18.639 ? 1424 ASP A OD1 1 
ATOM   961  O OD2 . ASP A 1 112 ? -8.906  14.136  -1.062  1    21.017 ? 1424 ASP A OD2 1 
ATOM   962  N N   . TYR A 1 113 ? -6.961  12.872  3.957   1    12.398 ? 1425 TYR A N   1 
ATOM   963  C CA  . TYR A 1 113 ? -7.229  12.275  5.268   1    11.716 ? 1425 TYR A CA  1 
ATOM   964  C C   . TYR A 1 113 ? -6.684  13.202  6.352   1    11.31  ? 1425 TYR A C   1 
ATOM   965  O O   . TYR A 1 113 ? -7.383  13.481  7.353   1    11.356 ? 1425 TYR A O   1 
ATOM   966  C CB  . TYR A 1 113 ? -6.645  10.852  5.319   1    12.84  ? 1425 TYR A CB  1 
ATOM   967  C CG  . TYR A 1 113 ? -6.752  10.212  6.685   1    13.183 ? 1425 TYR A CG  1 
ATOM   968  C CD1 . TYR A 1 113 ? -7.971  9.746   7.154   1    13.497 ? 1425 TYR A CD1 1 
ATOM   969  C CD2 . TYR A 1 113 ? -5.666  10.137  7.541   1    13.494 ? 1425 TYR A CD2 1 
ATOM   970  C CE1 . TYR A 1 113 ? -8.102  9.133   8.391   1    15.201 ? 1425 TYR A CE1 1 
ATOM   971  C CE2 . TYR A 1 113 ? -5.804  9.534   8.785   1    15.168 ? 1425 TYR A CE2 1 
ATOM   972  C CZ  . TYR A 1 113 ? -7.016  9.078   9.227   1    14.634 ? 1425 TYR A CZ  1 
ATOM   973  O OH  . TYR A 1 113 ? -7.126  8.481   10.481  1    19.982 ? 1425 TYR A OH  1 
ATOM   974  N N   . LYS A 1 114 ? -5.426  13.668  6.189   1    12.101 ? 1426 LYS A N   1 
ATOM   975  C CA  . LYS A 1 114 ? -4.849  14.511  7.232   1    12.662 ? 1426 LYS A CA  1 
ATOM   976  C C   . LYS A 1 114 ? -5.621  15.838  7.386   1    12.289 ? 1426 LYS A C   1 
ATOM   977  O O   . LYS A 1 114 ? -5.804  16.340  8.506   1    13.032 ? 1426 LYS A O   1 
ATOM   978  C CB  . LYS A 1 114 ? -3.367  14.768  6.902   1    14.164 ? 1426 LYS A CB  1 
ATOM   979  C CG  . LYS A 1 114 ? -2.537  13.453  7.031   1    16.16  ? 1426 LYS A CG  1 
ATOM   980  C CD  . LYS A 1 114 ? -1.054  13.615  6.685   1    20.489 ? 1426 LYS A CD  1 
ATOM   981  C CE  . LYS A 1 114 ? -0.320  12.283  6.646   1    24.143 ? 1426 LYS A CE  1 
ATOM   982  N NZ  . LYS A 1 114 ? 1.052   12.473  6.150   1    30.847 ? 1426 LYS A NZ  1 
ATOM   983  N N   . SER A 1 115 ? -6.122  16.379  6.262   1    11.805 ? 1427 SER A N   1 
ATOM   984  C CA  . SER A 1 115 ? -6.947  17.615  6.291   1    12.948 ? 1427 SER A CA  1 
ATOM   985  C C   . SER A 1 115 ? -8.273  17.372  7.037   1    12.446 ? 1427 SER A C   1 
ATOM   986  O O   . SER A 1 115 ? -8.724  18.174  7.867   1    13.15  ? 1427 SER A O   1 
ATOM   987  C CB  . SER A 1 115 ? -7.220  18.062  4.866   1    13.657 ? 1427 SER A CB  1 
ATOM   988  O OG  . SER A 1 115 ? -8.039  19.239  4.824   1    15.194 ? 1427 SER A OG  1 
ATOM   989  N N   . ALA A 1 116 ? -8.919  16.199  6.771   1    11.083 ? 1428 ALA A N   1 
ATOM   990  C CA  . ALA A 1 116 ? -10.156 15.866  7.492   1    12.036 ? 1428 ALA A CA  1 
ATOM   991  C C   . ALA A 1 116 ? -9.926  15.734  8.993   1    12.456 ? 1428 ALA A C   1 
ATOM   992  O O   . ALA A 1 116 ? -10.772 16.146  9.811   1    12.462 ? 1428 ALA A O   1 
ATOM   993  C CB  . ALA A 1 116 ? -10.769 14.601  6.897   1    13.956 ? 1428 ALA A CB  1 
ATOM   994  N N   . LEU A 1 117 ? -8.776  15.149  9.396   1    12.735 ? 1429 LEU A N   1 
ATOM   995  C CA  . LEU A 1 117 ? -8.463  15.066  10.826  1    13.286 ? 1429 LEU A CA  1 
ATOM   996  C C   . LEU A 1 117 ? -8.292  16.444  11.458  1    13.335 ? 1429 LEU A C   1 
ATOM   997  O O   . LEU A 1 117 ? -8.757  16.697  12.573  1    14.053 ? 1429 LEU A O   1 
ATOM   998  C CB  . LEU A 1 117 ? -7.227  14.205  11.166  1    15.782 ? 1429 LEU A CB  1 
ATOM   999  C CG  . LEU A 1 117 ? -7.352  12.701  10.915  1    18.84  ? 1429 LEU A CG  1 
ATOM   1000 C CD1 . LEU A 1 117 ? -6.059  12.064  11.409  1    21.047 ? 1429 LEU A CD1 1 
ATOM   1001 C CD2 . LEU A 1 117 ? -8.522  12.072  11.658  1    22.588 ? 1429 LEU A CD2 1 
ATOM   1002 N N   . ARG A 1 118 ? -7.613  17.375  10.738  1    13.179 ? 1430 ARG A N   1 
ATOM   1003 C CA  . ARG A 1 118 ? -7.482  18.741  11.254  1    14.376 ? 1430 ARG A CA  1 
ATOM   1004 C C   . ARG A 1 118 ? -8.853  19.404  11.444  1    13.088 ? 1430 ARG A C   1 
ATOM   1005 O O   . ARG A 1 118 ? -9.054  20.097  12.444  1    15.153 ? 1430 ARG A O   1 
ATOM   1006 C CB  . ARG A 1 118 ? -6.578  19.570  10.309  1    14.21  ? 1430 ARG A CB  1 
ATOM   1007 C CG  . ARG A 1 118 ? -5.090  19.260  10.404  1    16.387 ? 1430 ARG A CG  1 
ATOM   1008 C CD  . ARG A 1 118 ? -4.209  20.254  9.559   1    16.607 ? 1430 ARG A CD  1 
ATOM   1009 N NE  . ARG A 1 118 ? -4.484  20.208  8.125   1    16.388 ? 1430 ARG A NE  1 
ATOM   1010 C CZ  . ARG A 1 118 ? -3.767  19.460  7.261   1    15.596 ? 1430 ARG A CZ  1 
ATOM   1011 N NH1 . ARG A 1 118 ? -2.901  18.563  7.709   1    16.819 ? 1430 ARG A NH1 1 
ATOM   1012 N NH2 . ARG A 1 118 ? -3.914  19.659  5.961   1    15.646 ? 1430 ARG A NH2 1 
ATOM   1013 N N   . PHE A 1 119 ? -9.759  19.238  10.468  1    12.356 ? 1431 PHE A N   1 
ATOM   1014 C CA  . PHE A 1 119 ? -11.097 19.824  10.572  1    12.779 ? 1431 PHE A CA  1 
ATOM   1015 C C   . PHE A 1 119 ? -11.833 19.268  11.792  1    13.174 ? 1431 PHE A C   1 
ATOM   1016 O O   . PHE A 1 119 ? -12.487 20.012  12.552  1    13.998 ? 1431 PHE A O   1 
ATOM   1017 C CB  . PHE A 1 119 ? -11.890 19.578  9.286   1    14.637 ? 1431 PHE A CB  1 
ATOM   1018 C CG  . PHE A 1 119 ? -13.232 20.302  9.341   1    14.186 ? 1431 PHE A CG  1 
ATOM   1019 C CD1 . PHE A 1 119 ? -13.313 21.701  9.205   1    16.462 ? 1431 PHE A CD1 1 
ATOM   1020 C CD2 . PHE A 1 119 ? -14.409 19.575  9.459   1    15.217 ? 1431 PHE A CD2 1 
ATOM   1021 C CE1 . PHE A 1 119 ? -14.559 22.331  9.200   1    19.234 ? 1431 PHE A CE1 1 
ATOM   1022 C CE2 . PHE A 1 119 ? -15.646 20.223  9.482   1    18.806 ? 1431 PHE A CE2 1 
ATOM   1023 C CZ  . PHE A 1 119 ? -15.703 21.605  9.346   1    19.069 ? 1431 PHE A CZ  1 
ATOM   1024 N N   . HIS A 1 120 ? -11.685 17.959  12.044  1    13.095 ? 1432 HIS A N   1 
ATOM   1025 C CA  . HIS A 1 120 ? -12.328 17.333  13.207  1    14.158 ? 1432 HIS A CA  1 
ATOM   1026 C C   . HIS A 1 120 ? -11.794 17.944  14.505  1    14.907 ? 1432 HIS A C   1 
ATOM   1027 O O   . HIS A 1 120 ? -12.594 18.272  15.411  1    17.06  ? 1432 HIS A O   1 
ATOM   1028 C CB  . HIS A 1 120 ? -12.177 15.806  13.127  1    14.371 ? 1432 HIS A CB  1 
ATOM   1029 C CG  . HIS A 1 120 ? -13.161 15.109  13.990  1    18.215 ? 1432 HIS A CG  1 
ATOM   1030 N ND1 . HIS A 1 120 ? -14.505 14.971  13.659  1    18.756 ? 1432 HIS A ND1 1 
ATOM   1031 C CD2 . HIS A 1 120 ? -12.979 14.524  15.144  1    19.773 ? 1432 HIS A CD2 1 
ATOM   1032 C CE1 . HIS A 1 120 ? -15.105 14.306  14.641  1    19.323 ? 1432 HIS A CE1 1 
ATOM   1033 N NE2 . HIS A 1 120 ? -14.192 14.007  15.570  1    18.06  ? 1432 HIS A NE2 1 
ATOM   1034 N N   . LYS A 1 121 ? -10.465 18.115  14.600  1    15.98  ? 1433 LYS A N   1 
ATOM   1035 C CA  . LYS A 1 121 ? -9.859  18.712  15.803  1    18.909 ? 1433 LYS A CA  1 
ATOM   1036 C C   . LYS A 1 121 ? -10.307 20.164  16.001  1    20.008 ? 1433 LYS A C   1 
ATOM   1037 O O   . LYS A 1 121 ? -10.612 20.559  17.149  1    22.309 ? 1433 LYS A O   1 
ATOM   1038 C CB  . LYS A 1 121 ? -8.330  18.550  15.790  1    21.935 ? 1433 LYS A CB  1 
ATOM   1039 C CG  . LYS A 1 121 ? -7.685  19.018  17.100  1    25.986 ? 1433 LYS A CG  1 
ATOM   1040 N N   . ARG A 1 122 ? -10.396 20.958  14.933  1    18.741 ? 1434 ARG A N   1 
ATOM   1041 C CA  . ARG A 1 122 ? -10.885 22.341  14.955  1    20.962 ? 1434 ARG A CA  1 
ATOM   1042 C C   . ARG A 1 122 ? -12.257 22.440  15.629  1    22.847 ? 1434 ARG A C   1 
ATOM   1043 O O   . ARG A 1 122 ? -12.603 23.454  16.251  1    25.212 ? 1434 ARG A O   1 
ATOM   1044 C CB  . ARG A 1 122 ? -10.957 23.070  13.600  1    22.835 ? 1434 ARG A CB  1 
ATOM   1045 C CG  . ARG A 1 122 ? -9.764  23.687  12.881  1    30.658 ? 1434 ARG A CG  1 
ATOM   1046 C CD  . ARG A 1 122 ? -10.180 24.246  11.512  1    28.659 ? 1434 ARG A CD  1 
ATOM   1047 N NE  . ARG A 1 122 ? -10.979 25.483  11.421  1    25.852 ? 1434 ARG A NE  1 
ATOM   1048 C CZ  . ARG A 1 122 ? -11.426 25.973  10.246  1    22.537 ? 1434 ARG A CZ  1 
ATOM   1049 N NH1 . ARG A 1 122 ? -11.464 25.194  9.184   1    22.391 ? 1434 ARG A NH1 1 
ATOM   1050 N NH2 . ARG A 1 122 ? -11.945 27.194  10.134  1    24.139 ? 1434 ARG A NH2 1 
ATOM   1051 N N   . ASN A 1 123 ? -13.075 21.394  15.469  1    19.12  ? 1435 ASN A N   1 
ATOM   1052 C CA  . ASN A 1 123 ? -14.488 21.390  15.855  1    19.705 ? 1435 ASN A CA  1 
ATOM   1053 C C   . ASN A 1 123 ? -14.787 20.518  17.089  1    18.182 ? 1435 ASN A C   1 
ATOM   1054 O O   . ASN A 1 123 ? -15.950 20.272  17.406  1    21.767 ? 1435 ASN A O   1 
ATOM   1055 C CB  . ASN A 1 123 ? -15.354 20.991  14.659  1    19.998 ? 1435 ASN A CB  1 
ATOM   1056 C CG  . ASN A 1 123 ? -15.454 22.117  13.656  1    21.959 ? 1435 ASN A CG  1 
ATOM   1057 O OD1 . ASN A 1 123 ? -16.244 23.049  13.854  1    24.631 ? 1435 ASN A OD1 1 
ATOM   1058 N ND2 . ASN A 1 123 ? -14.718 22.050  12.562  1    23.088 ? 1435 ASN A ND2 1 
ATOM   1059 N N   . THR A 1 124 ? -13.772 20.131  17.850  1    20.52  ? 1436 THR A N   1 
ATOM   1060 C CA  . THR A 1 124 ? -13.994 19.336  19.060  1    20.927 ? 1436 THR A CA  1 
ATOM   1061 C C   . THR A 1 124 ? -14.939 20.080  20.000  1    21.643 ? 1436 THR A C   1 
ATOM   1062 O O   . THR A 1 124 ? -14.829 21.288  20.200  1    22.417 ? 1436 THR A O   1 
ATOM   1063 C CB  . THR A 1 124 ? -12.688 19.037  19.807  1    27.388 ? 1436 THR A CB  1 
ATOM   1064 O OG1 . THR A 1 124 ? -12.146 20.317  20.094  1    38.809 ? 1436 THR A OG1 1 
ATOM   1065 C CG2 . THR A 1 124 ? -11.703 18.199  19.019  1    26.266 ? 1436 THR A CG2 1 
ATOM   1066 N N   . ILE A 1 125 ? -15.909 19.330  20.540  1    21.717 ? 1437 ILE A N   1 
ATOM   1067 C CA  . ILE A 1 125 ? -16.913 19.895  21.436  1    22.284 ? 1437 ILE A CA  1 
ATOM   1068 C C   . ILE A 1 125 ? -16.456 19.716  22.899  1    18.742 ? 1437 ILE A C   1 
ATOM   1069 O O   . ILE A 1 125 ? -16.341 18.569  23.348  1    21.276 ? 1437 ILE A O   1 
ATOM   1070 C CB  . ILE A 1 125 ? -18.249 19.172  21.156  1    23.045 ? 1437 ILE A CB  1 
ATOM   1071 C CG1 . ILE A 1 125 ? -18.715 19.325  19.689  1    25.63  ? 1437 ILE A CG1 1 
ATOM   1072 C CG2 . ILE A 1 125 ? -19.347 19.597  22.143  1    27.203 ? 1437 ILE A CG2 1 
ATOM   1073 C CD1 . ILE A 1 125 ? -19.612 18.183  19.202  1    28.001 ? 1437 ILE A CD1 1 
ATOM   1074 N N   . THR A 1 126 ? -16.291 20.831  23.626  1    19.512 ? 1438 THR A N   1 
ATOM   1075 C CA  . THR A 1 126 ? -15.825 20.803  25.019  1    20.906 ? 1438 THR A CA  1 
ATOM   1076 C C   . THR A 1 126 ? -16.870 21.319  26.019  1    18.642 ? 1438 THR A C   1 
ATOM   1077 O O   . THR A 1 126 ? -16.771 21.011  27.220  1    19.137 ? 1438 THR A O   1 
ATOM   1078 C CB  . THR A 1 126 ? -14.442 21.466  25.186  1    23.852 ? 1438 THR A CB  1 
ATOM   1079 O OG1 . THR A 1 126 ? -14.561 22.842  24.795  1    24.095 ? 1438 THR A OG1 1 
ATOM   1080 C CG2 . THR A 1 126 ? -13.352 20.792  24.365  1    27.743 ? 1438 THR A CG2 1 
ATOM   1081 N N   . LYS A 1 127 ? -17.863 22.130  25.572  1    17.621 ? 1439 LYS A N   1 
ATOM   1082 C CA  . LYS A 1 127 ? -18.782 22.762  26.510  1    17.689 ? 1439 LYS A CA  1 
ATOM   1083 C C   . LYS A 1 127 ? -19.972 21.879  26.922  1    17.17  ? 1439 LYS A C   1 
ATOM   1084 O O   . LYS A 1 127 ? -20.746 22.230  27.823  1    20.076 ? 1439 LYS A O   1 
ATOM   1085 C CB  . LYS A 1 127 ? -19.322 24.110  25.991  1    21.063 ? 1439 LYS A CB  1 
ATOM   1086 N N   A ARG A 1 128 ? -20.103 20.715  26.259  0.52 15.581 ? 1440 ARG A N   1 
ATOM   1087 N N   B ARG A 1 128 ? -20.116 20.717  26.260  0.48 16.653 ? 1440 ARG A N   1 
ATOM   1088 C CA  A ARG A 1 128 ? -21.155 19.742  26.525  0.52 15.179 ? 1440 ARG A CA  1 
ATOM   1089 C CA  B ARG A 1 128 ? -21.154 19.740  26.568  0.48 16.781 ? 1440 ARG A CA  1 
ATOM   1090 C C   A ARG A 1 128 ? -20.571 18.326  26.297  0.52 14.633 ? 1440 ARG A C   1 
ATOM   1091 C C   B ARG A 1 128 ? -20.570 18.333  26.344  0.48 16.393 ? 1440 ARG A C   1 
ATOM   1092 O O   A ARG A 1 128 ? -19.484 18.200  25.696  0.52 9.346  ? 1440 ARG A O   1 
ATOM   1093 O O   B ARG A 1 128 ? -21.312 17.371  26.667  0.48 10.725 ? 1440 ARG A O   1 
ATOM   1094 C CB  A ARG A 1 128 ? -22.405 20.075  25.674  0.52 15.089 ? 1440 ARG A CB  1 
ATOM   1095 C CB  B ARG A 1 128 ? -22.391 19.945  25.670  0.48 18.134 ? 1440 ARG A CB  1 
ATOM   1096 C CG  A ARG A 1 128 ? -22.200 19.881  24.173  0.52 13.276 ? 1440 ARG A CG  1 
ATOM   1097 C CG  B ARG A 1 128 ? -22.203 19.449  24.239  0.48 16.822 ? 1440 ARG A CG  1 
ATOM   1098 C CD  A ARG A 1 128 ? -23.510 19.799  23.364  0.52 13.496 ? 1440 ARG A CD  1 
ATOM   1099 C CD  B ARG A 1 128 ? -23.455 19.702  23.379  0.48 18.29  ? 1440 ARG A CD  1 
ATOM   1100 N NE  A ARG A 1 128 ? -23.173 19.666  21.943  0.52 13.039 ? 1440 ARG A NE  1 
ATOM   1101 N NE  B ARG A 1 128 ? -23.183 19.514  21.949  0.48 18.015 ? 1440 ARG A NE  1 
ATOM   1102 C CZ  A ARG A 1 128 ? -23.207 18.524  21.216  0.52 12.437 ? 1440 ARG A CZ  1 
ATOM   1103 C CZ  B ARG A 1 128 ? -23.188 18.336  21.297  0.48 16.694 ? 1440 ARG A CZ  1 
ATOM   1104 N NH1 A ARG A 1 128 ? -23.131 18.613  19.895  0.52 13.99  ? 1440 ARG A NH1 1 
ATOM   1105 N NH1 B ARG A 1 128 ? -23.326 17.197  21.962  0.48 16.779 ? 1440 ARG A NH1 1 
ATOM   1106 N NH2 A ARG A 1 128 ? -23.346 17.327  21.773  0.52 12.2   ? 1440 ARG A NH2 1 
ATOM   1107 N NH2 B ARG A 1 128 ? -23.043 18.310  19.973  0.48 18.444 ? 1440 ARG A NH2 1 
HETATM 1108 C C1  . EDO B 2 .   ? 11.004  -12.910 -6.797  1    27.342 ? 1501 EDO A C1  1 
HETATM 1109 O O1  . EDO B 2 .   ? 12.078  -12.085 -7.277  1    30.425 ? 1501 EDO A O1  1 
HETATM 1110 C C2  . EDO B 2 .   ? 10.068  -12.153 -5.881  1    33.869 ? 1501 EDO A C2  1 
HETATM 1111 O O2  . EDO B 2 .   ? 10.639  -10.920 -5.422  1    34.807 ? 1501 EDO A O2  1 
HETATM 1112 O O   . HOH C 3 .   ? 11.292  -3.225  -17.554 1    24.907 ? 1601 HOH A O   1 
HETATM 1113 O O   . HOH C 3 .   ? 5.585   10.346  -10.846 1    27.565 ? 1602 HOH A O   1 
HETATM 1114 O O   . HOH C 3 .   ? -6.040  -7.074  -17.459 1    31.779 ? 1603 HOH A O   1 
HETATM 1115 O O   . HOH C 3 .   ? 5.035   -23.943 -7.265  1    37.23  ? 1604 HOH A O   1 
HETATM 1116 O O   . HOH C 3 .   ? -12.976 23.001  20.130  1    44.052 ? 1605 HOH A O   1 
HETATM 1117 O O   . HOH C 3 .   ? 3.536   -20.399 -7.788  1    37.137 ? 1606 HOH A O   1 
HETATM 1118 O O   . HOH C 3 .   ? 11.818  -4.922  2.946   1    20.136 ? 1607 HOH A O   1 
HETATM 1119 O O   . HOH C 3 .   ? 19.239  -7.998  0.376   1    22.989 ? 1608 HOH A O   1 
HETATM 1120 O O   . HOH C 3 .   ? 6.626   -6.089  -17.115 1    39.612 ? 1609 HOH A O   1 
HETATM 1121 O O   . HOH C 3 .   ? 17.086  1.539   -8.669  1    36.265 ? 1610 HOH A O   1 
HETATM 1122 O O   . HOH C 3 .   ? -17.246 11.788  0.714   1    40.107 ? 1611 HOH A O   1 
HETATM 1123 O O   . HOH C 3 .   ? -15.144 17.747  15.605  1    34.526 ? 1612 HOH A O   1 
HETATM 1124 O O   . HOH C 3 .   ? 9.949   -9.768  -3.106  1    17.575 ? 1613 HOH A O   1 
HETATM 1125 O O   . HOH C 3 .   ? -15.325 16.290  11.554  1    16.936 ? 1614 HOH A O   1 
HETATM 1126 O O   . HOH C 3 .   ? 20.688  -16.547 -2.826  1    33.979 ? 1615 HOH A O   1 
HETATM 1127 O O   . HOH C 3 .   ? -12.794 22.716  0.817   1    31.283 ? 1616 HOH A O   1 
HETATM 1128 O O   . HOH C 3 .   ? 3.584   -11.690 6.119   1    32.355 ? 1617 HOH A O   1 
HETATM 1129 O O   . HOH C 3 .   ? -1.006  15.707  -1.960  1    23.379 ? 1618 HOH A O   1 
HETATM 1130 O O   . HOH C 3 .   ? 6.812   3.144   -2.698  1    20.835 ? 1619 HOH A O   1 
HETATM 1131 O O   . HOH C 3 .   ? -11.541 13.360  2.680   1    23.782 ? 1620 HOH A O   1 
HETATM 1132 O O   . HOH C 3 .   ? -14.721 -3.797  6.182   1    19.872 ? 1621 HOH A O   1 
HETATM 1133 O O   . HOH C 3 .   ? 13.588  -19.627 2.733   1    28.43  ? 1622 HOH A O   1 
HETATM 1134 O O   . HOH C 3 .   ? -0.301  -5.966  8.040   1    25.797 ? 1623 HOH A O   1 
HETATM 1135 O O   . HOH C 3 .   ? 11.933  -7.988  10.704  1    32.502 ? 1624 HOH A O   1 
HETATM 1136 O O   . HOH C 3 .   ? 3.066   1.843   -14.824 1    32.634 ? 1625 HOH A O   1 
HETATM 1137 O O   . HOH C 3 .   ? -23.083 23.259  28.718  1    24.855 ? 1626 HOH A O   1 
HETATM 1138 O O   . HOH C 3 .   ? 5.321   -9.557  -3.011  1    19.087 ? 1627 HOH A O   1 
HETATM 1139 O O   . HOH C 3 .   ? 3.023   -12.174 1.228   1    15.892 ? 1628 HOH A O   1 
HETATM 1140 O O   . HOH C 3 .   ? 9.984   -7.228  9.175   1    21.309 ? 1629 HOH A O   1 
HETATM 1141 O O   . HOH C 3 .   ? 23.064  -4.877  -12.815 1    41.49  ? 1630 HOH A O   1 
HETATM 1142 O O   . HOH C 3 .   ? 7.067   -10.310 -0.232  1    15.085 ? 1631 HOH A O   1 
HETATM 1143 O O   . HOH C 3 .   ? 10.359  2.526   -14.463 1    22.75  ? 1632 HOH A O   1 
HETATM 1144 O O   . HOH C 3 .   ? -2.266  -8.423  -20.108 1    27.131 ? 1633 HOH A O   1 
HETATM 1145 O O   . HOH C 3 .   ? 1.430   -17.937 -3.478  1    34.651 ? 1634 HOH A O   1 
HETATM 1146 O O   . HOH C 3 .   ? -9.009  18.033  -1.386  1    31.789 ? 1635 HOH A O   1 
HETATM 1147 O O   . HOH C 3 .   ? -5.416  9.399   -6.197  1    33.308 ? 1636 HOH A O   1 
HETATM 1148 O O   . HOH C 3 .   ? 3.459   -11.978 -15.182 1    40.396 ? 1637 HOH A O   1 
HETATM 1149 O O   . HOH C 3 .   ? -17.025 7.941   -4.869  1    52.325 ? 1638 HOH A O   1 
HETATM 1150 O O   . HOH C 3 .   ? 19.500  -6.637  -3.811  1    16.895 ? 1639 HOH A O   1 
HETATM 1151 O O   . HOH C 3 .   ? -11.014 21.327  -4.876  1    48.379 ? 1640 HOH A O   1 
HETATM 1152 O O   . HOH C 3 .   ? -5.047  8.441   12.250  1    35.032 ? 1641 HOH A O   1 
HETATM 1153 O O   . HOH C 3 .   ? 4.642   -11.801 -4.396  1    14.13  ? 1642 HOH A O   1 
HETATM 1154 O O   . HOH C 3 .   ? 11.480  0.154   -13.965 1    21.729 ? 1643 HOH A O   1 
HETATM 1155 O O   . HOH C 3 .   ? -13.548 16.099  9.483   1    16.538 ? 1644 HOH A O   1 
HETATM 1156 O O   . HOH C 3 .   ? 10.392  4.180   -8.529  1    23.843 ? 1645 HOH A O   1 
HETATM 1157 O O   . HOH C 3 .   ? 9.434   -1.075  3.802   1    19.225 ? 1646 HOH A O   1 
HETATM 1158 O O   . HOH C 3 .   ? 4.248   -14.427 -10.799 1    27.321 ? 1647 HOH A O   1 
HETATM 1159 O O   . HOH C 3 .   ? -2.021  5.548   11.667  1    30.715 ? 1648 HOH A O   1 
HETATM 1160 O O   . HOH C 3 .   ? 7.382   -11.233 10.168  1    34.01  ? 1649 HOH A O   1 
HETATM 1161 O O   . HOH C 3 .   ? -23.298 17.694  28.552  1    16.753 ? 1650 HOH A O   1 
HETATM 1162 O O   . HOH C 3 .   ? -5.266  17.262  -0.038  1    36.401 ? 1651 HOH A O   1 
HETATM 1163 O O   . HOH C 3 .   ? 23.977  -6.926  -9.094  1    17.913 ? 1652 HOH A O   1 
HETATM 1164 O O   . HOH C 3 .   ? 9.698   0.725   -0.155  1    21.947 ? 1653 HOH A O   1 
HETATM 1165 O O   . HOH C 3 .   ? -1.352  -14.931 -12.153 1    28.222 ? 1654 HOH A O   1 
HETATM 1166 O O   . HOH C 3 .   ? -0.552  -13.236 3.922   1    31.529 ? 1655 HOH A O   1 
HETATM 1167 O O   . HOH C 3 .   ? 9.053   5.203   -6.237  1    21.772 ? 1656 HOH A O   1 
HETATM 1168 O O   . HOH C 3 .   ? 3.394   9.748   -2.474  1    21.529 ? 1657 HOH A O   1 
HETATM 1169 O O   . HOH C 3 .   ? 0.622   13.326  0.593   1    23.692 ? 1658 HOH A O   1 
HETATM 1170 O O   . HOH C 3 .   ? -9.138  -8.453  -14.858 1    14.523 ? 1659 HOH A O   1 
HETATM 1171 O O   . HOH C 3 .   ? 14.229  -9.055  -9.180  1    20.779 ? 1660 HOH A O   1 
HETATM 1172 O O   . HOH C 3 .   ? -3.139  17.748  3.949   1    16.836 ? 1661 HOH A O   1 
HETATM 1173 O O   . HOH C 3 .   ? -22.409 22.193  21.045  1    30.964 ? 1662 HOH A O   1 
HETATM 1174 O O   . HOH C 3 .   ? 3.551   -4.225  -19.036 1    45.528 ? 1663 HOH A O   1 
HETATM 1175 O O   . HOH C 3 .   ? -14.750 16.472  24.289  1    34.301 ? 1664 HOH A O   1 
HETATM 1176 O O   . HOH C 3 .   ? 15.426  -3.301  -13.445 1    32.93  ? 1665 HOH A O   1 
HETATM 1177 O O   . HOH C 3 .   ? 11.124  -2.274  -5.734  1    22.352 ? 1666 HOH A O   1 
HETATM 1178 O O   . HOH C 3 .   ? 12.525  -23.161 1.629   1    34.158 ? 1667 HOH A O   1 
HETATM 1179 O O   . HOH C 3 .   ? 8.020   -16.529 -10.425 1    19.246 ? 1668 HOH A O   1 
HETATM 1180 O O   . HOH C 3 .   ? 12.661  -15.163 -11.575 1    28.888 ? 1669 HOH A O   1 
HETATM 1181 O O   . HOH C 3 .   ? -14.013 7.149   -3.898  1    36.408 ? 1670 HOH A O   1 
HETATM 1182 O O   . HOH C 3 .   ? -9.624  7.855   11.618  1    37.853 ? 1671 HOH A O   1 
HETATM 1183 O O   . HOH C 3 .   ? 19.647  -18.004 -4.757  1    46.704 ? 1672 HOH A O   1 
HETATM 1184 O O   . HOH C 3 .   ? -14.656 5.054   2.107   1    15.945 ? 1673 HOH A O   1 
HETATM 1185 O O   . HOH C 3 .   ? -12.005 -5.729  -8.004  1    27.56  ? 1674 HOH A O   1 
HETATM 1186 O O   . HOH C 3 .   ? -8.787  -4.749  -11.327 1    18.732 ? 1675 HOH A O   1 
HETATM 1187 O O   . HOH C 3 .   ? -3.225  -3.922  10.208  1    28.17  ? 1676 HOH A O   1 
HETATM 1188 O O   . HOH C 3 .   ? -2.325  12.039  -5.783  1    22.111 ? 1677 HOH A O   1 
HETATM 1189 O O   . HOH C 3 .   ? -23.622 16.671  24.729  1    21.378 ? 1678 HOH A O   1 
HETATM 1190 O O   . HOH C 3 .   ? -12.166 26.241  15.957  1    35.933 ? 1679 HOH A O   1 
HETATM 1191 O O   . HOH C 3 .   ? -10.769 -3.874  -14.823 1    22.175 ? 1680 HOH A O   1 
HETATM 1192 O O   . HOH C 3 .   ? 13.190  -3.119  4.505   1    35.523 ? 1681 HOH A O   1 
HETATM 1193 O O   . HOH C 3 .   ? -23.035 20.541  17.801  1    34.291 ? 1682 HOH A O   1 
HETATM 1194 O O   . HOH C 3 .   ? -8.682  10.472  1.889   1    13.22  ? 1683 HOH A O   1 
HETATM 1195 O O   . HOH C 3 .   ? 7.695   -8.289  -2.773  1    16.856 ? 1684 HOH A O   1 
HETATM 1196 O O   . HOH C 3 .   ? -7.619  11.136  -4.376  1    41.773 ? 1685 HOH A O   1 
HETATM 1197 O O   . HOH C 3 .   ? 18.448  2.166   -5.953  1    41.961 ? 1686 HOH A O   1 
HETATM 1198 O O   . HOH C 3 .   ? 12.636  -8.924  -6.788  1    18.97  ? 1687 HOH A O   1 
HETATM 1199 O O   . HOH C 3 .   ? -14.282 7.714   -1.030  1    23.078 ? 1688 HOH A O   1 
HETATM 1200 O O   . HOH C 3 .   ? 10.427  1.714   -4.641  1    55.043 ? 1689 HOH A O   1 
HETATM 1201 O O   . HOH C 3 .   ? 6.991   -10.509 -20.697 1    34.895 ? 1690 HOH A O   1 
HETATM 1202 O O   . HOH C 3 .   ? -0.156  1.635   13.713  1    43.174 ? 1691 HOH A O   1 
HETATM 1203 O O   . HOH C 3 .   ? -11.238 -9.566  4.109   1    20.963 ? 1692 HOH A O   1 
HETATM 1204 O O   . HOH C 3 .   ? -2.009  17.712  10.294  1    25.837 ? 1693 HOH A O   1 
HETATM 1205 O O   . HOH C 3 .   ? 3.016   5.212   6.179   1    23.765 ? 1694 HOH A O   1 
HETATM 1206 O O   . HOH C 3 .   ? 6.051   8.858   -8.230  1    23.24  ? 1695 HOH A O   1 
HETATM 1207 O O   . HOH C 3 .   ? 20.611  -15.110 4.027   1    27.157 ? 1696 HOH A O   1 
HETATM 1208 O O   . HOH C 3 .   ? -8.410  6.331   -5.676  1    26.614 ? 1697 HOH A O   1 
HETATM 1209 O O   . HOH C 3 .   ? -8.848  21.029  7.607   1    24.041 ? 1698 HOH A O   1 
HETATM 1210 O O   . HOH C 3 .   ? 3.397   -15.378 -6.193  1    25.146 ? 1699 HOH A O   1 
HETATM 1211 O O   . HOH C 3 .   ? -9.797  22.852  9.284   1    28.417 ? 1700 HOH A O   1 
HETATM 1212 O O   . HOH C 3 .   ? -6.768  21.377  13.632  1    22.537 ? 1701 HOH A O   1 
HETATM 1213 O O   . HOH C 3 .   ? -9.524  -1.462  6.962   1    12.578 ? 1702 HOH A O   1 
HETATM 1214 O O   . HOH C 3 .   ? -4.559  0.053   -14.365 1    22.288 ? 1703 HOH A O   1 
HETATM 1215 O O   . HOH C 3 .   ? -1.883  -7.889  7.172   1    30.769 ? 1704 HOH A O   1 
HETATM 1216 O O   . HOH C 3 .   ? 1.998   -0.477  11.078  1    25.884 ? 1705 HOH A O   1 
HETATM 1217 O O   . HOH C 3 .   ? 11.882  0.316   -5.753  1    32.494 ? 1706 HOH A O   1 
HETATM 1218 O O   . HOH C 3 .   ? -16.280 0.344   5.819   1    22.962 ? 1707 HOH A O   1 
HETATM 1219 O O   . HOH C 3 .   ? -3.920  15.772  10.628  1    21.159 ? 1708 HOH A O   1 
HETATM 1220 O O   . HOH C 3 .   ? 10.790  -7.820  5.217   1    15.531 ? 1709 HOH A O   1 
HETATM 1221 O O   . HOH C 3 .   ? -9.036  -6.593  -9.306  1    17.475 ? 1710 HOH A O   1 
HETATM 1222 O O   . HOH C 3 .   ? -9.747  -3.368  -4.280  1    18.724 ? 1711 HOH A O   1 
HETATM 1223 O O   . HOH C 3 .   ? 17.394  0.132   -11.482 1    53.741 ? 1712 HOH A O   1 
HETATM 1224 O O   . HOH C 3 .   ? 5.262   -12.732 -0.280  1    17.652 ? 1713 HOH A O   1 
HETATM 1225 O O   . HOH C 3 .   ? 1.745   -13.201 -7.603  1    17.995 ? 1714 HOH A O   1 
HETATM 1226 O O   . HOH C 3 .   ? 6.232   -16.414 -6.410  1    29.118 ? 1715 HOH A O   1 
HETATM 1227 O O   . HOH C 3 .   ? -17.647 23.264  22.792  1    25.971 ? 1716 HOH A O   1 
HETATM 1228 O O   . HOH C 3 .   ? 5.732   -22.862 -10.136 1    35.161 ? 1717 HOH A O   1 
HETATM 1229 O O   . HOH C 3 .   ? -7.983  11.621  -2.207  1    26.248 ? 1718 HOH A O   1 
HETATM 1230 O O   . HOH C 3 .   ? 4.328   10.064  1.652   1    33.194 ? 1719 HOH A O   1 
HETATM 1231 O O   . HOH C 3 .   ? 15.062  -2.686  0.081   1    22.36  ? 1720 HOH A O   1 
HETATM 1232 O O   . HOH C 3 .   ? 3.835   -19.080 -0.317  1    36.64  ? 1721 HOH A O   1 
HETATM 1233 O O   . HOH C 3 .   ? 1.013   -1.414  8.425   1    18.148 ? 1722 HOH A O   1 
HETATM 1234 O O   . HOH C 3 .   ? -18.520 19.800  16.085  1    28.623 ? 1723 HOH A O   1 
HETATM 1235 O O   . HOH C 3 .   ? 5.388   -21.246 -0.451  1    33.733 ? 1724 HOH A O   1 
HETATM 1236 O O   . HOH C 3 .   ? 3.209   0.140   -13.159 1    33.969 ? 1725 HOH A O   1 
HETATM 1237 O O   . HOH C 3 .   ? 2.863   -9.478  -16.207 1    29.653 ? 1726 HOH A O   1 
HETATM 1238 O O   . HOH C 3 .   ? -10.352 6.071   9.550   1    39.616 ? 1727 HOH A O   1 
HETATM 1239 O O   . HOH C 3 .   ? -11.294 12.770  -0.011  1    22.719 ? 1728 HOH A O   1 
HETATM 1240 O O   . HOH C 3 .   ? 11.900  -14.931 7.523   1    41.979 ? 1729 HOH A O   1 
HETATM 1241 O O   . HOH C 3 .   ? 7.093   -13.336 -7.607  1    23.791 ? 1730 HOH A O   1 
HETATM 1242 O O   . HOH C 3 .   ? -10.059 -9.710  10.884  1    27.499 ? 1731 HOH A O   1 
HETATM 1243 O O   . HOH C 3 .   ? -12.229 -5.023  -5.607  1    44.006 ? 1732 HOH A O   1 
HETATM 1244 O O   . HOH C 3 .   ? 4.474   -23.238 -1.772  1    44.494 ? 1733 HOH A O   1 
HETATM 1245 O O   . HOH C 3 .   ? -8.866  14.496  14.557  1    29.212 ? 1734 HOH A O   1 
HETATM 1246 O O   . HOH C 3 .   ? 13.557  -11.099 -12.432 1    20.615 ? 1735 HOH A O   1 
HETATM 1247 O O   . HOH C 3 .   ? -11.162 27.413  13.684  1    36.393 ? 1736 HOH A O   1 
HETATM 1248 O O   . HOH C 3 .   ? -12.449 1.072   -8.714  1    34.372 ? 1737 HOH A O   1 
HETATM 1249 O O   . HOH C 3 .   ? -3.139  -12.939 -11.641 1    19.394 ? 1738 HOH A O   1 
HETATM 1250 O O   . HOH C 3 .   ? -10.275 10.162  4.273   1    12.394 ? 1739 HOH A O   1 
HETATM 1251 O O   . HOH C 3 .   ? -13.227 6.878   11.466  1    25.309 ? 1740 HOH A O   1 
HETATM 1252 O O   . HOH C 3 .   ? 14.750  2.042   -5.431  1    39.502 ? 1741 HOH A O   1 
HETATM 1253 O O   . HOH C 3 .   ? -4.878  -12.073 4.504   1    37.167 ? 1742 HOH A O   1 
HETATM 1254 O O   . HOH C 3 .   ? 11.412  -26.281 -4.547  1    39.083 ? 1743 HOH A O   1 
HETATM 1255 O O   . HOH C 3 .   ? -3.529  -6.881  -17.770 1    36.525 ? 1744 HOH A O   1 
HETATM 1256 O O   . HOH C 3 .   ? 6.000   -15.553 0.799   1    24.724 ? 1745 HOH A O   1 
HETATM 1257 O O   . HOH C 3 .   ? -2.336  -8.866  -16.026 1    36.269 ? 1746 HOH A O   1 
HETATM 1258 O O   . HOH C 3 .   ? 13.615  -8.182  5.522   1    21.939 ? 1747 HOH A O   1 
HETATM 1259 O O   . HOH C 3 .   ? -13.284 4.310   6.390   1    16.597 ? 1748 HOH A O   1 
HETATM 1260 O O   . HOH C 3 .   ? -10.388 1.997   -10.098 1    30.376 ? 1749 HOH A O   1 
HETATM 1261 O O   . HOH C 3 .   ? -14.666 15.788  2.171   1    39.05  ? 1750 HOH A O   1 
HETATM 1262 O O   . HOH C 3 .   ? -0.470  10.270  -12.899 1    31.638 ? 1751 HOH A O   1 
HETATM 1263 O O   . HOH C 3 .   ? -14.031 -2.815  -5.893  1    29.396 ? 1752 HOH A O   1 
HETATM 1264 O O   . HOH C 3 .   ? -16.471 7.856   3.127   1    22.731 ? 1753 HOH A O   1 
HETATM 1265 O O   . HOH C 3 .   ? -12.469 23.790  22.738  1    41.938 ? 1754 HOH A O   1 
HETATM 1266 O O   . HOH C 3 .   ? 14.122  0.275   -12.871 1    28.144 ? 1755 HOH A O   1 
HETATM 1267 O O   . HOH C 3 .   ? -5.524  -10.237 6.232   1    39.358 ? 1756 HOH A O   1 
HETATM 1268 O O   . HOH C 3 .   ? -6.537  20.523  -4.603  1    29.197 ? 1757 HOH A O   1 
HETATM 1269 O O   . HOH C 3 .   ? 4.134   8.986   3.838   1    32.891 ? 1758 HOH A O   1 
HETATM 1270 O O   . HOH C 3 .   ? -16.308 16.398  19.506  1    29.402 ? 1759 HOH A O   1 
HETATM 1271 O O   . HOH C 3 .   ? 4.485   -8.825  -18.237 1    47.619 ? 1760 HOH A O   1 
HETATM 1272 O O   . HOH C 3 .   ? -7.235  -9.762  7.951   1    47.009 ? 1761 HOH A O   1 
HETATM 1273 O O   . HOH C 3 .   ? -3.372  -13.534 0.688   1    37.869 ? 1762 HOH A O   1 
HETATM 1274 O O   . HOH C 3 .   ? -12.106 5.221   8.777   1    25.576 ? 1763 HOH A O   1 
HETATM 1275 O O   . HOH C 3 .   ? 2.459   9.986   7.628   1    36.593 ? 1764 HOH A O   1 
HETATM 1276 O O   . HOH C 3 .   ? -7.280  -4.937  -20.803 1    26.939 ? 1765 HOH A O   1 
HETATM 1277 O O   . HOH C 3 .   ? 16.997  -12.148 -12.252 1    39.789 ? 1766 HOH A O   1 
HETATM 1278 O O   . HOH C 3 .   ? 2.089   12.604  -6.177  1    48.728 ? 1767 HOH A O   1 
HETATM 1279 O O   . HOH C 3 .   ? -19.508 23.696  12.922  1    49.123 ? 1768 HOH A O   1 
HETATM 1280 O O   . HOH C 3 .   ? 7.213   -19.908 5.259   1    52.997 ? 1769 HOH A O   1 
HETATM 1281 O O   . HOH C 3 .   ? 11.911  0.152   -1.767  1    24.338 ? 1770 HOH A O   1 
HETATM 1282 O O   . HOH C 3 .   ? -7.588  5.309   -7.798  1    39.347 ? 1771 HOH A O   1 
HETATM 1283 O O   . HOH C 3 .   ? -5.058  16.701  13.091  1    29.835 ? 1772 HOH A O   1 
HETATM 1284 O O   . HOH C 3 .   ? 1.471   3.915   9.767   1    40.923 ? 1773 HOH A O   1 
HETATM 1285 O O   . HOH C 3 .   ? -4.302  1.076   18.075  1    44.203 ? 1774 HOH A O   1 
HETATM 1286 O O   . HOH C 3 .   ? 1.508   14.842  -5.968  1    52.292 ? 1775 HOH A O   1 
HETATM 1287 O O   . HOH C 3 .   ? 20.706  -0.100  -16.751 1    44.656 ? 1776 HOH A O   1 
HETATM 1288 O O   . HOH C 3 .   ? -5.890  -10.980 -13.630 1    23.197 ? 1777 HOH A O   1 
HETATM 1289 O O   . HOH C 3 .   ? -13.616 -9.665  5.125   1    39.87  ? 1778 HOH A O   1 
HETATM 1290 O O   . HOH C 3 .   ? -13.130 -2.369  -11.056 1    37.919 ? 1779 HOH A O   1 
HETATM 1291 O O   . HOH C 3 .   ? -4.932  19.081  1.644   1    35.763 ? 1780 HOH A O   1 
HETATM 1292 O O   . HOH C 3 .   ? 5.090   11.010  -6.548  1    34.092 ? 1781 HOH A O   1 
HETATM 1293 O O   . HOH C 3 .   ? 14.733  -11.515 -9.949  1    31.196 ? 1782 HOH A O   1 
HETATM 1294 O O   . HOH C 3 .   ? -17.236 16.731  16.780  1    31.014 ? 1783 HOH A O   1 
HETATM 1295 O O   . HOH C 3 .   ? 15.726  -6.148  11.293  1    26.291 ? 1784 HOH A O   1 
HETATM 1296 O O   . HOH C 3 .   ? 2.724   11.275  -0.189  1    26.598 ? 1785 HOH A O   1 
HETATM 1297 O O   . HOH C 3 .   ? -16.524 18.501  12.563  1    24.654 ? 1786 HOH A O   1 
HETATM 1298 O O   . HOH C 3 .   ? 2.300   7.481   4.883   1    32.804 ? 1787 HOH A O   1 
HETATM 1299 O O   . HOH C 3 .   ? 1.979   14.890  9.194   1    37.791 ? 1788 HOH A O   1 
HETATM 1300 O O   . HOH C 3 .   ? 17.887  -3.234  -0.364  1    39.108 ? 1789 HOH A O   1 
HETATM 1301 O O   . HOH C 3 .   ? 1.761   2.300   11.545  1    37.859 ? 1790 HOH A O   1 
HETATM 1302 O O   . HOH C 3 .   ? -9.843  4.621   -9.851  1    43.04  ? 1791 HOH A O   1 
HETATM 1303 O O   . HOH C 3 .   ? -16.630 -3.410  4.139   1    39.146 ? 1792 HOH A O   1 
HETATM 1304 O O   . HOH C 3 .   ? 19.752  -2.495  -2.881  1    38.928 ? 1793 HOH A O   1 
HETATM 1305 O O   . HOH C 3 .   ? -15.866 2.530   2.731   1    32.647 ? 1794 HOH A O   1 
HETATM 1306 O O   . HOH C 3 .   ? -1.484  14.695  -6.017  1    35.62  ? 1795 HOH A O   1 
HETATM 1307 O O   . HOH C 3 .   ? -5.929  6.835   -7.251  1    35.754 ? 1796 HOH A O   1 
HETATM 1308 O O   . HOH C 3 .   ? -16.317 6.761   0.477   1    25.567 ? 1797 HOH A O   1 
HETATM 1309 O O   . HOH C 3 .   ? 8.926   8.412   4.477   1    37.087 ? 1798 HOH A O   1 
HETATM 1310 O O   . HOH C 3 .   ? 12.098  4.496   -13.225 1    27.125 ? 1799 HOH A O   1 
HETATM 1311 O O   . HOH C 3 .   ? 12.535  2.171   -3.879  1    38.466 ? 1800 HOH A O   1 
HETATM 1312 O O   . HOH C 3 .   ? 2.284   -10.224 7.881   1    32.83  ? 1801 HOH A O   1 
HETATM 1313 O O   . HOH C 3 .   ? 2.502   -14.046 3.290   1    29.671 ? 1802 HOH A O   1 
HETATM 1314 O O   . HOH C 3 .   ? -22.322 5.669   -4.948  1    42.526 ? 1803 HOH A O   1 
HETATM 1315 O O   . HOH C 3 .   ? -7.996  8.843   -4.889  1    38.918 ? 1804 HOH A O   1 
HETATM 1316 O O   . HOH C 3 .   ? -10.124 22.235  23.589  1    26.609 ? 1805 HOH A O   1 
HETATM 1317 O O   . HOH C 3 .   ? 11.214  5.806   -10.784 1    32.158 ? 1806 HOH A O   1 
HETATM 1318 O O   . HOH C 3 .   ? -12.503 -10.877 6.079   1    33.489 ? 1807 HOH A O   1 
HETATM 1319 O O   . HOH C 3 .   ? -2.620  -15.729 1.387   1    45.801 ? 1808 HOH A O   1 
HETATM 1320 O O   . HOH C 3 .   ? 2.074   -22.640 -1.630  1    34.464 ? 1809 HOH A O   1 
HETATM 1321 O O   . HOH C 3 .   ? 8.203   7.851   -6.706  1    30.839 ? 1810 HOH A O   1 
HETATM 1322 O O   . HOH C 3 .   ? 14.008  -26.582 -4.549  1    31.873 ? 1812 HOH A O   1 
HETATM 1323 O O   . HOH C 3 .   ? 10.677  -5.537  7.060   1    19.079 ? 1813 HOH A O   1 
HETATM 1324 O O   . HOH C 3 .   ? -19.205 22.900  20.424  1    38.015 ? 1814 HOH A O   1 
HETATM 1325 O O   . HOH C 3 .   ? -0.954  -12.803 6.502   1    43.518 ? 1815 HOH A O   1 
HETATM 1326 O O   . HOH C 3 .   ? -20.535 21.589  17.045  1    37.357 ? 1816 HOH A O   1 
HETATM 1327 O O   . HOH C 3 .   ? 8.553   9.267   -4.187  1    39.361 ? 1817 HOH A O   1 
HETATM 1328 O O   . HOH C 3 .   ? -3.069  10.373  12.342  1    45.565 ? 1818 HOH A O   1 
HETATM 1329 O O   . HOH C 3 .   ? -4.562  19.499  14.176  1    34.46  ? 1819 HOH A O   1 
# 
